data_4DSZ
#
_entry.id   4DSZ
#
_cell.length_a   79.546
_cell.length_b   79.546
_cell.length_c   290.414
_cell.angle_alpha   90.00
_cell.angle_beta   90.00
_cell.angle_gamma   120.00
#
_symmetry.space_group_name_H-M   'P 32'
#
loop_
_entity.id
_entity.type
_entity.pdbx_description
1 polymer 'Dipeptidyl peptidase 4'
2 non-polymer (2R)-4-[4-(3-methylphenyl)-1H-1,2,3-triazol-1-yl]-1-(2,4,5-trifluorophenyl)butan-2-amine
#
_entity_poly.entity_id   1
_entity_poly.type   'polypeptide(L)'
_entity_poly.pdbx_seq_one_letter_code
;SRKTYTLTDYLKNTYRLKLYSLRWISDHEYLYKQENNILVFNAEYGNSSVFLENSTFDEFGHSINDYSISPDGQFILLEY
NYVKQWRHSYTASYDIYDLNKRQLITEERIPNNTQWVTWSPVGHKLAYVWNNDIYVKIEPNLPSYRITWTGKEDIIYNGI
TDWVYEEEVFSAYSALWWSPNGTFLAYAQFNDTEVPLIEYSFYSDESLQYPKTVRVPYPKAGAVNPTVKFFVVNTDSLSS
VTNATSIQITAPASMLIGDHYLCDVTWATQERISLQWLRRIQNYSVMDICDYDESSGRWNCLVARQHIEMSTTGWVGRFR
PSEPHFTLDGNSFYKIISNEEGYRHICYFQIDKKDCTFITKGTWEVIGIEALTSDYLYYISNEYKGMPGGRNLYKIQLSD
YTKVTCLSCELNPERCQYYSVSFSKEAKYYQLRCSGPGLPLYTLHSSVNDKGLRVLEDNSALDKMLQNVQMPSKKLDFII
LNETKFWYQMILPPHFDKSKKYPLLLDVYAGPCSQKADTVFRLNWATYLASTENIIVASFDGRGSGYQGDKIMHAINRRL
GTFEVEDQIEAARQFSKMGFVDNKRIAIWGWSYGGYVTSMVLGSGSGVFKCGIAVAPVSRWEYYDSVYTERYMGLPTPED
NLDHYRNSTVMSRAENFKQVEYLLIHGTADDNVHFQQSAQISKALVDVGVDFQAMWYTDEDHGIASSTAHQHIYTHMSHF
IKQCFSLP
;
_entity_poly.pdbx_strand_id   A,B
#
loop_
_chem_comp.id
_chem_comp.type
_chem_comp.name
_chem_comp.formula
DC3 non-polymer (2R)-4-[4-(3-methylphenyl)-1H-1,2,3-triazol-1-yl]-1-(2,4,5-trifluorophenyl)butan-2-amine 'C19 H19 F3 N4'
#
# COMPACT_ATOMS: atom_id res chain seq x y z
N LYS A 3 -35.03 20.62 15.16
CA LYS A 3 -33.81 20.25 14.36
C LYS A 3 -32.52 20.11 15.20
N THR A 4 -31.52 19.49 14.58
CA THR A 4 -30.45 18.80 15.28
C THR A 4 -29.08 19.04 14.58
N TYR A 5 -27.98 18.74 15.27
CA TYR A 5 -26.64 18.88 14.69
C TYR A 5 -26.26 17.63 13.90
N THR A 6 -26.51 17.66 12.59
CA THR A 6 -26.32 16.50 11.71
C THR A 6 -24.89 16.33 11.21
N LEU A 7 -24.62 15.20 10.55
CA LEU A 7 -23.27 14.92 10.05
C LEU A 7 -22.81 15.99 9.08
N THR A 8 -23.68 16.37 8.15
CA THR A 8 -23.35 17.40 7.13
C THR A 8 -23.02 18.72 7.80
N ASP A 9 -23.79 19.07 8.83
CA ASP A 9 -23.50 20.25 9.61
C ASP A 9 -22.03 20.28 10.01
N TYR A 10 -21.51 19.11 10.41
CA TYR A 10 -20.10 19.01 10.78
C TYR A 10 -19.17 18.95 9.58
N LEU A 11 -19.54 18.21 8.54
CA LEU A 11 -18.66 18.04 7.37
C LEU A 11 -18.66 19.24 6.46
N LYS A 12 -19.77 19.99 6.42
CA LYS A 12 -19.86 21.19 5.58
C LYS A 12 -19.61 22.45 6.38
N ASN A 13 -19.31 22.29 7.66
CA ASN A 13 -19.01 23.41 8.52
C ASN A 13 -20.04 24.54 8.45
N THR A 14 -21.32 24.20 8.60
CA THR A 14 -22.40 25.20 8.45
C THR A 14 -22.49 26.13 9.62
N TYR A 15 -22.10 25.67 10.81
CA TYR A 15 -22.04 26.51 12.01
C TYR A 15 -20.61 26.91 12.31
N ARG A 16 -20.19 28.11 11.92
CA ARG A 16 -18.78 28.53 12.11
C ARG A 16 -18.47 29.11 13.47
N LEU A 17 -17.35 28.69 14.06
CA LEU A 17 -16.72 29.38 15.17
C LEU A 17 -15.84 30.47 14.59
N LYS A 18 -15.83 31.63 15.22
CA LYS A 18 -14.99 32.73 14.77
C LYS A 18 -13.79 32.93 15.68
N LEU A 19 -12.66 33.22 15.04
CA LEU A 19 -11.43 33.54 15.72
C LEU A 19 -11.23 35.05 15.73
N TYR A 20 -10.13 35.48 16.34
CA TYR A 20 -9.66 36.82 16.15
C TYR A 20 -8.13 36.75 16.08
N SER A 21 -7.61 36.69 14.85
CA SER A 21 -6.19 36.52 14.64
C SER A 21 -5.45 37.82 14.37
N LEU A 22 -4.59 38.20 15.31
CA LEU A 22 -3.79 39.42 15.24
C LEU A 22 -2.31 39.12 15.41
N ARG A 23 -1.42 39.95 14.85
CA ARG A 23 0.03 39.90 15.17
C ARG A 23 0.50 41.26 15.67
N TRP A 24 1.10 41.27 16.86
CA TRP A 24 1.64 42.48 17.43
C TRP A 24 2.84 42.97 16.65
N ILE A 25 2.81 44.22 16.18
CA ILE A 25 3.97 44.82 15.50
C ILE A 25 4.74 45.82 16.36
N SER A 26 4.13 46.27 17.45
CA SER A 26 4.81 47.16 18.38
C SER A 26 4.43 46.78 19.80
N ASP A 27 4.60 47.70 20.75
CA ASP A 27 4.13 47.48 22.11
C ASP A 27 2.68 47.94 22.29
N HIS A 28 2.07 48.47 21.21
CA HIS A 28 0.71 48.99 21.27
C HIS A 28 -0.05 48.89 19.97
N GLU A 29 0.57 48.31 18.96
CA GLU A 29 -0.11 48.15 17.67
C GLU A 29 -0.05 46.71 17.19
N TYR A 30 -1.19 46.23 16.71
CA TYR A 30 -1.28 44.91 16.09
C TYR A 30 -1.99 45.01 14.75
N LEU A 31 -1.78 44.02 13.90
CA LEU A 31 -2.43 43.96 12.62
C LEU A 31 -3.61 42.98 12.64
N TYR A 32 -4.79 43.43 12.19
CA TYR A 32 -5.87 42.49 11.87
C TYR A 32 -6.21 42.47 10.38
N LYS A 33 -6.55 41.29 9.87
CA LYS A 33 -7.08 41.18 8.51
C LYS A 33 -8.60 41.38 8.52
N GLN A 34 -9.11 42.09 7.51
CA GLN A 34 -10.56 42.30 7.35
C GLN A 34 -11.03 42.31 5.89
N GLU A 35 -11.82 41.30 5.54
CA GLU A 35 -12.35 41.12 4.20
C GLU A 35 -11.26 40.82 3.16
N ASN A 36 -10.26 41.69 3.11
CA ASN A 36 -8.99 41.39 2.46
C ASN A 36 -7.98 42.49 2.78
N ASN A 37 -8.43 43.40 3.65
CA ASN A 37 -7.64 44.56 4.06
C ASN A 37 -6.90 44.28 5.37
N ILE A 38 -5.63 44.64 5.43
CA ILE A 38 -4.87 44.53 6.68
C ILE A 38 -4.91 45.88 7.37
N LEU A 39 -5.63 45.95 8.48
CA LEU A 39 -5.70 47.17 9.27
C LEU A 39 -4.60 47.16 10.32
N VAL A 40 -4.50 48.24 11.08
CA VAL A 40 -3.63 48.29 12.24
C VAL A 40 -4.40 48.98 13.38
N PHE A 41 -4.69 48.24 14.44
CA PHE A 41 -5.47 48.79 15.55
C PHE A 41 -4.50 49.34 16.57
N ASN A 42 -4.60 50.63 16.84
CA ASN A 42 -3.86 51.22 17.93
C ASN A 42 -4.61 50.95 19.22
N ALA A 43 -3.99 50.17 20.11
CA ALA A 43 -4.60 49.82 21.39
C ALA A 43 -4.69 51.02 22.34
N GLU A 44 -3.81 52.00 22.13
CA GLU A 44 -3.73 53.20 22.98
C GLU A 44 -5.00 54.06 22.92
N TYR A 45 -5.41 54.43 21.71
CA TYR A 45 -6.64 55.22 21.52
C TYR A 45 -7.86 54.39 21.17
N GLY A 46 -7.70 53.47 20.21
CA GLY A 46 -8.82 52.68 19.72
C GLY A 46 -9.00 52.90 18.23
N ASN A 47 -8.40 53.97 17.72
CA ASN A 47 -8.39 54.25 16.29
C ASN A 47 -7.70 53.13 15.50
N SER A 48 -8.23 52.84 14.31
CA SER A 48 -7.66 51.84 13.43
C SER A 48 -7.54 52.39 12.02
N SER A 49 -6.47 52.02 11.33
CA SER A 49 -6.14 52.60 10.02
C SER A 49 -5.89 51.52 8.99
N VAL A 50 -6.31 51.77 7.75
CA VAL A 50 -5.97 50.88 6.66
C VAL A 50 -4.44 50.88 6.50
N PHE A 51 -3.82 49.73 6.75
CA PHE A 51 -2.38 49.58 6.54
C PHE A 51 -2.15 48.97 5.17
N LEU A 52 -3.00 48.04 4.76
CA LEU A 52 -2.90 47.52 3.41
C LEU A 52 -4.26 47.13 2.82
N GLU A 53 -4.47 47.50 1.56
CA GLU A 53 -5.80 47.50 0.97
C GLU A 53 -6.09 46.24 0.16
N ASN A 54 -7.30 45.71 0.29
CA ASN A 54 -7.66 44.45 -0.39
C ASN A 54 -7.30 44.35 -1.87
N SER A 55 -7.34 45.48 -2.56
CA SER A 55 -7.07 45.56 -3.98
C SER A 55 -5.60 45.82 -4.32
N THR A 56 -4.73 45.90 -3.32
CA THR A 56 -3.30 46.20 -3.56
C THR A 56 -2.62 45.16 -4.44
N PHE A 57 -3.18 43.95 -4.51
CA PHE A 57 -2.55 42.85 -5.26
C PHE A 57 -3.42 42.13 -6.30
N ASP A 58 -4.35 42.87 -6.90
CA ASP A 58 -5.25 42.31 -7.89
C ASP A 58 -4.54 41.96 -9.19
N GLU A 59 -3.51 42.74 -9.50
CA GLU A 59 -2.69 42.45 -10.66
C GLU A 59 -1.44 41.69 -10.25
N PHE A 60 -1.35 41.30 -8.98
CA PHE A 60 -0.22 40.47 -8.52
C PHE A 60 -0.08 39.16 -9.33
N GLY A 61 -1.21 38.61 -9.79
CA GLY A 61 -1.22 37.45 -10.70
C GLY A 61 -1.18 36.07 -10.06
N HIS A 62 -0.93 36.02 -8.75
CA HIS A 62 -0.82 34.77 -8.00
C HIS A 62 -1.71 34.82 -6.80
N SER A 63 -2.29 33.68 -6.45
CA SER A 63 -3.02 33.56 -5.20
C SER A 63 -1.98 33.56 -4.07
N ILE A 64 -2.18 34.45 -3.10
CA ILE A 64 -1.19 34.67 -2.03
C ILE A 64 -1.52 33.81 -0.83
N ASN A 65 -0.68 32.82 -0.55
CA ASN A 65 -0.88 31.92 0.59
C ASN A 65 -0.58 32.59 1.94
N ASP A 66 0.56 33.27 2.04
CA ASP A 66 0.86 34.02 3.26
C ASP A 66 1.67 35.32 3.04
N TYR A 67 1.61 36.22 4.02
CA TYR A 67 2.44 37.42 4.06
C TYR A 67 3.27 37.51 5.35
N SER A 68 4.41 38.20 5.28
CA SER A 68 5.20 38.52 6.47
C SER A 68 5.74 39.94 6.36
N ILE A 69 5.36 40.80 7.30
CA ILE A 69 5.81 42.19 7.32
C ILE A 69 7.06 42.35 8.18
N SER A 70 8.11 42.95 7.59
CA SER A 70 9.37 43.26 8.31
C SER A 70 9.10 44.11 9.55
N PRO A 71 9.82 43.86 10.66
CA PRO A 71 9.42 44.50 11.94
C PRO A 71 9.42 46.01 11.89
N ASP A 72 10.33 46.58 11.09
CA ASP A 72 10.44 48.04 10.88
C ASP A 72 9.50 48.61 9.82
N GLY A 73 8.44 47.88 9.50
CA GLY A 73 7.35 48.35 8.64
C GLY A 73 7.69 48.67 7.20
N GLN A 74 8.91 48.37 6.78
CA GLN A 74 9.39 48.83 5.48
C GLN A 74 9.11 47.92 4.27
N PHE A 75 8.99 46.63 4.53
CA PHE A 75 8.77 45.65 3.48
C PHE A 75 7.69 44.67 3.91
N ILE A 76 7.07 44.02 2.92
CA ILE A 76 6.17 42.87 3.16
C ILE A 76 6.55 41.67 2.28
N LEU A 77 6.68 40.52 2.94
CA LEU A 77 7.08 39.28 2.31
C LEU A 77 5.85 38.61 1.76
N LEU A 78 5.93 38.07 0.54
CA LEU A 78 4.71 37.50 -0.04
C LEU A 78 4.88 36.05 -0.43
N GLU A 79 4.34 35.18 0.43
CA GLU A 79 4.41 33.74 0.23
C GLU A 79 3.25 33.26 -0.63
N TYR A 80 3.59 32.62 -1.73
CA TYR A 80 2.62 32.03 -2.62
C TYR A 80 3.24 30.73 -3.11
N ASN A 81 2.50 29.97 -3.91
CA ASN A 81 2.94 28.65 -4.38
C ASN A 81 3.31 27.74 -3.24
N TYR A 82 2.50 27.76 -2.18
CA TYR A 82 2.71 26.88 -1.02
C TYR A 82 2.49 25.42 -1.43
N VAL A 83 3.22 24.53 -0.78
CA VAL A 83 3.28 23.12 -1.16
C VAL A 83 3.76 22.35 0.08
N LYS A 84 2.80 21.80 0.84
CA LYS A 84 3.06 21.14 2.12
C LYS A 84 4.02 19.99 1.93
N GLN A 85 4.91 19.84 2.90
CA GLN A 85 5.73 18.66 2.99
C GLN A 85 5.26 17.77 4.13
N TRP A 86 5.88 17.93 5.30
CA TRP A 86 5.49 17.16 6.46
C TRP A 86 4.55 17.97 7.31
N ARG A 87 4.66 17.82 8.63
CA ARG A 87 3.69 18.43 9.50
C ARG A 87 3.75 19.95 9.51
N HIS A 88 4.96 20.51 9.61
CA HIS A 88 5.13 21.94 9.65
C HIS A 88 5.85 22.43 8.43
N SER A 89 6.65 21.56 7.84
CA SER A 89 7.46 21.90 6.67
C SER A 89 6.66 22.07 5.37
N TYR A 90 7.16 22.94 4.50
CA TYR A 90 6.66 23.13 3.13
C TYR A 90 7.68 23.94 2.32
N THR A 91 7.41 24.05 1.03
CA THR A 91 8.18 24.93 0.18
C THR A 91 7.23 25.99 -0.43
N ALA A 92 7.82 27.06 -0.96
CA ALA A 92 7.03 28.15 -1.55
C ALA A 92 7.92 29.06 -2.38
N SER A 93 7.28 29.98 -3.09
CA SER A 93 7.97 31.07 -3.76
C SER A 93 7.69 32.35 -2.97
N TYR A 94 8.55 33.35 -3.14
CA TYR A 94 8.47 34.62 -2.38
C TYR A 94 8.83 35.84 -3.22
N ASP A 95 7.93 36.82 -3.23
CA ASP A 95 8.18 38.15 -3.78
C ASP A 95 8.22 39.11 -2.60
N ILE A 96 9.08 40.12 -2.70
CA ILE A 96 9.13 41.18 -1.70
C ILE A 96 8.62 42.50 -2.27
N TYR A 97 7.72 43.13 -1.53
CA TYR A 97 7.08 44.37 -1.94
C TYR A 97 7.61 45.48 -1.04
N ASP A 98 8.05 46.58 -1.67
CA ASP A 98 8.53 47.76 -0.96
C ASP A 98 7.37 48.66 -0.55
N LEU A 99 7.24 48.89 0.75
CA LEU A 99 6.14 49.69 1.31
C LEU A 99 6.41 51.18 1.29
N ASN A 100 7.66 51.57 1.55
CA ASN A 100 8.12 52.96 1.40
C ASN A 100 7.76 53.49 0.02
N LYS A 101 8.18 52.75 -1.00
CA LYS A 101 7.75 52.99 -2.38
C LYS A 101 6.43 52.25 -2.60
N ARG A 102 6.25 51.69 -3.79
CA ARG A 102 5.13 50.78 -4.07
C ARG A 102 5.57 49.87 -5.22
N GLN A 103 6.66 49.14 -5.01
CA GLN A 103 7.22 48.29 -6.05
C GLN A 103 7.66 46.91 -5.56
N LEU A 104 7.41 45.90 -6.39
CA LEU A 104 7.95 44.58 -6.15
C LEU A 104 9.41 44.52 -6.61
N ILE A 105 10.32 44.39 -5.66
CA ILE A 105 11.75 44.17 -5.94
C ILE A 105 12.04 43.09 -7.02
N THR A 106 12.62 43.48 -8.17
CA THR A 106 12.87 42.51 -9.25
C THR A 106 14.31 42.02 -9.32
N GLU A 107 15.17 42.69 -8.58
CA GLU A 107 16.58 42.32 -8.53
C GLU A 107 16.76 41.29 -7.42
N GLU A 108 17.65 40.32 -7.66
CA GLU A 108 18.11 39.39 -6.62
C GLU A 108 16.95 38.81 -5.81
N ARG A 109 15.96 38.26 -6.50
CA ARG A 109 14.73 37.78 -5.88
C ARG A 109 15.00 36.52 -5.06
N ILE A 110 14.12 36.21 -4.10
CA ILE A 110 14.19 34.93 -3.38
C ILE A 110 13.78 33.78 -4.32
N PRO A 111 14.63 32.73 -4.43
CA PRO A 111 14.40 31.67 -5.43
C PRO A 111 13.12 30.83 -5.23
N ASN A 112 12.62 30.27 -6.32
CA ASN A 112 11.50 29.37 -6.30
C ASN A 112 11.88 28.18 -5.41
N ASN A 113 10.88 27.52 -4.80
CA ASN A 113 11.11 26.35 -3.97
C ASN A 113 11.95 26.63 -2.74
N THR A 114 11.69 27.73 -2.06
CA THR A 114 12.41 27.99 -0.83
C THR A 114 11.84 27.23 0.38
N GLN A 115 12.74 26.68 1.18
CA GLN A 115 12.35 25.87 2.32
C GLN A 115 11.96 26.69 3.56
N TRP A 116 12.69 27.78 3.83
CA TRP A 116 12.33 28.65 4.94
C TRP A 116 12.71 30.07 4.68
N VAL A 117 12.00 31.02 5.28
CA VAL A 117 12.31 32.46 5.12
C VAL A 117 11.95 33.21 6.40
N THR A 118 12.79 34.16 6.80
CA THR A 118 12.47 34.95 7.98
C THR A 118 13.25 36.27 8.05
N TRP A 119 12.55 37.33 8.46
CA TRP A 119 13.17 38.62 8.80
C TRP A 119 14.04 38.49 10.02
N SER A 120 14.96 39.43 10.21
CA SER A 120 15.59 39.64 11.51
C SER A 120 14.56 40.30 12.42
N PRO A 121 14.71 40.14 13.76
CA PRO A 121 13.66 40.58 14.70
C PRO A 121 13.51 42.09 14.71
N VAL A 122 14.58 42.76 14.28
CA VAL A 122 14.66 44.21 14.21
C VAL A 122 15.10 44.52 12.79
N GLY A 123 14.56 45.58 12.20
CA GLY A 123 15.03 46.02 10.88
C GLY A 123 14.41 45.23 9.77
N HIS A 124 15.23 44.68 8.87
CA HIS A 124 14.72 44.04 7.66
C HIS A 124 15.73 43.18 6.93
N LYS A 125 16.55 42.46 7.68
CA LYS A 125 17.41 41.45 7.05
C LYS A 125 16.57 40.20 6.76
N LEU A 126 17.03 39.41 5.80
CA LEU A 126 16.38 38.15 5.51
C LEU A 126 17.37 36.99 5.62
N ALA A 127 16.99 35.96 6.38
CA ALA A 127 17.64 34.69 6.29
C ALA A 127 16.68 33.79 5.55
N TYR A 128 17.19 33.00 4.61
CA TYR A 128 16.35 32.07 3.89
C TYR A 128 17.12 30.79 3.48
N VAL A 129 16.57 29.63 3.80
CA VAL A 129 17.13 28.34 3.40
C VAL A 129 16.62 27.91 2.01
N TRP A 130 17.51 27.35 1.22
CA TRP A 130 17.18 26.96 -0.14
C TRP A 130 18.19 25.90 -0.54
N ASN A 131 17.74 24.88 -1.26
CA ASN A 131 18.50 23.64 -1.44
C ASN A 131 19.35 23.22 -0.23
N ASN A 132 18.77 23.38 0.95
CA ASN A 132 19.32 22.81 2.18
C ASN A 132 20.41 23.68 2.77
N ASP A 133 20.58 24.86 2.15
CA ASP A 133 21.65 25.83 2.46
C ASP A 133 21.11 27.18 2.85
N ILE A 134 21.76 27.81 3.82
CA ILE A 134 21.38 29.16 4.31
C ILE A 134 21.90 30.30 3.41
N TYR A 135 21.16 31.41 3.40
CA TYR A 135 21.46 32.57 2.58
C TYR A 135 20.98 33.80 3.36
N VAL A 136 21.82 34.84 3.48
CA VAL A 136 21.37 36.10 4.10
C VAL A 136 21.20 37.26 3.07
N LYS A 137 20.23 38.13 3.33
CA LYS A 137 19.97 39.32 2.52
C LYS A 137 19.68 40.54 3.37
N ILE A 138 20.70 41.40 3.46
CA ILE A 138 20.67 42.63 4.28
C ILE A 138 19.71 43.68 3.71
N GLU A 139 19.65 43.75 2.37
CA GLU A 139 18.65 44.57 1.69
C GLU A 139 17.97 43.80 0.54
N PRO A 140 16.62 43.72 0.58
CA PRO A 140 15.78 43.09 -0.45
C PRO A 140 16.30 43.05 -1.88
N ASN A 141 17.01 44.09 -2.32
CA ASN A 141 17.43 44.17 -3.72
C ASN A 141 18.86 43.75 -3.98
N LEU A 142 19.62 43.60 -2.90
CA LEU A 142 21.04 43.25 -2.98
C LEU A 142 21.31 41.73 -3.03
N PRO A 143 22.44 41.33 -3.65
CA PRO A 143 22.87 39.94 -3.65
C PRO A 143 22.89 39.32 -2.27
N SER A 144 22.71 38.00 -2.24
CA SER A 144 22.56 37.23 -1.00
C SER A 144 23.82 36.46 -0.59
N TYR A 145 24.23 36.60 0.67
CA TYR A 145 25.47 35.97 1.11
C TYR A 145 25.19 34.54 1.54
N ARG A 146 25.65 33.62 0.71
CA ARG A 146 25.49 32.20 0.96
C ARG A 146 26.33 31.69 2.14
N ILE A 147 25.73 31.65 3.33
CA ILE A 147 26.41 31.15 4.53
C ILE A 147 26.87 29.68 4.50
N THR A 148 26.06 28.78 3.96
CA THR A 148 26.44 27.35 3.95
C THR A 148 26.66 26.77 2.54
N TRP A 149 27.52 25.74 2.48
CA TRP A 149 27.95 25.12 1.21
C TRP A 149 27.74 23.64 1.18
N THR A 150 27.44 23.09 2.35
CA THR A 150 27.42 21.65 2.56
C THR A 150 26.07 20.98 2.33
N GLY A 151 25.01 21.78 2.17
CA GLY A 151 23.65 21.27 2.01
C GLY A 151 23.45 20.26 0.88
N LYS A 152 22.79 19.15 1.21
CA LYS A 152 22.57 18.05 0.27
C LYS A 152 21.33 17.25 0.62
N GLU A 153 20.44 17.12 -0.37
CA GLU A 153 19.10 16.53 -0.22
C GLU A 153 19.09 15.26 0.59
N ASP A 154 18.22 15.21 1.59
CA ASP A 154 18.04 14.03 2.45
C ASP A 154 19.29 13.64 3.23
N ILE A 155 20.37 14.41 3.08
CA ILE A 155 21.59 14.14 3.82
C ILE A 155 22.04 15.27 4.78
N ILE A 156 22.24 16.47 4.24
CA ILE A 156 22.72 17.58 5.07
C ILE A 156 21.65 18.65 5.18
N TYR A 157 21.28 18.99 6.42
CA TYR A 157 20.26 19.99 6.65
C TYR A 157 20.88 21.20 7.32
N ASN A 158 20.94 22.31 6.57
CA ASN A 158 21.45 23.58 7.12
C ASN A 158 20.31 24.57 7.38
N GLY A 159 20.07 24.87 8.65
CA GLY A 159 19.00 25.82 9.03
C GLY A 159 17.57 25.30 8.94
N ILE A 160 17.43 24.02 8.62
CA ILE A 160 16.16 23.31 8.65
C ILE A 160 16.34 21.96 9.33
N THR A 161 15.27 21.46 9.93
CA THR A 161 15.23 20.17 10.61
C THR A 161 15.00 19.08 9.59
N ASP A 162 15.60 17.91 9.83
CA ASP A 162 15.26 16.68 9.12
C ASP A 162 13.95 16.16 9.70
N TRP A 163 13.39 15.08 9.11
CA TRP A 163 12.07 14.60 9.51
C TRP A 163 11.85 14.50 11.02
N VAL A 164 12.76 13.83 11.69
CA VAL A 164 12.54 13.43 13.08
C VAL A 164 12.69 14.62 14.04
N TYR A 165 13.53 15.59 13.66
CA TYR A 165 13.74 16.81 14.45
C TYR A 165 12.56 17.78 14.31
N GLU A 166 12.03 17.85 13.09
CA GLU A 166 10.82 18.61 12.80
C GLU A 166 9.65 18.13 13.64
N GLU A 167 9.38 16.82 13.60
CA GLU A 167 8.17 16.27 14.21
C GLU A 167 8.24 16.11 15.71
N GLU A 168 9.42 15.74 16.20
CA GLU A 168 9.53 15.21 17.56
C GLU A 168 10.32 16.08 18.53
N VAL A 169 11.02 17.09 18.01
CA VAL A 169 11.93 17.93 18.81
C VAL A 169 11.47 19.39 18.80
N PHE A 170 11.81 20.11 17.73
CA PHE A 170 11.56 21.56 17.65
C PHE A 170 10.14 21.97 17.23
N SER A 171 9.33 21.01 16.80
CA SER A 171 7.96 21.25 16.33
C SER A 171 7.77 22.34 15.28
N ALA A 172 8.83 22.59 14.52
CA ALA A 172 8.84 23.51 13.38
C ALA A 172 9.80 23.01 12.31
N TYR A 173 9.74 23.59 11.13
CA TYR A 173 10.70 23.24 10.09
C TYR A 173 12.02 23.96 10.26
N SER A 174 11.94 25.18 10.78
CA SER A 174 13.07 26.07 10.84
C SER A 174 14.01 25.72 11.96
N ALA A 175 15.25 25.43 11.57
CA ALA A 175 16.38 25.29 12.48
C ALA A 175 17.33 26.48 12.39
N LEU A 176 16.79 27.70 12.49
CA LEU A 176 17.62 28.91 12.73
C LEU A 176 17.03 29.93 13.70
N TRP A 177 17.90 30.78 14.23
CA TRP A 177 17.59 31.71 15.32
C TRP A 177 18.42 32.98 15.26
N TRP A 178 17.78 34.10 14.92
CA TRP A 178 18.40 35.41 15.07
C TRP A 178 18.71 35.73 16.51
N SER A 179 19.73 36.56 16.72
CA SER A 179 19.98 37.22 18.01
C SER A 179 19.03 38.41 18.14
N PRO A 180 18.72 38.84 19.37
CA PRO A 180 17.60 39.78 19.57
C PRO A 180 17.62 41.07 18.72
N ASN A 181 18.80 41.52 18.31
CA ASN A 181 18.88 42.70 17.44
C ASN A 181 19.17 42.43 15.94
N GLY A 182 19.69 41.24 15.63
CA GLY A 182 19.93 40.87 14.23
C GLY A 182 21.41 40.78 13.88
N THR A 183 22.25 40.63 14.90
CA THR A 183 23.69 40.56 14.66
C THR A 183 24.10 39.16 14.26
N PHE A 184 23.63 38.18 15.03
CA PHE A 184 24.02 36.80 14.88
C PHE A 184 22.88 35.96 14.37
N LEU A 185 23.22 35.05 13.47
CA LEU A 185 22.29 34.05 13.00
C LEU A 185 22.75 32.69 13.50
N ALA A 186 22.15 32.23 14.59
CA ALA A 186 22.43 30.88 15.09
C ALA A 186 21.65 29.90 14.22
N TYR A 187 22.26 28.78 13.91
CA TYR A 187 21.61 27.80 13.06
C TYR A 187 22.18 26.42 13.35
N ALA A 188 21.37 25.39 13.14
CA ALA A 188 21.82 24.04 13.38
C ALA A 188 22.04 23.29 12.07
N GLN A 189 22.75 22.17 12.17
CA GLN A 189 23.04 21.35 11.02
C GLN A 189 22.74 19.87 11.28
N PHE A 190 22.05 19.21 10.34
CA PHE A 190 21.66 17.84 10.55
C PHE A 190 22.29 16.91 9.52
N ASN A 191 23.01 15.90 10.02
CA ASN A 191 23.64 14.91 9.16
C ASN A 191 22.78 13.66 9.28
N ASP A 192 22.20 13.26 8.16
CA ASP A 192 21.30 12.11 8.12
C ASP A 192 21.94 10.96 7.42
N THR A 193 23.25 11.02 7.26
CA THR A 193 23.94 10.13 6.32
C THR A 193 23.57 8.68 6.52
N GLU A 194 23.73 8.20 7.75
CA GLU A 194 23.53 6.79 8.02
C GLU A 194 22.17 6.47 8.62
N VAL A 195 21.24 7.43 8.56
CA VAL A 195 19.86 7.23 9.00
C VAL A 195 19.16 6.44 7.91
N PRO A 196 18.49 5.33 8.28
CA PRO A 196 17.79 4.47 7.33
C PRO A 196 16.60 5.16 6.64
N LEU A 197 16.29 4.76 5.41
CA LEU A 197 15.09 5.26 4.73
C LEU A 197 13.78 4.44 4.91
N ILE A 198 12.69 5.15 5.21
CA ILE A 198 11.36 4.63 4.99
C ILE A 198 11.02 4.85 3.52
N GLU A 199 10.47 3.83 2.87
CA GLU A 199 10.10 3.94 1.47
C GLU A 199 8.64 3.49 1.29
N TYR A 200 7.80 4.38 0.77
CA TYR A 200 6.42 4.04 0.50
C TYR A 200 5.98 4.55 -0.84
N SER A 201 4.92 3.99 -1.42
CA SER A 201 4.40 4.52 -2.68
C SER A 201 3.49 5.73 -2.58
N PHE A 202 3.61 6.56 -3.61
CA PHE A 202 2.68 7.64 -3.88
C PHE A 202 2.05 7.38 -5.26
N TYR A 203 0.74 7.61 -5.40
CA TYR A 203 0.06 7.08 -6.58
C TYR A 203 -0.25 8.17 -7.57
N SER A 204 -0.40 9.37 -7.01
CA SER A 204 -0.71 10.59 -7.73
C SER A 204 -1.99 10.59 -8.59
N ASP A 205 -2.03 11.47 -9.58
CA ASP A 205 -3.18 11.54 -10.49
C ASP A 205 -3.23 10.30 -11.30
N GLU A 206 -4.45 9.96 -11.67
CA GLU A 206 -4.70 8.83 -12.52
C GLU A 206 -3.72 8.79 -13.67
N SER A 207 -3.27 9.97 -14.11
CA SER A 207 -2.33 10.12 -15.23
C SER A 207 -1.03 9.38 -14.97
N LEU A 208 -0.45 9.59 -13.79
CA LEU A 208 0.86 9.02 -13.42
C LEU A 208 0.89 7.50 -13.59
N GLN A 209 1.74 7.04 -14.49
CA GLN A 209 1.71 5.63 -14.92
C GLN A 209 2.53 4.67 -14.04
N TYR A 210 3.64 5.13 -13.52
CA TYR A 210 4.31 4.37 -12.50
C TYR A 210 4.22 5.10 -11.16
N PRO A 211 3.81 4.38 -10.10
CA PRO A 211 3.76 5.02 -8.81
C PRO A 211 5.15 5.48 -8.50
N LYS A 212 5.28 6.64 -7.86
CA LYS A 212 6.54 7.14 -7.31
C LYS A 212 6.84 6.41 -6.03
N THR A 213 8.10 6.15 -5.74
CA THR A 213 8.47 5.67 -4.43
C THR A 213 9.04 6.80 -3.61
N VAL A 214 8.48 7.02 -2.44
CA VAL A 214 8.91 8.13 -1.61
C VAL A 214 9.90 7.66 -0.56
N ARG A 215 11.06 8.32 -0.48
CA ARG A 215 12.15 7.89 0.41
C ARG A 215 12.44 8.96 1.45
N VAL A 216 12.36 8.60 2.72
CA VAL A 216 12.52 9.61 3.76
C VAL A 216 13.42 9.07 4.83
N PRO A 217 14.44 9.88 5.24
CA PRO A 217 15.31 9.57 6.36
C PRO A 217 14.50 9.61 7.64
N TYR A 218 14.39 8.44 8.26
CA TYR A 218 13.46 8.20 9.33
C TYR A 218 14.05 7.12 10.22
N PRO A 219 14.48 7.53 11.43
CA PRO A 219 15.00 6.61 12.40
C PRO A 219 13.87 5.96 13.21
N LYS A 220 13.60 4.69 12.95
CA LYS A 220 12.73 3.88 13.79
C LYS A 220 13.40 3.61 15.12
N ALA A 221 12.72 2.90 16.02
CA ALA A 221 13.19 2.81 17.40
C ALA A 221 14.52 2.07 17.44
N GLY A 222 15.51 2.69 18.07
CA GLY A 222 16.85 2.11 18.15
C GLY A 222 17.69 2.16 16.88
N ALA A 223 17.20 2.74 15.79
CA ALA A 223 18.02 2.84 14.58
C ALA A 223 19.05 3.96 14.66
N VAL A 224 19.86 4.13 13.63
CA VAL A 224 20.90 5.15 13.62
C VAL A 224 20.26 6.53 13.48
N ASN A 225 20.45 7.35 14.52
CA ASN A 225 19.92 8.74 14.58
C ASN A 225 20.65 9.77 13.70
N PRO A 226 19.98 10.88 13.39
CA PRO A 226 20.72 11.94 12.74
C PRO A 226 21.68 12.52 13.77
N THR A 227 22.65 13.28 13.32
CA THR A 227 23.55 13.94 14.25
C THR A 227 23.45 15.42 14.03
N VAL A 228 23.76 16.17 15.08
CA VAL A 228 23.64 17.62 15.01
C VAL A 228 24.94 18.36 15.35
N LYS A 229 25.17 19.47 14.65
CA LYS A 229 26.21 20.45 14.95
C LYS A 229 25.55 21.82 14.93
N PHE A 230 26.02 22.69 15.81
CA PHE A 230 25.49 24.07 15.94
C PHE A 230 26.49 25.14 15.52
N PHE A 231 26.00 26.22 14.94
CA PHE A 231 26.86 27.28 14.44
C PHE A 231 26.24 28.67 14.67
N VAL A 232 27.10 29.67 14.76
CA VAL A 232 26.70 31.07 14.82
C VAL A 232 27.49 31.87 13.78
N VAL A 233 26.82 32.82 13.16
CA VAL A 233 27.47 33.64 12.16
C VAL A 233 27.30 35.12 12.49
N ASN A 234 28.31 35.93 12.17
CA ASN A 234 28.15 37.37 12.22
C ASN A 234 27.61 37.92 10.91
N THR A 235 26.38 38.44 10.94
CA THR A 235 25.66 38.84 9.73
C THR A 235 26.07 40.21 9.22
N ASP A 236 26.90 40.92 9.98
CA ASP A 236 27.35 42.25 9.62
C ASP A 236 28.64 42.18 8.80
N SER A 237 29.69 41.61 9.40
CA SER A 237 30.97 41.39 8.74
C SER A 237 30.90 40.42 7.51
N LEU A 238 29.99 40.68 6.58
CA LEU A 238 29.75 39.72 5.50
C LEU A 238 30.38 40.08 4.17
N SER A 239 31.57 39.53 3.96
CA SER A 239 32.37 39.81 2.80
C SER A 239 31.65 39.47 1.49
N SER A 240 31.37 40.48 0.65
CA SER A 240 30.87 40.22 -0.70
C SER A 240 31.93 39.47 -1.52
N VAL A 241 32.95 38.94 -0.85
CA VAL A 241 34.11 38.28 -1.48
C VAL A 241 34.84 37.26 -0.57
N THR A 242 34.19 36.77 0.49
CA THR A 242 34.73 35.64 1.29
C THR A 242 33.59 34.80 1.88
N ASN A 243 33.69 33.47 1.68
CA ASN A 243 32.81 32.49 2.32
C ASN A 243 32.77 32.73 3.84
N ALA A 244 31.65 33.29 4.30
CA ALA A 244 31.46 33.70 5.70
C ALA A 244 31.84 32.64 6.72
N THR A 245 32.39 33.06 7.86
CA THR A 245 32.81 32.10 8.89
C THR A 245 31.75 31.80 9.95
N SER A 246 31.37 30.52 9.99
CA SER A 246 30.41 30.02 10.93
C SER A 246 31.15 29.46 12.16
N ILE A 247 31.05 30.13 13.31
CA ILE A 247 31.74 29.66 14.51
C ILE A 247 30.96 28.56 15.18
N GLN A 248 31.40 27.32 15.01
CA GLN A 248 30.72 26.21 15.67
C GLN A 248 30.86 26.25 17.20
N ILE A 249 29.73 26.25 17.91
CA ILE A 249 29.69 25.80 19.29
C ILE A 249 29.59 24.28 19.29
N THR A 250 30.39 23.61 20.10
CA THR A 250 30.29 22.16 20.27
C THR A 250 29.50 21.88 21.54
N ALA A 251 29.27 20.59 21.82
CA ALA A 251 28.46 20.19 22.96
C ALA A 251 29.31 20.04 24.21
N PRO A 252 28.68 20.08 25.40
CA PRO A 252 29.27 19.53 26.62
C PRO A 252 29.86 18.16 26.42
N ALA A 253 30.83 17.81 27.27
CA ALA A 253 31.51 16.54 27.15
C ALA A 253 30.72 15.39 27.79
N SER A 254 29.70 15.72 28.58
CA SER A 254 28.80 14.72 29.15
C SER A 254 27.82 14.23 28.08
N MET A 255 27.68 15.03 27.03
CA MET A 255 26.85 14.68 25.89
C MET A 255 27.65 13.95 24.84
N LEU A 256 28.89 14.38 24.63
CA LEU A 256 29.72 13.87 23.53
C LEU A 256 30.14 12.41 23.69
N ILE A 257 30.03 11.86 24.91
CA ILE A 257 30.26 10.42 25.15
C ILE A 257 29.30 9.53 24.36
N GLY A 258 28.02 9.91 24.29
CA GLY A 258 26.99 9.15 23.56
C GLY A 258 26.18 9.91 22.51
N ASP A 259 25.09 9.28 22.04
CA ASP A 259 24.17 9.88 21.08
C ASP A 259 23.41 10.98 21.78
N HIS A 260 23.26 12.12 21.11
CA HIS A 260 22.55 13.25 21.70
C HIS A 260 21.68 13.99 20.71
N TYR A 261 20.74 14.76 21.24
CA TYR A 261 20.00 15.69 20.40
C TYR A 261 20.18 17.09 20.98
N LEU A 262 20.30 18.09 20.09
CA LEU A 262 20.07 19.48 20.44
C LEU A 262 18.56 19.67 20.66
N CYS A 263 18.14 20.24 21.78
CA CYS A 263 16.71 20.27 22.07
C CYS A 263 16.14 21.63 22.47
N ASP A 264 16.95 22.68 22.37
CA ASP A 264 16.44 24.04 22.57
C ASP A 264 17.49 25.12 22.25
N VAL A 265 17.04 26.26 21.71
CA VAL A 265 17.93 27.35 21.31
C VAL A 265 17.25 28.68 21.67
N THR A 266 17.64 29.21 22.83
CA THR A 266 17.13 30.49 23.31
C THR A 266 18.24 31.53 23.52
N TRP A 267 18.17 32.63 22.77
CA TRP A 267 19.04 33.78 22.97
C TRP A 267 18.68 34.42 24.26
N ALA A 268 19.70 34.91 24.98
CA ALA A 268 19.51 35.57 26.31
C ALA A 268 19.68 37.09 26.20
N THR A 269 20.72 37.49 25.47
CA THR A 269 21.12 38.89 25.30
C THR A 269 21.72 38.97 23.91
N GLN A 270 22.22 40.15 23.56
CA GLN A 270 22.76 40.40 22.22
C GLN A 270 23.99 39.56 21.89
N GLU A 271 24.60 38.97 22.92
CA GLU A 271 25.84 38.18 22.76
C GLU A 271 25.92 36.93 23.66
N ARG A 272 24.77 36.53 24.17
CA ARG A 272 24.70 35.35 25.02
C ARG A 272 23.55 34.49 24.58
N ILE A 273 23.89 33.30 24.09
CA ILE A 273 22.91 32.32 23.63
C ILE A 273 22.90 31.10 24.58
N SER A 274 21.70 30.55 24.80
CA SER A 274 21.59 29.34 25.58
C SER A 274 21.18 28.18 24.67
N LEU A 275 21.69 27.00 25.01
CA LEU A 275 21.43 25.75 24.32
C LEU A 275 21.03 24.71 25.34
N GLN A 276 20.28 23.69 24.90
CA GLN A 276 19.93 22.59 25.77
C GLN A 276 20.18 21.31 25.02
N TRP A 277 20.86 20.38 25.68
CA TRP A 277 21.24 19.13 25.06
C TRP A 277 20.61 17.99 25.79
N LEU A 278 20.29 16.94 25.04
CA LEU A 278 19.59 15.81 25.60
C LEU A 278 20.32 14.54 25.21
N ARG A 279 20.43 13.63 26.17
CA ARG A 279 21.01 12.33 25.89
C ARG A 279 20.01 11.51 25.12
N ARG A 280 20.51 10.59 24.28
CA ARG A 280 19.62 9.71 23.54
C ARG A 280 18.71 8.95 24.49
N ILE A 281 19.27 8.52 25.63
CA ILE A 281 18.42 8.13 26.74
C ILE A 281 17.97 9.43 27.38
N GLN A 282 16.67 9.72 27.30
CA GLN A 282 16.19 11.08 27.55
C GLN A 282 15.84 11.41 29.00
N ASN A 283 16.69 10.95 29.93
CA ASN A 283 16.52 11.31 31.35
C ASN A 283 17.56 12.30 31.86
N TYR A 284 18.39 12.79 30.94
CA TYR A 284 19.47 13.69 31.30
C TYR A 284 19.66 14.85 30.30
N SER A 285 19.35 16.05 30.78
CA SER A 285 19.53 17.25 29.98
C SER A 285 20.59 18.18 30.57
N VAL A 286 21.25 18.94 29.70
CA VAL A 286 22.24 19.94 30.09
C VAL A 286 22.03 21.23 29.33
N MET A 287 21.96 22.34 30.06
CA MET A 287 21.91 23.67 29.45
C MET A 287 23.30 24.33 29.36
N ASP A 288 23.59 24.99 28.24
CA ASP A 288 24.85 25.71 28.10
C ASP A 288 24.60 27.20 27.93
N ILE A 289 25.48 28.03 28.46
CA ILE A 289 25.35 29.45 28.22
C ILE A 289 26.62 29.99 27.59
N CYS A 290 26.49 30.52 26.39
CA CYS A 290 27.66 30.83 25.56
C CYS A 290 27.80 32.32 25.25
N ASP A 291 28.94 32.87 25.68
CA ASP A 291 29.23 34.28 25.52
C ASP A 291 30.14 34.54 24.34
N TYR A 292 29.96 35.70 23.73
CA TYR A 292 30.81 36.14 22.63
C TYR A 292 32.06 36.83 23.15
N ASP A 293 33.21 36.23 22.87
CA ASP A 293 34.46 36.85 23.24
C ASP A 293 34.90 37.82 22.14
N GLU A 294 34.70 39.10 22.42
CA GLU A 294 34.76 40.12 21.39
C GLU A 294 36.13 40.26 20.73
N SER A 295 37.17 39.76 21.41
CA SER A 295 38.52 39.82 20.86
C SER A 295 38.84 38.61 19.98
N SER A 296 38.34 37.43 20.36
CA SER A 296 38.66 36.20 19.65
C SER A 296 37.66 35.81 18.56
N GLY A 297 36.52 36.51 18.53
CA GLY A 297 35.43 36.18 17.61
C GLY A 297 34.88 34.77 17.83
N ARG A 298 35.25 34.17 18.96
CA ARG A 298 34.82 32.83 19.36
C ARG A 298 33.62 32.89 20.29
N TRP A 299 33.20 31.71 20.74
CA TRP A 299 32.08 31.57 21.66
C TRP A 299 32.48 30.69 22.81
N ASN A 300 32.19 31.12 24.04
CA ASN A 300 32.69 30.40 25.21
C ASN A 300 31.61 30.02 26.21
N CYS A 301 31.47 28.72 26.45
CA CYS A 301 30.41 28.25 27.35
C CYS A 301 31.03 27.76 28.65
N LEU A 302 30.93 28.58 29.68
CA LEU A 302 31.55 28.26 30.97
C LEU A 302 30.92 27.06 31.64
N VAL A 303 31.78 26.09 31.99
CA VAL A 303 31.43 24.87 32.77
C VAL A 303 30.73 25.17 34.11
N ALA A 304 30.84 26.41 34.58
CA ALA A 304 30.20 26.83 35.81
C ALA A 304 28.78 27.37 35.54
N ARG A 305 28.52 27.69 34.27
CA ARG A 305 27.20 28.20 33.86
C ARG A 305 26.27 27.11 33.32
N GLN A 306 26.74 25.87 33.39
CA GLN A 306 25.95 24.73 33.00
C GLN A 306 24.92 24.37 34.06
N HIS A 307 23.70 24.06 33.61
CA HIS A 307 22.69 23.51 34.48
C HIS A 307 22.23 22.21 33.95
N ILE A 308 22.04 21.31 34.89
CA ILE A 308 21.72 19.95 34.60
C ILE A 308 20.25 19.75 34.91
N GLU A 309 19.53 19.08 34.01
CA GLU A 309 18.16 18.67 34.29
C GLU A 309 18.02 17.19 34.01
N MET A 310 17.41 16.50 34.96
CA MET A 310 17.36 15.05 34.89
C MET A 310 16.16 14.55 35.65
N SER A 311 15.72 13.34 35.31
CA SER A 311 14.67 12.68 36.07
C SER A 311 15.03 11.26 36.38
N THR A 312 14.51 10.77 37.51
CA THR A 312 14.79 9.41 37.92
C THR A 312 13.55 8.54 37.70
N THR A 313 12.37 9.14 37.80
CA THR A 313 11.09 8.44 37.61
C THR A 313 10.59 8.42 36.15
N GLY A 314 11.28 9.11 35.25
CA GLY A 314 10.86 9.17 33.86
C GLY A 314 11.79 9.99 33.00
N TRP A 315 11.19 10.72 32.05
CA TRP A 315 11.95 11.53 31.06
C TRP A 315 11.87 13.01 31.42
N VAL A 316 12.85 13.77 30.93
CA VAL A 316 12.99 15.19 31.17
C VAL A 316 12.01 16.00 30.33
N GLY A 317 11.17 16.82 30.97
CA GLY A 317 10.24 17.70 30.24
C GLY A 317 8.89 17.05 30.02
N ARG A 318 7.99 17.75 29.33
CA ARG A 318 6.72 17.14 28.97
C ARG A 318 6.93 16.36 27.69
N PHE A 319 7.43 17.04 26.67
CA PHE A 319 7.94 16.38 25.46
C PHE A 319 9.40 16.69 25.23
N ARG A 320 9.84 17.82 25.77
CA ARG A 320 11.26 18.17 25.86
C ARG A 320 11.42 19.02 27.11
N PRO A 321 12.66 19.35 27.49
CA PRO A 321 12.87 20.36 28.51
C PRO A 321 12.20 21.68 28.10
N SER A 322 11.81 22.48 29.08
CA SER A 322 11.12 23.73 28.81
C SER A 322 12.15 24.76 28.38
N GLU A 323 11.66 25.84 27.79
CA GLU A 323 12.56 26.88 27.33
C GLU A 323 12.75 27.82 28.50
N PRO A 324 13.92 28.48 28.57
CA PRO A 324 14.20 29.52 29.56
C PRO A 324 13.64 30.90 29.20
N HIS A 325 13.41 31.71 30.23
CA HIS A 325 13.01 33.10 30.06
C HIS A 325 13.94 34.02 30.82
N PHE A 326 14.87 34.60 30.07
CA PHE A 326 15.95 35.44 30.59
C PHE A 326 15.48 36.84 30.88
N THR A 327 15.97 37.38 32.01
CA THR A 327 15.65 38.74 32.46
C THR A 327 16.43 39.70 31.60
N LEU A 328 15.93 40.94 31.46
CA LEU A 328 16.53 41.93 30.56
C LEU A 328 18.08 41.84 30.42
N ASP A 329 18.78 41.86 31.56
CA ASP A 329 20.25 41.79 31.59
C ASP A 329 20.84 40.47 31.08
N GLY A 330 20.11 39.38 31.30
CA GLY A 330 20.57 38.06 30.89
C GLY A 330 21.45 37.34 31.90
N ASN A 331 21.21 37.61 33.19
CA ASN A 331 21.96 37.02 34.31
C ASN A 331 21.12 36.07 35.14
N SER A 332 19.83 36.13 34.92
CA SER A 332 18.92 35.14 35.45
C SER A 332 17.84 34.73 34.42
N PHE A 333 17.29 33.55 34.62
CA PHE A 333 16.23 33.05 33.78
C PHE A 333 15.21 32.31 34.61
N TYR A 334 13.99 32.24 34.08
CA TYR A 334 12.96 31.40 34.64
C TYR A 334 12.75 30.18 33.73
N LYS A 335 12.44 29.04 34.34
CA LYS A 335 12.27 27.80 33.61
C LYS A 335 11.26 26.97 34.38
N ILE A 336 10.41 26.23 33.68
CA ILE A 336 9.49 25.29 34.36
C ILE A 336 10.20 23.96 34.63
N ILE A 337 10.13 23.49 35.87
CA ILE A 337 10.54 22.11 36.17
C ILE A 337 9.62 21.46 37.19
N SER A 338 9.59 20.14 37.17
CA SER A 338 8.88 19.41 38.20
C SER A 338 9.72 19.51 39.44
N ASN A 339 9.06 19.84 40.54
CA ASN A 339 9.70 19.87 41.85
C ASN A 339 9.89 18.45 42.41
N GLU A 340 10.14 18.37 43.72
CA GLU A 340 10.36 17.10 44.40
C GLU A 340 9.10 16.27 44.46
N GLU A 341 7.95 16.93 44.53
CA GLU A 341 6.66 16.23 44.51
C GLU A 341 6.15 15.97 43.08
N GLY A 342 6.95 16.32 42.09
CA GLY A 342 6.68 15.97 40.69
C GLY A 342 5.80 16.93 39.92
N TYR A 343 5.58 18.13 40.45
CA TYR A 343 4.70 19.12 39.81
C TYR A 343 5.45 20.24 39.11
N ARG A 344 5.09 20.49 37.86
CA ARG A 344 5.80 21.47 37.02
C ARG A 344 5.48 22.88 37.45
N HIS A 345 6.49 23.52 38.03
CA HIS A 345 6.41 24.90 38.50
C HIS A 345 7.58 25.72 38.04
N ILE A 346 7.54 27.02 38.35
CA ILE A 346 8.57 27.97 37.91
C ILE A 346 9.76 27.97 38.87
N CYS A 347 10.95 27.71 38.33
CA CYS A 347 12.18 27.77 39.11
C CYS A 347 12.97 28.99 38.65
N TYR A 348 13.50 29.73 39.63
CA TYR A 348 14.29 30.94 39.39
C TYR A 348 15.78 30.65 39.45
N PHE A 349 16.46 30.90 38.35
CA PHE A 349 17.84 30.48 38.17
C PHE A 349 18.80 31.65 38.07
N GLN A 350 19.93 31.56 38.77
CA GLN A 350 21.05 32.49 38.57
C GLN A 350 22.03 31.79 37.65
N ILE A 351 22.49 32.50 36.62
CA ILE A 351 23.37 31.91 35.58
C ILE A 351 24.39 30.88 36.09
N ASP A 352 25.11 31.22 37.15
CA ASP A 352 26.25 30.41 37.59
C ASP A 352 26.01 29.71 38.94
N LYS A 353 24.77 29.75 39.41
CA LYS A 353 24.41 29.02 40.62
C LYS A 353 23.65 27.74 40.28
N LYS A 354 24.13 26.63 40.82
CA LYS A 354 23.55 25.30 40.59
C LYS A 354 22.10 25.16 41.07
N ASP A 355 21.76 25.76 42.19
CA ASP A 355 20.39 25.68 42.69
C ASP A 355 19.49 26.72 42.04
N CYS A 356 18.20 26.45 42.08
CA CYS A 356 17.19 27.42 41.71
C CYS A 356 16.23 27.63 42.88
N THR A 357 15.32 28.58 42.74
CA THR A 357 14.30 28.82 43.75
C THR A 357 12.96 28.71 43.08
N PHE A 358 12.08 27.89 43.65
CA PHE A 358 10.71 27.76 43.14
C PHE A 358 9.91 29.00 43.51
N ILE A 359 9.29 29.64 42.52
CA ILE A 359 8.50 30.82 42.77
C ILE A 359 7.00 30.51 42.67
N THR A 360 6.69 29.24 42.43
CA THR A 360 5.33 28.68 42.57
C THR A 360 5.49 27.31 43.16
N LYS A 361 4.51 26.87 43.94
CA LYS A 361 4.36 25.45 44.28
C LYS A 361 2.87 25.19 44.38
N GLY A 362 2.49 23.92 44.53
CA GLY A 362 1.09 23.53 44.62
C GLY A 362 0.88 22.13 44.10
N THR A 363 -0.36 21.65 44.17
CA THR A 363 -0.70 20.37 43.58
C THR A 363 -1.45 20.63 42.28
N TRP A 364 -0.75 21.26 41.37
CA TRP A 364 -1.24 21.63 40.06
C TRP A 364 -0.03 21.99 39.26
N GLU A 365 -0.20 22.43 38.01
CA GLU A 365 0.97 22.67 37.17
C GLU A 365 0.95 24.02 36.48
N VAL A 366 2.13 24.61 36.35
CA VAL A 366 2.32 25.68 35.38
C VAL A 366 2.34 25.06 33.98
N ILE A 367 1.59 25.65 33.07
CA ILE A 367 1.56 25.21 31.68
C ILE A 367 2.69 25.87 30.90
N GLY A 368 2.78 27.19 30.99
CA GLY A 368 3.79 27.96 30.26
C GLY A 368 4.01 29.37 30.76
N ILE A 369 5.26 29.83 30.63
CA ILE A 369 5.65 31.23 30.86
C ILE A 369 5.37 32.04 29.59
N GLU A 370 4.51 33.06 29.73
CA GLU A 370 3.97 33.77 28.59
C GLU A 370 4.70 35.09 28.34
N ALA A 371 4.98 35.82 29.42
CA ALA A 371 5.71 37.08 29.33
C ALA A 371 6.48 37.42 30.60
N LEU A 372 7.49 38.28 30.41
CA LEU A 372 8.36 38.76 31.47
C LEU A 372 8.67 40.25 31.34
N THR A 373 8.31 41.06 32.34
CA THR A 373 8.76 42.45 32.41
C THR A 373 9.80 42.61 33.52
N SER A 374 10.21 43.85 33.80
CA SER A 374 11.07 44.10 34.96
C SER A 374 10.28 43.98 36.27
N ASP A 375 8.95 43.95 36.16
CA ASP A 375 8.06 43.93 37.32
C ASP A 375 7.34 42.61 37.50
N TYR A 376 6.96 42.00 36.38
CA TYR A 376 6.07 40.85 36.40
C TYR A 376 6.49 39.71 35.47
N LEU A 377 6.20 38.49 35.92
CA LEU A 377 6.23 37.31 35.07
C LEU A 377 4.79 36.81 34.91
N TYR A 378 4.37 36.58 33.66
CA TYR A 378 3.04 36.04 33.40
C TYR A 378 3.11 34.57 32.98
N TYR A 379 2.29 33.76 33.64
CA TYR A 379 2.30 32.33 33.41
C TYR A 379 0.84 31.81 33.34
N ILE A 380 0.65 30.74 32.58
CA ILE A 380 -0.65 30.05 32.50
C ILE A 380 -0.60 28.76 33.32
N SER A 381 -1.67 28.50 34.08
CA SER A 381 -1.69 27.32 34.95
C SER A 381 -3.10 26.82 35.12
N ASN A 382 -3.19 25.59 35.59
CA ASN A 382 -4.49 24.92 35.76
C ASN A 382 -4.86 24.83 37.23
N GLU A 383 -4.39 25.79 38.01
CA GLU A 383 -4.63 25.84 39.45
C GLU A 383 -6.11 26.10 39.81
N TYR A 384 -6.73 27.07 39.13
CA TYR A 384 -8.08 27.56 39.46
C TYR A 384 -9.09 26.44 39.57
N LYS A 385 -9.84 26.45 40.66
CA LYS A 385 -10.82 25.41 41.00
C LYS A 385 -10.28 23.99 41.06
N GLY A 386 -8.95 23.85 41.13
CA GLY A 386 -8.29 22.56 41.19
C GLY A 386 -8.51 21.66 39.98
N MET A 387 -8.95 22.23 38.85
CA MET A 387 -9.27 21.45 37.65
C MET A 387 -8.12 21.51 36.65
N PRO A 388 -7.63 20.33 36.23
CA PRO A 388 -6.49 20.27 35.33
C PRO A 388 -6.91 20.53 33.89
N GLY A 389 -8.17 20.28 33.56
CA GLY A 389 -8.64 20.62 32.23
C GLY A 389 -8.85 22.12 32.01
N GLY A 390 -8.56 22.93 33.03
CA GLY A 390 -8.74 24.38 32.93
C GLY A 390 -7.44 25.07 32.60
N ARG A 391 -7.51 26.34 32.23
CA ARG A 391 -6.33 27.07 31.80
C ARG A 391 -6.50 28.59 32.00
N ASN A 392 -5.64 29.18 32.84
CA ASN A 392 -5.78 30.60 33.23
C ASN A 392 -4.53 31.45 33.20
N LEU A 393 -4.73 32.76 32.98
CA LEU A 393 -3.64 33.73 33.07
C LEU A 393 -3.47 34.29 34.48
N TYR A 394 -2.23 34.24 34.97
CA TYR A 394 -1.87 34.75 36.29
C TYR A 394 -0.67 35.68 36.14
N LYS A 395 -0.51 36.60 37.07
CA LYS A 395 0.75 37.34 37.17
C LYS A 395 1.34 37.20 38.56
N ILE A 396 2.66 37.07 38.58
CA ILE A 396 3.38 36.98 39.82
C ILE A 396 4.30 38.19 39.90
N GLN A 397 4.34 38.81 41.09
CA GLN A 397 5.16 39.99 41.35
C GLN A 397 6.61 39.58 41.57
N LEU A 398 7.50 40.16 40.75
CA LEU A 398 8.92 39.77 40.76
C LEU A 398 9.62 40.13 42.06
N SER A 399 9.26 41.28 42.62
CA SER A 399 9.70 41.68 43.96
C SER A 399 9.06 40.85 45.10
N ASP A 400 7.88 40.28 44.88
CA ASP A 400 7.20 39.54 45.94
C ASP A 400 6.49 38.24 45.46
N TYR A 401 7.16 37.11 45.67
CA TYR A 401 6.71 35.81 45.14
C TYR A 401 5.41 35.31 45.76
N THR A 402 4.94 35.97 46.82
CA THR A 402 3.66 35.59 47.40
C THR A 402 2.53 36.51 46.89
N LYS A 403 2.85 37.38 45.93
CA LYS A 403 1.84 38.29 45.38
C LYS A 403 1.35 37.90 43.97
N VAL A 404 0.46 36.91 43.94
CA VAL A 404 -0.05 36.34 42.69
C VAL A 404 -1.49 36.78 42.45
N THR A 405 -1.74 37.38 41.28
CA THR A 405 -3.08 37.78 40.86
C THR A 405 -3.55 36.88 39.73
N CYS A 406 -4.80 36.41 39.79
CA CYS A 406 -5.37 35.75 38.63
C CYS A 406 -6.14 36.76 37.78
N LEU A 407 -5.60 37.04 36.59
CA LEU A 407 -6.19 38.00 35.66
C LEU A 407 -7.44 37.54 34.88
N SER A 408 -7.77 36.24 34.91
CA SER A 408 -8.81 35.69 34.03
C SER A 408 -9.91 34.94 34.76
N CYS A 409 -9.51 34.28 35.85
CA CYS A 409 -10.37 33.41 36.65
C CYS A 409 -11.81 33.88 36.75
N GLU A 410 -11.97 35.18 36.98
CA GLU A 410 -13.27 35.78 37.31
C GLU A 410 -13.93 36.62 36.20
N LEU A 411 -13.21 36.84 35.09
CA LEU A 411 -13.72 37.59 33.96
C LEU A 411 -15.10 37.15 33.43
N ASN A 412 -15.45 35.86 33.61
CA ASN A 412 -16.73 35.31 33.09
C ASN A 412 -17.09 33.91 33.57
N PRO A 413 -16.85 33.61 34.86
CA PRO A 413 -16.70 32.23 35.38
C PRO A 413 -17.40 31.11 34.60
N GLU A 414 -18.67 31.31 34.23
CA GLU A 414 -19.47 30.27 33.58
C GLU A 414 -19.10 30.03 32.12
N ARG A 415 -18.97 31.11 31.34
CA ARG A 415 -18.62 31.01 29.93
C ARG A 415 -17.16 30.64 29.65
N CYS A 416 -16.27 30.89 30.61
CA CYS A 416 -14.83 30.98 30.33
C CYS A 416 -13.86 30.32 31.35
N GLN A 417 -13.35 29.14 31.03
CA GLN A 417 -12.38 28.47 31.91
C GLN A 417 -11.12 27.97 31.18
N TYR A 418 -11.00 28.29 29.89
CA TYR A 418 -9.83 27.90 29.09
C TYR A 418 -9.27 29.09 28.31
N TYR A 419 -8.22 29.68 28.86
CA TYR A 419 -7.62 30.87 28.28
C TYR A 419 -6.24 30.56 27.69
N SER A 420 -5.96 31.25 26.60
CA SER A 420 -4.60 31.42 26.10
C SER A 420 -4.35 32.92 25.97
N VAL A 421 -3.08 33.33 25.88
CA VAL A 421 -2.77 34.77 25.86
C VAL A 421 -1.72 35.19 24.83
N SER A 422 -1.93 36.35 24.22
CA SER A 422 -0.98 36.91 23.28
C SER A 422 -0.60 38.33 23.70
N PHE A 423 0.61 38.49 24.25
CA PHE A 423 1.10 39.78 24.73
C PHE A 423 1.77 40.59 23.63
N SER A 424 1.76 41.92 23.76
CA SER A 424 2.45 42.82 22.84
C SER A 424 3.91 42.93 23.25
N LYS A 425 4.71 43.60 22.42
CA LYS A 425 6.12 43.80 22.76
C LYS A 425 6.20 44.49 24.11
N GLU A 426 7.19 44.12 24.91
CA GLU A 426 7.36 44.63 26.29
C GLU A 426 6.13 44.43 27.20
N ALA A 427 5.17 43.64 26.72
CA ALA A 427 3.99 43.25 27.52
C ALA A 427 3.16 44.42 28.04
N LYS A 428 2.87 45.37 27.17
CA LYS A 428 2.04 46.53 27.51
C LYS A 428 0.57 46.15 27.44
N TYR A 429 0.20 45.45 26.37
CA TYR A 429 -1.17 44.95 26.20
C TYR A 429 -1.19 43.47 25.89
N TYR A 430 -2.30 42.82 26.23
CA TYR A 430 -2.50 41.42 25.89
C TYR A 430 -3.90 41.07 25.39
N GLN A 431 -3.97 40.08 24.50
CA GLN A 431 -5.24 39.46 24.08
C GLN A 431 -5.49 38.23 24.93
N LEU A 432 -6.74 38.04 25.37
CA LEU A 432 -7.14 36.79 26.03
C LEU A 432 -8.06 36.01 25.12
N ARG A 433 -7.70 34.76 24.85
CA ARG A 433 -8.54 33.85 24.07
C ARG A 433 -9.20 32.80 24.97
N CYS A 434 -10.53 32.87 25.08
CA CYS A 434 -11.36 31.94 25.84
C CYS A 434 -11.87 30.89 24.84
N SER A 435 -11.66 29.60 25.15
CA SER A 435 -11.96 28.54 24.19
C SER A 435 -13.13 27.66 24.59
N GLY A 436 -13.64 27.90 25.80
CA GLY A 436 -14.77 27.20 26.38
C GLY A 436 -14.85 27.49 27.87
N PRO A 437 -15.83 26.89 28.57
CA PRO A 437 -16.75 25.89 28.00
C PRO A 437 -17.85 26.50 27.19
N GLY A 438 -17.98 27.82 27.26
CA GLY A 438 -18.93 28.55 26.44
C GLY A 438 -18.38 28.80 25.05
N LEU A 439 -19.04 29.66 24.29
CA LEU A 439 -18.55 30.07 22.97
C LEU A 439 -17.26 30.89 23.07
N PRO A 440 -16.27 30.64 22.16
CA PRO A 440 -15.01 31.37 22.15
C PRO A 440 -15.22 32.88 22.22
N LEU A 441 -14.43 33.51 23.10
CA LEU A 441 -14.51 34.91 23.44
C LEU A 441 -13.13 35.57 23.38
N TYR A 442 -12.98 36.58 22.54
CA TYR A 442 -11.69 37.23 22.32
C TYR A 442 -11.73 38.68 22.80
N THR A 443 -10.88 39.02 23.78
CA THR A 443 -10.90 40.35 24.39
C THR A 443 -9.50 40.97 24.51
N LEU A 444 -9.44 42.30 24.47
CA LEU A 444 -8.17 43.04 24.62
C LEU A 444 -8.01 43.59 26.04
N HIS A 445 -6.77 43.71 26.51
CA HIS A 445 -6.48 44.09 27.90
C HIS A 445 -5.17 44.85 28.01
N SER A 446 -5.12 45.86 28.87
CA SER A 446 -3.87 46.56 29.15
C SER A 446 -3.27 46.04 30.44
N SER A 447 -1.96 45.77 30.41
CA SER A 447 -1.25 45.18 31.56
C SER A 447 -1.23 46.12 32.75
N VAL A 448 -1.16 47.42 32.47
CA VAL A 448 -0.92 48.48 33.47
C VAL A 448 -1.84 48.42 34.70
N ASN A 449 -3.15 48.30 34.47
CA ASN A 449 -4.14 48.24 35.55
C ASN A 449 -5.16 47.13 35.33
N ASP A 450 -5.03 46.44 34.20
CA ASP A 450 -5.84 45.26 33.84
C ASP A 450 -7.32 45.58 33.58
N LYS A 451 -7.60 46.73 32.99
CA LYS A 451 -8.96 47.05 32.57
C LYS A 451 -9.23 46.45 31.18
N GLY A 452 -10.46 45.96 30.98
CA GLY A 452 -10.83 45.26 29.75
C GLY A 452 -11.26 46.15 28.60
N LEU A 453 -10.29 46.79 27.94
CA LEU A 453 -10.55 47.75 26.84
C LEU A 453 -11.74 47.38 25.97
N ARG A 454 -11.62 46.35 25.14
CA ARG A 454 -12.77 45.95 24.33
C ARG A 454 -12.98 44.45 24.14
N VAL A 455 -14.21 44.09 23.77
CA VAL A 455 -14.59 42.76 23.30
C VAL A 455 -14.36 42.70 21.80
N LEU A 456 -13.38 41.91 21.36
CA LEU A 456 -12.99 41.82 19.96
C LEU A 456 -13.84 40.85 19.15
N GLU A 457 -14.36 39.82 19.83
CA GLU A 457 -15.19 38.75 19.24
C GLU A 457 -15.88 37.92 20.31
N ASP A 458 -17.20 37.77 20.19
CA ASP A 458 -17.99 37.06 21.20
C ASP A 458 -18.86 35.97 20.59
N ASN A 459 -18.72 35.75 19.28
CA ASN A 459 -19.43 34.70 18.56
C ASN A 459 -20.92 34.69 18.81
N SER A 460 -21.48 35.87 19.12
CA SER A 460 -22.92 36.04 19.29
C SER A 460 -23.63 35.68 17.99
N ALA A 461 -23.01 36.00 16.85
CA ALA A 461 -23.48 35.53 15.53
C ALA A 461 -23.79 34.02 15.49
N LEU A 462 -22.85 33.19 15.95
CA LEU A 462 -23.08 31.74 16.09
C LEU A 462 -24.15 31.45 17.14
N ASP A 463 -24.02 32.09 18.31
CA ASP A 463 -24.96 31.94 19.44
C ASP A 463 -26.42 32.04 19.00
N LYS A 464 -26.76 33.07 18.22
CA LYS A 464 -28.06 33.20 17.58
C LYS A 464 -28.41 31.89 16.89
N MET A 465 -27.55 31.50 15.95
CA MET A 465 -27.72 30.32 15.09
C MET A 465 -28.00 28.99 15.81
N LEU A 466 -27.49 28.88 17.04
CA LEU A 466 -27.44 27.61 17.75
C LEU A 466 -28.64 27.43 18.68
N GLN A 467 -29.35 28.52 18.95
CA GLN A 467 -30.54 28.47 19.80
C GLN A 467 -31.65 27.75 19.05
N ASN A 468 -31.53 27.76 17.74
CA ASN A 468 -32.40 27.00 16.86
C ASN A 468 -32.03 25.51 16.71
N VAL A 469 -30.97 25.04 17.40
CA VAL A 469 -30.39 23.69 17.19
C VAL A 469 -30.24 22.95 18.50
N GLN A 470 -30.67 21.68 18.55
CA GLN A 470 -30.60 20.89 19.79
C GLN A 470 -29.18 20.47 20.16
N MET A 471 -28.41 21.37 20.78
CA MET A 471 -26.99 21.04 21.07
C MET A 471 -26.82 19.98 22.16
N PRO A 472 -25.75 19.19 22.09
CA PRO A 472 -25.49 18.33 23.25
C PRO A 472 -24.87 19.17 24.35
N SER A 473 -24.99 18.73 25.60
CA SER A 473 -24.36 19.40 26.75
C SER A 473 -23.11 18.62 27.09
N LYS A 474 -22.19 19.24 27.83
CA LYS A 474 -20.93 18.56 28.13
C LYS A 474 -20.73 18.51 29.62
N LYS A 475 -20.53 17.32 30.16
CA LYS A 475 -20.21 17.16 31.59
C LYS A 475 -18.76 16.80 31.77
N LEU A 476 -18.06 17.59 32.57
CA LEU A 476 -16.67 17.32 32.95
C LEU A 476 -16.59 17.06 34.45
N ASP A 477 -16.05 15.90 34.83
CA ASP A 477 -16.02 15.53 36.23
C ASP A 477 -14.89 14.56 36.45
N PHE A 478 -14.83 13.99 37.65
CA PHE A 478 -13.79 13.01 37.97
C PHE A 478 -14.33 11.84 38.76
N ILE A 479 -13.51 10.81 38.90
CA ILE A 479 -13.81 9.65 39.71
C ILE A 479 -12.51 9.24 40.37
N ILE A 480 -12.61 8.70 41.58
CA ILE A 480 -11.40 8.26 42.28
C ILE A 480 -11.14 6.76 42.02
N LEU A 481 -9.89 6.40 41.67
CA LEU A 481 -9.56 4.99 41.40
C LEU A 481 -8.76 4.29 42.50
N ASN A 482 -7.62 4.84 42.87
CA ASN A 482 -6.99 4.35 44.08
C ASN A 482 -7.15 5.38 45.15
N GLU A 483 -6.12 6.20 45.33
CA GLU A 483 -6.28 7.37 46.14
C GLU A 483 -6.00 8.56 45.25
N THR A 484 -6.20 8.35 43.95
CA THR A 484 -6.04 9.42 42.92
C THR A 484 -7.36 9.68 42.21
N LYS A 485 -7.60 10.95 41.91
CA LYS A 485 -8.77 11.38 41.16
C LYS A 485 -8.40 11.51 39.66
N PHE A 486 -9.16 10.83 38.80
CA PHE A 486 -8.93 10.82 37.35
C PHE A 486 -10.09 11.46 36.60
N TRP A 487 -9.76 12.41 35.74
CA TRP A 487 -10.80 13.20 35.07
C TRP A 487 -11.35 12.54 33.84
N TYR A 488 -12.64 12.80 33.57
CA TYR A 488 -13.32 12.33 32.37
C TYR A 488 -14.27 13.41 31.87
N GLN A 489 -14.69 13.29 30.62
CA GLN A 489 -15.70 14.21 30.11
C GLN A 489 -16.73 13.47 29.26
N MET A 490 -18.00 13.84 29.40
CA MET A 490 -19.02 13.24 28.56
C MET A 490 -19.68 14.25 27.66
N ILE A 491 -19.91 13.85 26.41
CA ILE A 491 -20.76 14.64 25.56
C ILE A 491 -22.08 13.93 25.64
N LEU A 492 -23.07 14.64 26.19
CA LEU A 492 -24.38 14.10 26.52
C LEU A 492 -25.36 14.56 25.48
N PRO A 493 -26.23 13.64 25.02
CA PRO A 493 -27.20 13.94 23.97
C PRO A 493 -28.22 14.93 24.51
N PRO A 494 -28.77 15.81 23.65
CA PRO A 494 -29.67 16.87 24.14
C PRO A 494 -30.84 16.27 24.91
N HIS A 495 -31.26 16.92 25.99
CA HIS A 495 -32.35 16.42 26.87
C HIS A 495 -31.95 15.12 27.56
N PHE A 496 -30.81 15.11 28.21
CA PHE A 496 -30.21 13.83 28.60
C PHE A 496 -30.95 13.23 29.78
N ASP A 497 -31.71 12.17 29.52
CA ASP A 497 -32.51 11.49 30.57
C ASP A 497 -31.70 10.46 31.37
N LYS A 498 -31.28 10.85 32.57
CA LYS A 498 -30.39 10.00 33.40
C LYS A 498 -30.99 8.63 33.77
N SER A 499 -32.24 8.42 33.41
CA SER A 499 -32.93 7.20 33.78
C SER A 499 -32.93 6.20 32.63
N LYS A 500 -32.76 6.69 31.39
CA LYS A 500 -32.62 5.81 30.23
C LYS A 500 -31.24 5.14 30.18
N LYS A 501 -31.07 4.29 29.18
CA LYS A 501 -29.83 3.57 28.96
C LYS A 501 -29.27 3.91 27.58
N TYR A 502 -28.28 4.80 27.56
CA TYR A 502 -27.66 5.29 26.30
C TYR A 502 -26.47 4.43 25.84
N PRO A 503 -26.29 4.30 24.50
CA PRO A 503 -25.07 3.67 24.00
C PRO A 503 -23.87 4.64 24.06
N LEU A 504 -22.72 4.12 24.48
CA LEU A 504 -21.54 4.92 24.77
C LEU A 504 -20.40 4.63 23.78
N LEU A 505 -19.75 5.70 23.32
CA LEU A 505 -18.54 5.60 22.51
C LEU A 505 -17.39 6.20 23.27
N LEU A 506 -16.38 5.39 23.54
CA LEU A 506 -15.21 5.84 24.24
C LEU A 506 -14.19 6.37 23.24
N ASP A 507 -14.11 7.69 23.18
CA ASP A 507 -13.21 8.45 22.31
C ASP A 507 -11.81 8.54 22.95
N VAL A 508 -10.82 7.90 22.32
CA VAL A 508 -9.51 7.67 22.91
C VAL A 508 -8.32 8.42 22.26
N TYR A 509 -7.51 9.09 23.08
CA TYR A 509 -6.10 9.34 22.72
C TYR A 509 -5.14 8.57 23.63
N ALA A 510 -5.00 9.00 24.89
CA ALA A 510 -4.33 8.22 25.94
C ALA A 510 -2.80 8.36 26.04
N GLY A 511 -2.17 8.95 25.02
CA GLY A 511 -0.71 9.08 24.98
C GLY A 511 -0.04 9.81 26.13
N PRO A 512 1.27 9.59 26.32
CA PRO A 512 1.99 10.23 27.41
C PRO A 512 1.93 11.75 27.38
N CYS A 513 1.25 12.29 28.39
CA CYS A 513 1.03 13.74 28.55
C CYS A 513 -0.20 14.29 27.81
N SER A 514 -1.15 13.40 27.52
CA SER A 514 -2.38 13.77 26.82
C SER A 514 -3.38 14.43 27.76
N GLN A 515 -4.36 15.11 27.17
CA GLN A 515 -5.50 15.59 27.91
C GLN A 515 -6.74 15.58 27.02
N LYS A 516 -7.54 14.51 27.10
CA LYS A 516 -8.81 14.44 26.37
C LYS A 516 -10.01 14.91 27.21
N ALA A 517 -9.76 15.23 28.49
CA ALA A 517 -10.80 15.80 29.32
C ALA A 517 -10.46 17.24 29.74
N ASP A 518 -11.16 18.19 29.12
CA ASP A 518 -10.96 19.61 29.36
C ASP A 518 -12.25 20.42 29.27
N THR A 519 -12.10 21.74 29.31
CA THR A 519 -13.22 22.65 29.37
C THR A 519 -13.45 23.31 28.00
N VAL A 520 -12.82 22.78 26.98
CA VAL A 520 -12.81 23.45 25.68
C VAL A 520 -14.14 23.23 24.98
N PHE A 521 -14.52 24.16 24.13
CA PHE A 521 -15.79 24.06 23.42
C PHE A 521 -15.48 23.62 22.01
N ARG A 522 -16.03 22.46 21.65
CA ARG A 522 -15.75 21.85 20.34
C ARG A 522 -16.99 21.54 19.52
N LEU A 523 -16.92 21.75 18.21
CA LEU A 523 -17.95 21.24 17.31
C LEU A 523 -17.34 20.25 16.34
N ASN A 524 -17.38 18.98 16.72
CA ASN A 524 -16.78 17.96 15.92
C ASN A 524 -17.73 16.81 15.68
N TRP A 525 -17.16 15.65 15.41
CA TRP A 525 -17.95 14.45 15.16
C TRP A 525 -18.78 14.06 16.33
N ALA A 526 -18.22 14.16 17.54
CA ALA A 526 -18.99 13.79 18.75
C ALA A 526 -20.27 14.61 18.89
N THR A 527 -20.16 15.91 18.62
CA THR A 527 -21.33 16.78 18.60
C THR A 527 -22.43 16.12 17.79
N TYR A 528 -22.15 15.65 16.58
CA TYR A 528 -23.13 14.91 15.78
C TYR A 528 -23.57 13.59 16.41
N LEU A 529 -22.65 12.85 17.02
CA LEU A 529 -23.03 11.55 17.58
C LEU A 529 -24.01 11.69 18.74
N ALA A 530 -23.78 12.66 19.62
CA ALA A 530 -24.69 12.92 20.72
C ALA A 530 -25.98 13.64 20.25
N SER A 531 -25.84 14.85 19.71
CA SER A 531 -26.97 15.60 19.17
C SER A 531 -27.93 14.78 18.33
N THR A 532 -27.43 14.04 17.31
CA THR A 532 -28.31 13.31 16.38
C THR A 532 -28.50 11.82 16.64
N GLU A 533 -27.46 11.11 17.02
CA GLU A 533 -27.64 9.66 17.19
C GLU A 533 -27.85 9.29 18.65
N ASN A 534 -27.97 10.30 19.51
CA ASN A 534 -28.17 10.09 20.94
C ASN A 534 -27.18 9.06 21.47
N ILE A 535 -25.91 9.33 21.22
CA ILE A 535 -24.83 8.50 21.70
C ILE A 535 -24.00 9.33 22.69
N ILE A 536 -23.70 8.74 23.84
CA ILE A 536 -22.74 9.36 24.76
C ILE A 536 -21.31 9.16 24.20
N VAL A 537 -20.57 10.26 23.98
CA VAL A 537 -19.15 10.18 23.60
C VAL A 537 -18.25 10.60 24.79
N ALA A 538 -17.66 9.62 25.47
CA ALA A 538 -16.87 9.92 26.64
C ALA A 538 -15.37 9.93 26.36
N SER A 539 -14.59 10.51 27.28
CA SER A 539 -13.11 10.47 27.23
C SER A 539 -12.59 10.49 28.63
N PHE A 540 -11.38 9.99 28.83
CA PHE A 540 -10.87 9.74 30.17
C PHE A 540 -9.36 9.86 30.19
N ASP A 541 -8.83 10.70 31.06
CA ASP A 541 -7.38 10.90 31.15
C ASP A 541 -6.86 10.15 32.35
N GLY A 542 -6.52 8.88 32.16
CA GLY A 542 -5.96 8.06 33.23
C GLY A 542 -4.46 8.16 33.30
N ARG A 543 -3.79 7.09 33.72
CA ARG A 543 -2.34 7.17 33.91
C ARG A 543 -1.58 7.50 32.63
N GLY A 544 -0.48 8.21 32.76
CA GLY A 544 0.30 8.57 31.59
C GLY A 544 -0.01 9.99 31.15
N SER A 545 -1.21 10.46 31.51
CA SER A 545 -1.71 11.76 31.03
C SER A 545 -1.07 12.97 31.73
N GLY A 546 -1.19 14.12 31.06
CA GLY A 546 -0.47 15.32 31.47
C GLY A 546 -1.15 16.29 32.41
N TYR A 547 -0.34 17.19 32.95
CA TYR A 547 -0.82 18.36 33.69
C TYR A 547 -1.26 18.11 35.14
N GLN A 548 -1.02 16.89 35.62
CA GLN A 548 -1.43 16.48 36.96
C GLN A 548 -0.24 15.89 37.71
N GLY A 549 0.96 16.36 37.37
CA GLY A 549 2.20 15.91 38.03
C GLY A 549 2.73 14.56 37.61
N ASP A 550 4.06 14.44 37.67
CA ASP A 550 4.84 13.22 37.33
C ASP A 550 4.35 11.86 37.88
N LYS A 551 3.75 11.84 39.07
CA LYS A 551 3.30 10.55 39.61
C LYS A 551 2.36 9.88 38.59
N ILE A 552 1.40 10.64 38.08
CA ILE A 552 0.49 10.12 37.05
C ILE A 552 1.15 9.98 35.67
N MET A 553 1.79 11.04 35.19
CA MET A 553 2.35 11.04 33.83
C MET A 553 3.45 9.99 33.67
N HIS A 554 4.36 9.91 34.63
CA HIS A 554 5.43 8.92 34.54
C HIS A 554 5.04 7.49 34.80
N ALA A 555 3.77 7.25 35.14
CA ALA A 555 3.29 5.91 35.49
C ALA A 555 3.63 4.88 34.42
N ILE A 556 3.64 5.31 33.16
CA ILE A 556 3.88 4.41 32.03
C ILE A 556 5.32 4.40 31.53
N ASN A 557 6.21 5.05 32.26
CA ASN A 557 7.62 5.03 31.89
C ASN A 557 8.06 3.58 31.64
N ARG A 558 8.57 3.29 30.43
CA ARG A 558 9.04 1.95 30.04
C ARG A 558 7.91 0.90 30.01
N ARG A 559 6.68 1.36 29.92
CA ARG A 559 5.51 0.50 30.08
C ARG A 559 4.39 0.83 29.08
N LEU A 560 4.75 1.37 27.92
CA LEU A 560 3.71 1.81 27.00
C LEU A 560 2.79 0.64 26.65
N GLY A 561 1.51 0.94 26.48
CA GLY A 561 0.56 -0.10 26.14
C GLY A 561 0.15 -0.97 27.33
N THR A 562 0.35 -0.45 28.54
CA THR A 562 -0.10 -1.12 29.74
C THR A 562 -1.18 -0.30 30.50
N PHE A 563 -0.77 0.46 31.51
CA PHE A 563 -1.71 1.17 32.37
C PHE A 563 -2.70 2.02 31.58
N GLU A 564 -2.20 2.87 30.68
CA GLU A 564 -3.05 3.76 29.86
C GLU A 564 -4.15 2.98 29.12
N VAL A 565 -3.77 1.79 28.64
CA VAL A 565 -4.69 0.84 28.04
C VAL A 565 -5.71 0.29 29.05
N GLU A 566 -5.22 -0.14 30.22
CA GLU A 566 -6.07 -0.79 31.22
C GLU A 566 -7.04 0.21 31.85
N ASP A 567 -6.53 1.42 32.06
CA ASP A 567 -7.30 2.54 32.63
C ASP A 567 -8.44 2.95 31.72
N GLN A 568 -8.25 2.76 30.42
CA GLN A 568 -9.31 3.05 29.48
C GLN A 568 -10.41 2.05 29.57
N ILE A 569 -10.06 0.78 29.84
CA ILE A 569 -11.08 -0.27 30.01
C ILE A 569 -11.82 -0.01 31.30
N GLU A 570 -11.05 0.19 32.38
CA GLU A 570 -11.61 0.63 33.67
C GLU A 570 -12.62 1.78 33.51
N ALA A 571 -12.13 2.90 33.00
CA ALA A 571 -12.97 4.04 32.68
C ALA A 571 -14.32 3.68 32.08
N ALA A 572 -14.39 2.58 31.34
CA ALA A 572 -15.65 2.20 30.71
C ALA A 572 -16.51 1.37 31.66
N ARG A 573 -15.87 0.45 32.40
CA ARG A 573 -16.56 -0.29 33.44
C ARG A 573 -17.34 0.71 34.29
N GLN A 574 -16.64 1.71 34.82
CA GLN A 574 -17.23 2.78 35.66
C GLN A 574 -18.37 3.59 35.01
N PHE A 575 -18.30 3.83 33.71
CA PHE A 575 -19.38 4.56 33.07
C PHE A 575 -20.65 3.70 33.03
N SER A 576 -20.48 2.38 33.09
CA SER A 576 -21.60 1.46 33.18
C SER A 576 -22.23 1.47 34.56
N LYS A 577 -21.39 1.58 35.59
CA LYS A 577 -21.86 1.70 36.97
C LYS A 577 -22.69 2.98 37.25
N MET A 578 -22.70 3.91 36.30
CA MET A 578 -23.52 5.09 36.41
C MET A 578 -24.94 4.85 35.84
N GLY A 579 -25.15 3.68 35.25
CA GLY A 579 -26.49 3.21 34.92
C GLY A 579 -27.27 3.93 33.84
N PHE A 580 -26.71 4.96 33.21
CA PHE A 580 -27.38 5.53 32.00
C PHE A 580 -26.78 4.98 30.68
N VAL A 581 -25.97 3.91 30.82
CA VAL A 581 -25.21 3.32 29.72
C VAL A 581 -25.72 1.92 29.44
N ASP A 582 -26.12 1.68 28.19
CA ASP A 582 -26.46 0.34 27.73
C ASP A 582 -25.15 -0.45 27.60
N ASN A 583 -24.85 -1.26 28.62
CA ASN A 583 -23.59 -1.99 28.67
C ASN A 583 -23.46 -3.13 27.65
N LYS A 584 -24.37 -3.18 26.67
CA LYS A 584 -24.25 -4.07 25.51
C LYS A 584 -23.99 -3.29 24.21
N ARG A 585 -23.99 -1.96 24.31
CA ARG A 585 -23.63 -1.07 23.21
C ARG A 585 -22.59 -0.03 23.61
N ILE A 586 -21.43 -0.50 24.06
CA ILE A 586 -20.22 0.32 24.24
C ILE A 586 -19.20 0.09 23.10
N ALA A 587 -18.82 1.18 22.43
CA ALA A 587 -17.73 1.16 21.44
C ALA A 587 -16.50 1.97 21.87
N ILE A 588 -15.46 1.94 21.03
CA ILE A 588 -14.18 2.62 21.28
C ILE A 588 -13.52 3.06 19.96
N TRP A 589 -12.97 4.28 19.93
CA TRP A 589 -12.27 4.78 18.73
C TRP A 589 -11.11 5.68 18.99
N GLY A 590 -10.20 5.77 18.03
CA GLY A 590 -8.92 6.48 18.22
C GLY A 590 -8.01 6.67 17.02
N TRP A 591 -7.27 7.77 17.03
CA TRP A 591 -6.35 8.11 15.95
C TRP A 591 -4.95 8.05 16.51
N SER A 592 -3.94 7.75 15.69
CA SER A 592 -2.52 7.86 16.09
C SER A 592 -2.31 6.97 17.33
N TYR A 593 -1.81 7.54 18.43
CA TYR A 593 -1.70 6.83 19.70
C TYR A 593 -3.03 6.19 20.12
N GLY A 594 -4.12 6.89 19.94
CA GLY A 594 -5.41 6.40 20.36
C GLY A 594 -5.96 5.27 19.50
N GLY A 595 -5.42 5.12 18.29
CA GLY A 595 -5.77 3.97 17.46
C GLY A 595 -5.07 2.75 18.01
N TYR A 596 -3.87 2.99 18.55
CA TYR A 596 -3.09 1.96 19.20
C TYR A 596 -3.86 1.49 20.41
N VAL A 597 -4.11 2.41 21.33
CA VAL A 597 -4.86 2.11 22.54
C VAL A 597 -6.23 1.46 22.25
N THR A 598 -6.97 1.97 21.27
CA THR A 598 -8.20 1.33 20.77
C THR A 598 -7.96 -0.11 20.32
N SER A 599 -6.88 -0.34 19.56
CA SER A 599 -6.51 -1.70 19.14
C SER A 599 -6.10 -2.60 20.32
N MET A 600 -5.30 -2.05 21.24
CA MET A 600 -4.84 -2.83 22.40
C MET A 600 -6.01 -3.30 23.24
N VAL A 601 -6.98 -2.40 23.44
CA VAL A 601 -8.18 -2.67 24.21
C VAL A 601 -9.01 -3.78 23.57
N LEU A 602 -9.34 -3.66 22.30
CA LEU A 602 -10.13 -4.72 21.67
C LEU A 602 -9.39 -6.07 21.74
N GLY A 603 -8.06 -6.02 21.77
CA GLY A 603 -7.28 -7.22 21.80
C GLY A 603 -7.06 -7.70 23.21
N SER A 604 -7.68 -7.05 24.18
CA SER A 604 -7.47 -7.44 25.56
C SER A 604 -8.39 -8.57 26.00
N GLY A 605 -9.47 -8.80 25.24
CA GLY A 605 -10.54 -9.74 25.59
C GLY A 605 -11.29 -9.39 26.89
N SER A 606 -11.23 -8.12 27.31
CA SER A 606 -12.03 -7.59 28.42
C SER A 606 -13.54 -7.70 28.20
N GLY A 607 -13.96 -8.03 26.99
CA GLY A 607 -15.37 -8.21 26.69
C GLY A 607 -16.29 -7.05 27.00
N VAL A 608 -15.74 -5.91 27.44
CA VAL A 608 -16.56 -4.72 27.71
C VAL A 608 -17.09 -4.08 26.42
N PHE A 609 -16.34 -4.25 25.33
CA PHE A 609 -16.55 -3.45 24.14
C PHE A 609 -17.04 -4.27 22.97
N LYS A 610 -18.10 -3.76 22.33
CA LYS A 610 -18.69 -4.42 21.18
C LYS A 610 -17.84 -4.26 19.94
N CYS A 611 -17.44 -3.02 19.68
CA CYS A 611 -16.67 -2.66 18.48
C CYS A 611 -15.67 -1.52 18.70
N GLY A 612 -14.85 -1.26 17.70
CA GLY A 612 -13.84 -0.22 17.79
C GLY A 612 -13.37 0.21 16.42
N ILE A 613 -12.91 1.45 16.32
CA ILE A 613 -12.32 1.93 15.07
C ILE A 613 -10.92 2.40 15.39
N ALA A 614 -9.92 1.87 14.70
CA ALA A 614 -8.54 2.31 14.89
C ALA A 614 -8.11 3.06 13.63
N VAL A 615 -7.82 4.34 13.79
CA VAL A 615 -7.43 5.15 12.63
C VAL A 615 -5.94 5.43 12.75
N ALA A 616 -5.18 4.97 11.74
CA ALA A 616 -3.75 5.13 11.67
C ALA A 616 -3.10 4.81 12.98
N PRO A 617 -3.23 3.55 13.45
CA PRO A 617 -2.68 3.21 14.76
C PRO A 617 -1.22 2.87 14.65
N VAL A 618 -0.50 2.96 15.76
CA VAL A 618 0.78 2.28 15.93
C VAL A 618 0.45 0.84 16.33
N SER A 619 1.17 -0.13 15.77
CA SER A 619 0.86 -1.51 16.09
C SER A 619 1.99 -2.19 16.83
N ARG A 620 3.18 -1.59 16.77
CA ARG A 620 4.39 -2.14 17.33
C ARG A 620 5.42 -1.01 17.46
N TRP A 621 5.94 -0.79 18.67
CA TRP A 621 6.76 0.40 18.94
C TRP A 621 8.05 0.47 18.18
N GLU A 622 8.58 -0.67 17.79
CA GLU A 622 9.80 -0.69 17.01
C GLU A 622 9.62 -0.04 15.65
N TYR A 623 8.37 0.05 15.15
CA TYR A 623 8.05 0.74 13.89
C TYR A 623 7.91 2.27 13.97
N TYR A 624 7.68 2.80 15.17
CA TYR A 624 7.58 4.24 15.33
C TYR A 624 8.95 4.91 15.37
N ASP A 625 9.01 6.22 15.15
CA ASP A 625 10.31 6.89 15.13
C ASP A 625 11.01 6.76 16.48
N SER A 626 12.33 6.90 16.49
CA SER A 626 13.14 6.77 17.73
C SER A 626 12.91 7.85 18.82
N VAL A 627 13.03 9.12 18.45
CA VAL A 627 12.94 10.21 19.43
C VAL A 627 11.68 10.10 20.33
N TYR A 628 10.52 9.80 19.74
CA TYR A 628 9.29 9.65 20.54
C TYR A 628 9.36 8.36 21.35
N THR A 629 9.50 7.24 20.64
CA THR A 629 9.38 5.90 21.21
C THR A 629 10.35 5.69 22.38
N GLU A 630 11.61 6.06 22.13
CA GLU A 630 12.69 5.93 23.11
C GLU A 630 12.48 6.81 24.35
N ARG A 631 11.95 8.02 24.13
CA ARG A 631 11.66 8.96 25.22
C ARG A 631 10.83 8.27 26.31
N TYR A 632 10.07 7.25 25.91
CA TYR A 632 9.19 6.55 26.85
C TYR A 632 9.63 5.12 27.12
N MET A 633 10.31 4.48 26.15
CA MET A 633 10.57 3.03 26.24
C MET A 633 12.04 2.65 26.32
N GLY A 634 12.94 3.60 26.04
CA GLY A 634 14.38 3.30 25.98
C GLY A 634 14.73 2.55 24.70
N LEU A 635 15.88 1.88 24.70
CA LEU A 635 16.31 1.11 23.52
C LEU A 635 15.71 -0.29 23.47
N PRO A 636 15.37 -0.77 22.27
CA PRO A 636 14.81 -2.11 22.07
C PRO A 636 15.90 -3.19 21.90
N THR A 637 16.88 -3.18 22.80
CA THR A 637 17.93 -4.21 22.88
C THR A 637 17.68 -4.99 24.16
N PRO A 638 18.13 -6.27 24.22
CA PRO A 638 17.75 -7.14 25.36
C PRO A 638 18.35 -6.71 26.68
N GLU A 639 19.35 -5.81 26.64
CA GLU A 639 19.89 -5.18 27.85
C GLU A 639 19.05 -3.99 28.36
N ASP A 640 18.47 -3.20 27.47
CA ASP A 640 17.64 -2.05 27.87
C ASP A 640 16.17 -2.44 28.14
N ASN A 641 15.36 -2.55 27.09
CA ASN A 641 13.92 -2.75 27.27
C ASN A 641 13.24 -3.66 26.23
N LEU A 642 14.02 -4.30 25.37
CA LEU A 642 13.47 -5.12 24.28
C LEU A 642 12.27 -5.95 24.71
N ASP A 643 12.23 -6.33 25.99
CA ASP A 643 11.12 -7.13 26.53
C ASP A 643 9.75 -6.47 26.48
N HIS A 644 9.64 -5.21 26.96
CA HIS A 644 8.35 -4.50 26.91
C HIS A 644 7.98 -4.11 25.49
N TYR A 645 8.99 -3.89 24.67
CA TYR A 645 8.77 -3.63 23.25
C TYR A 645 8.02 -4.79 22.57
N ARG A 646 8.46 -6.02 22.87
CA ARG A 646 7.95 -7.24 22.22
C ARG A 646 6.66 -7.73 22.86
N ASN A 647 6.38 -7.20 24.05
CA ASN A 647 5.24 -7.62 24.84
C ASN A 647 4.05 -6.65 24.68
N SER A 648 4.23 -5.59 23.90
CA SER A 648 3.22 -4.51 23.78
C SER A 648 2.71 -4.24 22.35
N THR A 649 2.72 -5.26 21.49
CA THR A 649 2.25 -5.12 20.12
C THR A 649 0.79 -5.47 20.00
N VAL A 650 0.12 -4.87 19.03
CA VAL A 650 -1.26 -5.22 18.76
C VAL A 650 -1.35 -6.63 18.13
N MET A 651 -0.25 -7.07 17.51
CA MET A 651 -0.25 -8.31 16.74
C MET A 651 -0.42 -9.53 17.64
N SER A 652 0.17 -9.45 18.83
CA SER A 652 0.09 -10.59 19.74
C SER A 652 -1.28 -10.74 20.39
N ARG A 653 -2.12 -9.73 20.27
CA ARG A 653 -3.48 -9.83 20.79
C ARG A 653 -4.44 -10.22 19.68
N ALA A 654 -3.88 -10.63 18.54
CA ALA A 654 -4.67 -10.95 17.34
C ALA A 654 -5.93 -11.78 17.61
N GLU A 655 -5.74 -12.89 18.33
CA GLU A 655 -6.79 -13.87 18.61
C GLU A 655 -8.07 -13.26 19.17
N ASN A 656 -7.92 -12.37 20.14
CA ASN A 656 -9.05 -11.82 20.87
C ASN A 656 -9.99 -10.99 20.02
N PHE A 657 -9.56 -10.67 18.81
CA PHE A 657 -10.38 -9.86 17.93
C PHE A 657 -11.60 -10.63 17.48
N LYS A 658 -11.59 -11.94 17.76
CA LYS A 658 -12.74 -12.83 17.52
C LYS A 658 -13.99 -12.30 18.23
N GLN A 659 -13.78 -11.79 19.44
CA GLN A 659 -14.87 -11.25 20.24
C GLN A 659 -15.39 -9.88 19.79
N VAL A 660 -14.69 -9.18 18.89
CA VAL A 660 -15.09 -7.80 18.55
C VAL A 660 -15.36 -7.57 17.08
N GLU A 661 -16.03 -6.45 16.76
CA GLU A 661 -16.11 -5.90 15.38
C GLU A 661 -15.09 -4.75 15.18
N TYR A 662 -14.20 -4.89 14.21
CA TYR A 662 -13.07 -3.99 14.12
C TYR A 662 -12.97 -3.28 12.77
N LEU A 663 -12.83 -1.96 12.80
CA LEU A 663 -12.58 -1.18 11.60
C LEU A 663 -11.19 -0.55 11.66
N LEU A 664 -10.33 -0.95 10.73
CA LEU A 664 -8.95 -0.46 10.69
C LEU A 664 -8.82 0.42 9.46
N ILE A 665 -8.40 1.66 9.67
CA ILE A 665 -8.34 2.65 8.60
C ILE A 665 -6.94 3.25 8.58
N HIS A 666 -6.31 3.32 7.40
CA HIS A 666 -4.97 3.91 7.28
C HIS A 666 -4.74 4.58 5.96
N GLY A 667 -4.06 5.74 6.00
CA GLY A 667 -3.63 6.43 4.78
C GLY A 667 -2.31 5.87 4.23
N THR A 668 -2.30 5.53 2.93
CA THR A 668 -1.18 4.83 2.31
C THR A 668 0.12 5.63 2.32
N ALA A 669 -0.01 6.95 2.33
CA ALA A 669 1.14 7.85 2.20
C ALA A 669 1.43 8.57 3.49
N ASP A 670 1.11 7.91 4.60
CA ASP A 670 1.42 8.35 5.95
C ASP A 670 2.93 8.23 6.23
N ASP A 671 3.58 9.36 6.44
CA ASP A 671 5.03 9.37 6.63
C ASP A 671 5.30 9.25 8.10
N ASN A 672 4.29 9.48 8.91
CA ASN A 672 4.47 9.54 10.32
C ASN A 672 4.27 8.18 10.98
N VAL A 673 3.04 7.65 10.96
CA VAL A 673 2.77 6.26 11.35
C VAL A 673 2.59 5.45 10.06
N HIS A 674 3.63 4.75 9.63
CA HIS A 674 3.60 4.19 8.25
C HIS A 674 2.55 3.12 8.07
N PHE A 675 1.98 3.04 6.86
CA PHE A 675 1.01 1.97 6.54
C PHE A 675 1.43 0.58 7.02
N GLN A 676 2.73 0.35 7.13
CA GLN A 676 3.23 -0.91 7.64
C GLN A 676 2.53 -1.26 8.94
N GLN A 677 2.47 -0.30 9.87
CA GLN A 677 1.90 -0.59 11.19
C GLN A 677 0.51 -1.24 11.02
N SER A 678 -0.35 -0.65 10.20
CA SER A 678 -1.66 -1.22 9.92
C SER A 678 -1.61 -2.50 9.14
N ALA A 679 -0.63 -2.63 8.25
CA ALA A 679 -0.56 -3.79 7.36
C ALA A 679 -0.04 -5.00 8.10
N GLN A 680 0.72 -4.77 9.18
CA GLN A 680 1.17 -5.85 10.03
C GLN A 680 0.04 -6.37 10.91
N ILE A 681 -0.85 -5.48 11.34
CA ILE A 681 -2.08 -5.87 12.05
C ILE A 681 -3.00 -6.73 11.20
N SER A 682 -3.30 -6.26 10.00
CA SER A 682 -4.26 -6.94 9.16
C SER A 682 -3.75 -8.33 8.86
N LYS A 683 -2.43 -8.44 8.65
CA LYS A 683 -1.79 -9.73 8.34
C LYS A 683 -1.94 -10.68 9.54
N ALA A 684 -1.56 -10.17 10.72
CA ALA A 684 -1.76 -10.87 12.01
C ALA A 684 -3.19 -11.42 12.21
N LEU A 685 -4.21 -10.58 11.97
CA LEU A 685 -5.62 -10.98 12.09
C LEU A 685 -6.01 -12.02 11.07
N VAL A 686 -5.48 -11.88 9.85
CA VAL A 686 -5.80 -12.82 8.80
C VAL A 686 -5.14 -14.17 9.07
N ASP A 687 -4.11 -14.16 9.92
CA ASP A 687 -3.36 -15.38 10.20
C ASP A 687 -4.06 -16.27 11.21
N VAL A 688 -4.89 -15.65 12.04
CA VAL A 688 -5.64 -16.36 13.07
C VAL A 688 -7.13 -16.37 12.73
N GLY A 689 -7.41 -16.04 11.49
CA GLY A 689 -8.78 -16.13 10.96
C GLY A 689 -9.79 -15.26 11.68
N VAL A 690 -9.43 -14.02 11.96
CA VAL A 690 -10.37 -13.06 12.49
C VAL A 690 -10.91 -12.20 11.36
N ASP A 691 -12.23 -12.08 11.25
CA ASP A 691 -12.79 -11.18 10.26
C ASP A 691 -12.83 -9.81 10.83
N PHE A 692 -12.59 -8.81 9.99
CA PHE A 692 -12.64 -7.42 10.41
C PHE A 692 -12.95 -6.61 9.18
N GLN A 693 -12.84 -5.30 9.32
CA GLN A 693 -13.16 -4.33 8.27
C GLN A 693 -11.96 -3.40 8.05
N ALA A 694 -11.72 -3.07 6.79
CA ALA A 694 -10.55 -2.27 6.45
C ALA A 694 -10.92 -1.16 5.53
N MET A 695 -10.06 -0.17 5.47
CA MET A 695 -10.23 0.93 4.54
C MET A 695 -8.87 1.60 4.44
N TRP A 696 -8.26 1.57 3.25
CA TRP A 696 -7.06 2.39 3.03
C TRP A 696 -7.49 3.68 2.40
N TYR A 697 -6.60 4.66 2.45
CA TYR A 697 -6.88 5.95 1.79
C TYR A 697 -5.71 6.38 0.90
N THR A 698 -5.90 6.21 -0.41
CA THR A 698 -4.85 6.47 -1.38
C THR A 698 -4.27 7.85 -1.17
N ASP A 699 -2.96 7.90 -1.05
CA ASP A 699 -2.21 9.15 -1.02
C ASP A 699 -2.49 10.07 0.12
N GLU A 700 -3.34 9.67 1.06
CA GLU A 700 -3.54 10.44 2.29
C GLU A 700 -2.44 10.22 3.32
N ASP A 701 -2.22 11.19 4.19
CA ASP A 701 -1.19 11.04 5.21
C ASP A 701 -1.79 10.79 6.58
N HIS A 702 -1.13 11.29 7.62
CA HIS A 702 -1.52 10.91 8.96
C HIS A 702 -2.67 11.68 9.42
N GLY A 703 -3.17 12.60 8.62
CA GLY A 703 -4.25 13.44 9.07
C GLY A 703 -5.51 13.15 8.33
N ILE A 704 -5.39 12.33 7.27
CA ILE A 704 -6.49 11.98 6.36
C ILE A 704 -7.35 13.23 6.20
N ALA A 705 -6.70 14.32 5.83
CA ALA A 705 -7.29 15.64 6.02
C ALA A 705 -7.62 16.38 4.73
N SER A 706 -7.40 15.77 3.58
CA SER A 706 -7.84 16.36 2.33
C SER A 706 -9.35 16.51 2.40
N SER A 707 -9.92 17.44 1.65
CA SER A 707 -11.30 17.82 1.89
C SER A 707 -12.24 16.65 1.65
N THR A 708 -12.02 15.92 0.56
CA THR A 708 -12.82 14.76 0.20
C THR A 708 -12.60 13.52 1.07
N ALA A 709 -11.37 13.30 1.53
CA ALA A 709 -11.09 12.12 2.35
C ALA A 709 -11.67 12.29 3.73
N HIS A 710 -11.57 13.52 4.25
CA HIS A 710 -12.11 13.86 5.56
C HIS A 710 -13.59 13.54 5.64
N GLN A 711 -14.33 13.99 4.64
CA GLN A 711 -15.74 13.71 4.54
C GLN A 711 -15.98 12.22 4.41
N HIS A 712 -15.18 11.55 3.58
CA HIS A 712 -15.38 10.13 3.34
C HIS A 712 -15.14 9.30 4.54
N ILE A 713 -14.03 9.53 5.23
CA ILE A 713 -13.71 8.72 6.40
C ILE A 713 -14.83 8.81 7.44
N TYR A 714 -15.36 10.02 7.65
CA TYR A 714 -16.25 10.29 8.77
C TYR A 714 -17.61 9.78 8.47
N THR A 715 -18.01 9.90 7.21
CA THR A 715 -19.21 9.25 6.74
C THR A 715 -19.12 7.74 6.96
N HIS A 716 -18.02 7.14 6.48
CA HIS A 716 -17.76 5.72 6.62
C HIS A 716 -17.82 5.23 8.04
N MET A 717 -17.26 6.00 8.99
CA MET A 717 -17.18 5.59 10.39
C MET A 717 -18.55 5.68 11.06
N SER A 718 -19.34 6.66 10.64
CA SER A 718 -20.71 6.78 11.11
C SER A 718 -21.54 5.55 10.75
N HIS A 719 -21.63 5.19 9.47
CA HIS A 719 -22.32 3.95 9.10
C HIS A 719 -21.84 2.84 10.00
N PHE A 720 -20.52 2.68 10.13
CA PHE A 720 -19.99 1.61 10.96
C PHE A 720 -20.55 1.67 12.37
N ILE A 721 -20.55 2.87 12.96
CA ILE A 721 -21.01 3.05 14.34
C ILE A 721 -22.50 2.80 14.45
N LYS A 722 -23.30 3.52 13.66
CA LYS A 722 -24.71 3.22 13.51
C LYS A 722 -24.99 1.69 13.43
N GLN A 723 -24.66 1.05 12.31
CA GLN A 723 -24.74 -0.39 12.25
C GLN A 723 -24.32 -1.05 13.62
N CYS A 724 -23.13 -0.80 14.12
CA CYS A 724 -22.67 -1.49 15.35
C CYS A 724 -23.67 -1.35 16.51
N PHE A 725 -24.40 -0.25 16.50
CA PHE A 725 -25.32 0.08 17.60
C PHE A 725 -26.80 -0.13 17.23
N SER A 726 -27.04 -0.77 16.07
CA SER A 726 -28.36 -0.92 15.45
C SER A 726 -28.97 0.45 15.12
N LYS B 3 -28.11 -32.78 5.00
CA LYS B 3 -26.88 -31.92 5.02
C LYS B 3 -26.45 -31.40 3.64
N THR B 4 -25.53 -30.43 3.65
CA THR B 4 -25.33 -29.49 2.55
C THR B 4 -23.84 -29.15 2.33
N TYR B 5 -23.48 -28.66 1.14
CA TYR B 5 -22.08 -28.25 0.85
C TYR B 5 -21.78 -26.86 1.45
N THR B 6 -21.13 -26.85 2.61
CA THR B 6 -20.92 -25.60 3.36
C THR B 6 -19.62 -24.90 2.97
N LEU B 7 -19.44 -23.68 3.48
CA LEU B 7 -18.24 -22.91 3.20
C LEU B 7 -17.02 -23.66 3.66
N THR B 8 -17.05 -24.20 4.88
CA THR B 8 -15.88 -24.93 5.38
C THR B 8 -15.54 -26.15 4.53
N ASP B 9 -16.59 -26.82 4.05
CA ASP B 9 -16.41 -27.92 3.15
C ASP B 9 -15.50 -27.48 2.02
N TYR B 10 -15.77 -26.29 1.50
CA TYR B 10 -14.94 -25.72 0.43
C TYR B 10 -13.55 -25.27 0.89
N LEU B 11 -13.48 -24.55 2.00
CA LEU B 11 -12.20 -23.99 2.48
C LEU B 11 -11.26 -25.02 3.04
N LYS B 12 -11.81 -26.08 3.64
CA LYS B 12 -11.00 -27.13 4.27
C LYS B 12 -10.83 -28.31 3.33
N ASN B 13 -11.51 -28.25 2.18
CA ASN B 13 -11.37 -29.26 1.15
C ASN B 13 -11.71 -30.66 1.67
N THR B 14 -12.87 -30.79 2.31
CA THR B 14 -13.24 -32.04 2.95
C THR B 14 -13.63 -33.07 1.91
N TYR B 15 -14.21 -32.61 0.80
CA TYR B 15 -14.54 -33.51 -0.33
C TYR B 15 -13.50 -33.46 -1.46
N ARG B 16 -12.55 -34.39 -1.46
CA ARG B 16 -11.47 -34.33 -2.45
C ARG B 16 -11.82 -34.90 -3.84
N LEU B 17 -11.41 -34.20 -4.90
CA LEU B 17 -11.33 -34.78 -6.24
C LEU B 17 -9.99 -35.48 -6.37
N LYS B 18 -9.96 -36.63 -7.04
CA LYS B 18 -8.72 -37.35 -7.29
C LYS B 18 -8.24 -37.26 -8.74
N LEU B 19 -6.94 -37.04 -8.88
CA LEU B 19 -6.29 -36.94 -10.17
C LEU B 19 -5.64 -38.27 -10.43
N TYR B 20 -5.03 -38.41 -11.60
CA TYR B 20 -4.11 -39.50 -11.89
C TYR B 20 -2.92 -38.93 -12.67
N SER B 21 -1.86 -38.62 -11.95
CA SER B 21 -0.72 -37.91 -12.53
C SER B 21 0.46 -38.82 -12.89
N LEU B 22 0.68 -38.97 -14.20
CA LEU B 22 1.73 -39.82 -14.71
C LEU B 22 2.65 -39.06 -15.67
N ARG B 23 3.91 -39.48 -15.78
CA ARG B 23 4.82 -38.98 -16.84
C ARG B 23 5.34 -40.15 -17.66
N TRP B 24 5.07 -40.12 -18.97
CA TRP B 24 5.60 -41.12 -19.87
C TRP B 24 7.10 -41.07 -19.97
N ILE B 25 7.77 -42.21 -19.70
CA ILE B 25 9.25 -42.31 -19.87
C ILE B 25 9.71 -43.10 -21.11
N SER B 26 8.78 -43.79 -21.76
CA SER B 26 9.07 -44.51 -22.99
C SER B 26 7.84 -44.46 -23.86
N ASP B 27 7.74 -45.38 -24.81
CA ASP B 27 6.55 -45.46 -25.65
C ASP B 27 5.50 -46.38 -25.04
N HIS B 28 5.82 -46.98 -23.90
CA HIS B 28 4.92 -47.93 -23.23
C HIS B 28 5.01 -47.92 -21.73
N GLU B 29 5.89 -47.09 -21.17
CA GLU B 29 6.03 -47.02 -19.72
C GLU B 29 5.87 -45.61 -19.18
N TYR B 30 5.09 -45.50 -18.11
CA TYR B 30 4.95 -44.24 -17.40
C TYR B 30 5.19 -44.44 -15.91
N LEU B 31 5.53 -43.36 -15.21
CA LEU B 31 5.73 -43.39 -13.76
C LEU B 31 4.50 -42.87 -13.02
N TYR B 32 4.04 -43.62 -12.02
CA TYR B 32 3.08 -43.07 -11.06
C TYR B 32 3.64 -43.02 -9.65
N LYS B 33 3.30 -41.98 -8.91
CA LYS B 33 3.65 -41.90 -7.50
C LYS B 33 2.57 -42.58 -6.67
N GLN B 34 2.98 -43.34 -5.65
CA GLN B 34 2.05 -44.01 -4.73
C GLN B 34 2.51 -44.01 -3.26
N GLU B 35 1.76 -43.31 -2.43
CA GLU B 35 2.05 -43.18 -0.99
C GLU B 35 3.33 -42.42 -0.74
N ASN B 36 4.42 -42.88 -1.34
CA ASN B 36 5.65 -42.11 -1.50
C ASN B 36 6.60 -42.83 -2.45
N ASN B 37 6.10 -43.92 -3.02
CA ASN B 37 6.86 -44.77 -3.92
C ASN B 37 6.58 -44.38 -5.36
N ILE B 38 7.63 -44.37 -6.18
CA ILE B 38 7.46 -44.10 -7.60
C ILE B 38 7.45 -45.44 -8.30
N LEU B 39 6.30 -45.81 -8.87
CA LEU B 39 6.16 -47.07 -9.62
C LEU B 39 6.41 -46.82 -11.08
N VAL B 40 6.45 -47.88 -11.86
CA VAL B 40 6.51 -47.80 -13.32
C VAL B 40 5.52 -48.81 -13.89
N PHE B 41 4.44 -48.32 -14.49
CA PHE B 41 3.38 -49.18 -15.03
C PHE B 41 3.70 -49.48 -16.49
N ASN B 42 3.94 -50.75 -16.79
CA ASN B 42 4.08 -51.16 -18.16
C ASN B 42 2.68 -51.30 -18.76
N ALA B 43 2.39 -50.46 -19.75
CA ALA B 43 1.08 -50.46 -20.41
C ALA B 43 0.87 -51.70 -21.27
N GLU B 44 1.97 -52.30 -21.72
CA GLU B 44 1.97 -53.48 -22.60
C GLU B 44 1.33 -54.70 -21.93
N TYR B 45 1.84 -55.08 -20.75
CA TYR B 45 1.27 -56.21 -19.99
C TYR B 45 0.28 -55.78 -18.91
N GLY B 46 0.66 -54.78 -18.11
CA GLY B 46 -0.18 -54.35 -17.02
C GLY B 46 0.58 -54.50 -15.72
N ASN B 47 1.70 -55.22 -15.78
CA ASN B 47 2.59 -55.37 -14.62
C ASN B 47 3.24 -54.04 -14.23
N SER B 48 3.38 -53.82 -12.93
CA SER B 48 3.97 -52.60 -12.40
C SER B 48 5.04 -52.93 -11.39
N SER B 49 6.10 -52.12 -11.36
CA SER B 49 7.27 -52.41 -10.54
C SER B 49 7.67 -51.20 -9.71
N VAL B 50 8.13 -51.45 -8.49
CA VAL B 50 8.71 -50.39 -7.69
C VAL B 50 9.95 -49.89 -8.44
N PHE B 51 9.88 -48.64 -8.91
CA PHE B 51 11.05 -47.98 -9.50
C PHE B 51 11.82 -47.20 -8.43
N LEU B 52 11.10 -46.60 -7.49
CA LEU B 52 11.74 -45.91 -6.38
C LEU B 52 10.89 -45.98 -5.13
N GLU B 53 11.55 -46.25 -4.00
CA GLU B 53 10.89 -46.63 -2.76
C GLU B 53 10.73 -45.47 -1.79
N ASN B 54 9.55 -45.37 -1.17
CA ASN B 54 9.26 -44.25 -0.26
C ASN B 54 10.39 -43.91 0.74
N SER B 55 11.08 -44.93 1.22
CA SER B 55 12.12 -44.77 2.25
C SER B 55 13.51 -44.48 1.68
N THR B 56 13.64 -44.34 0.36
CA THR B 56 14.96 -44.12 -0.27
C THR B 56 15.62 -42.80 0.17
N PHE B 57 14.84 -41.84 0.67
CA PHE B 57 15.37 -40.52 1.05
C PHE B 57 15.05 -40.04 2.48
N ASP B 58 14.91 -40.98 3.40
CA ASP B 58 14.58 -40.65 4.80
C ASP B 58 15.74 -39.95 5.48
N GLU B 59 16.95 -40.29 5.08
CA GLU B 59 18.14 -39.65 5.61
C GLU B 59 18.60 -38.53 4.69
N PHE B 60 17.83 -38.27 3.63
CA PHE B 60 18.15 -37.17 2.70
C PHE B 60 18.27 -35.80 3.42
N GLY B 61 17.50 -35.63 4.49
CA GLY B 61 17.62 -34.46 5.37
C GLY B 61 16.86 -33.20 4.97
N HIS B 62 16.30 -33.22 3.76
CA HIS B 62 15.52 -32.08 3.22
C HIS B 62 14.18 -32.53 2.73
N SER B 63 13.16 -31.69 2.92
CA SER B 63 11.88 -31.96 2.30
C SER B 63 12.03 -31.75 0.78
N ILE B 64 11.64 -32.77 0.01
CA ILE B 64 11.82 -32.74 -1.44
C ILE B 64 10.59 -32.16 -2.14
N ASN B 65 10.76 -30.99 -2.75
CA ASN B 65 9.66 -30.33 -3.45
C ASN B 65 9.35 -31.00 -4.78
N ASP B 66 10.38 -31.26 -5.59
CA ASP B 66 10.17 -32.00 -6.85
C ASP B 66 11.34 -32.90 -7.28
N TYR B 67 11.03 -33.84 -8.17
CA TYR B 67 12.05 -34.70 -8.79
C TYR B 67 11.97 -34.66 -10.33
N SER B 68 13.11 -34.92 -10.98
CA SER B 68 13.14 -35.09 -12.42
C SER B 68 14.09 -36.23 -12.77
N ILE B 69 13.56 -37.24 -13.45
CA ILE B 69 14.35 -38.40 -13.88
C ILE B 69 14.90 -38.19 -15.30
N SER B 70 16.22 -38.33 -15.46
CA SER B 70 16.86 -38.28 -16.79
C SER B 70 16.25 -39.33 -17.73
N PRO B 71 16.01 -38.95 -19.00
CA PRO B 71 15.20 -39.81 -19.89
C PRO B 71 15.74 -41.23 -20.00
N ASP B 72 17.07 -41.39 -19.96
CA ASP B 72 17.77 -42.68 -20.04
C ASP B 72 17.84 -43.43 -18.70
N GLY B 73 16.99 -43.01 -17.76
CA GLY B 73 16.81 -43.71 -16.48
C GLY B 73 17.99 -43.77 -15.52
N GLN B 74 19.07 -43.06 -15.84
CA GLN B 74 20.33 -43.21 -15.10
C GLN B 74 20.51 -42.31 -13.88
N PHE B 75 19.82 -41.17 -13.87
CA PHE B 75 19.93 -40.22 -12.77
C PHE B 75 18.56 -39.70 -12.41
N ILE B 76 18.44 -39.23 -11.17
CA ILE B 76 17.24 -38.50 -10.74
C ILE B 76 17.63 -37.15 -10.11
N LEU B 77 16.94 -36.11 -10.57
CA LEU B 77 17.18 -34.75 -10.14
C LEU B 77 16.32 -34.48 -8.91
N LEU B 78 16.91 -33.88 -7.89
CA LEU B 78 16.13 -33.64 -6.68
C LEU B 78 15.99 -32.17 -6.33
N GLU B 79 14.82 -31.62 -6.63
CA GLU B 79 14.48 -30.24 -6.32
C GLU B 79 13.92 -30.10 -4.91
N TYR B 80 14.60 -29.28 -4.12
CA TYR B 80 14.18 -28.95 -2.78
C TYR B 80 14.50 -27.47 -2.58
N ASN B 81 14.08 -26.91 -1.44
CA ASN B 81 14.28 -25.50 -1.16
C ASN B 81 13.61 -24.60 -2.20
N TYR B 82 12.40 -24.98 -2.57
CA TYR B 82 11.61 -24.24 -3.56
C TYR B 82 11.21 -22.91 -2.96
N VAL B 83 11.16 -21.87 -3.78
CA VAL B 83 10.90 -20.49 -3.34
C VAL B 83 10.29 -19.75 -4.52
N LYS B 84 8.94 -19.71 -4.58
CA LYS B 84 8.21 -19.07 -5.69
C LYS B 84 8.65 -17.62 -5.94
N GLN B 85 8.70 -17.27 -7.24
CA GLN B 85 8.91 -15.90 -7.65
C GLN B 85 7.64 -15.32 -8.26
N TRP B 86 7.51 -15.37 -9.57
CA TRP B 86 6.27 -14.94 -10.20
C TRP B 86 5.36 -16.11 -10.45
N ARG B 87 4.61 -16.05 -11.54
CA ARG B 87 3.61 -17.06 -11.78
C ARG B 87 4.17 -18.47 -12.00
N HIS B 88 5.21 -18.60 -12.83
CA HIS B 88 5.81 -19.91 -13.11
C HIS B 88 7.22 -19.98 -12.60
N SER B 89 7.86 -18.82 -12.47
CA SER B 89 9.23 -18.75 -11.99
C SER B 89 9.37 -19.11 -10.51
N TYR B 90 10.55 -19.61 -10.17
CA TYR B 90 11.02 -19.82 -8.79
C TYR B 90 12.51 -20.15 -8.77
N THR B 91 13.08 -20.19 -7.58
CA THR B 91 14.44 -20.66 -7.41
C THR B 91 14.43 -21.91 -6.50
N ALA B 92 15.52 -22.66 -6.50
CA ALA B 92 15.61 -23.89 -5.71
C ALA B 92 17.05 -24.35 -5.58
N SER B 93 17.26 -25.39 -4.80
CA SER B 93 18.52 -26.11 -4.77
C SER B 93 18.31 -27.49 -5.34
N TYR B 94 19.38 -28.11 -5.83
CA TYR B 94 19.31 -29.40 -6.54
C TYR B 94 20.44 -30.34 -6.20
N ASP B 95 20.08 -31.57 -5.79
CA ASP B 95 21.02 -32.67 -5.64
C ASP B 95 20.74 -33.69 -6.73
N ILE B 96 21.80 -34.30 -7.25
CA ILE B 96 21.63 -35.39 -8.22
C ILE B 96 21.97 -36.75 -7.62
N TYR B 97 21.07 -37.70 -7.80
CA TYR B 97 21.24 -39.03 -7.27
C TYR B 97 21.51 -40.00 -8.42
N ASP B 98 22.55 -40.81 -8.28
CA ASP B 98 22.92 -41.83 -9.26
C ASP B 98 22.12 -43.11 -9.02
N LEU B 99 21.36 -43.52 -10.04
CA LEU B 99 20.49 -44.70 -9.96
C LEU B 99 21.20 -46.02 -10.27
N ASN B 100 22.14 -45.98 -11.23
CA ASN B 100 23.03 -47.10 -11.52
C ASN B 100 23.71 -47.57 -10.26
N LYS B 101 24.37 -46.63 -9.57
CA LYS B 101 24.90 -46.84 -8.22
C LYS B 101 23.78 -46.56 -7.21
N ARG B 102 24.14 -46.00 -6.06
CA ARG B 102 23.17 -45.51 -5.09
C ARG B 102 23.83 -44.40 -4.30
N GLN B 103 24.27 -43.37 -5.00
CA GLN B 103 25.01 -42.29 -4.36
C GLN B 103 24.61 -40.90 -4.85
N LEU B 104 24.55 -39.95 -3.91
CA LEU B 104 24.36 -38.54 -4.27
C LEU B 104 25.71 -37.94 -4.70
N ILE B 105 25.80 -37.53 -5.97
CA ILE B 105 26.99 -36.86 -6.53
C ILE B 105 27.49 -35.66 -5.69
N THR B 106 28.68 -35.73 -5.12
CA THR B 106 29.16 -34.62 -4.26
C THR B 106 30.15 -33.71 -4.96
N GLU B 107 30.58 -34.11 -6.15
CA GLU B 107 31.49 -33.29 -6.93
C GLU B 107 30.68 -32.39 -7.84
N GLU B 108 31.16 -31.15 -8.01
CA GLU B 108 30.60 -30.21 -9.00
C GLU B 108 29.06 -30.15 -8.98
N ARG B 109 28.50 -29.89 -7.80
CA ARG B 109 27.04 -29.90 -7.58
C ARG B 109 26.37 -28.68 -8.19
N ILE B 110 25.07 -28.79 -8.48
CA ILE B 110 24.29 -27.66 -9.00
C ILE B 110 24.09 -26.63 -7.89
N PRO B 111 24.41 -25.34 -8.16
CA PRO B 111 24.52 -24.36 -7.07
C PRO B 111 23.18 -24.06 -6.40
N ASN B 112 23.24 -23.61 -5.16
CA ASN B 112 22.07 -23.12 -4.46
C ASN B 112 21.48 -21.95 -5.27
N ASN B 113 20.16 -21.75 -5.19
CA ASN B 113 19.54 -20.60 -5.83
C ASN B 113 19.50 -20.68 -7.36
N THR B 114 19.21 -21.86 -7.88
CA THR B 114 19.22 -22.02 -9.32
C THR B 114 17.87 -21.63 -9.91
N GLN B 115 17.90 -20.89 -11.02
CA GLN B 115 16.69 -20.39 -11.64
C GLN B 115 15.96 -21.44 -12.46
N TRP B 116 16.71 -22.27 -13.19
CA TRP B 116 16.09 -23.31 -14.04
C TRP B 116 17.01 -24.47 -14.22
N VAL B 117 16.43 -25.67 -14.37
CA VAL B 117 17.21 -26.88 -14.60
C VAL B 117 16.48 -27.82 -15.55
N THR B 118 17.23 -28.48 -16.45
CA THR B 118 16.60 -29.43 -17.37
C THR B 118 17.58 -30.43 -18.01
N TRP B 119 17.20 -31.71 -18.03
CA TRP B 119 17.92 -32.73 -18.81
C TRP B 119 17.82 -32.46 -20.27
N SER B 120 18.77 -32.99 -21.05
CA SER B 120 18.57 -33.11 -22.50
C SER B 120 17.51 -34.20 -22.73
N PRO B 121 16.80 -34.16 -23.89
CA PRO B 121 15.62 -35.02 -24.12
C PRO B 121 15.99 -36.49 -24.24
N VAL B 122 17.26 -36.74 -24.53
CA VAL B 122 17.83 -38.06 -24.69
C VAL B 122 19.07 -38.03 -23.80
N GLY B 123 19.39 -39.14 -23.16
CA GLY B 123 20.63 -39.24 -22.41
C GLY B 123 20.50 -38.60 -21.04
N HIS B 124 21.44 -37.74 -20.69
CA HIS B 124 21.52 -37.18 -19.32
C HIS B 124 22.41 -35.96 -19.18
N LYS B 125 22.37 -35.07 -20.18
CA LYS B 125 23.05 -33.78 -20.07
C LYS B 125 22.17 -32.86 -19.25
N LEU B 126 22.80 -31.90 -18.59
CA LEU B 126 22.04 -30.89 -17.87
C LEU B 126 22.32 -29.51 -18.41
N ALA B 127 21.26 -28.77 -18.70
CA ALA B 127 21.36 -27.32 -18.84
C ALA B 127 20.78 -26.70 -17.56
N TYR B 128 21.45 -25.70 -17.01
CA TYR B 128 20.93 -25.00 -15.84
C TYR B 128 21.30 -23.51 -15.77
N VAL B 129 20.30 -22.65 -15.56
CA VAL B 129 20.53 -21.20 -15.45
C VAL B 129 20.74 -20.81 -13.99
N TRP B 130 21.61 -19.84 -13.76
CA TRP B 130 22.06 -19.48 -12.42
C TRP B 130 22.74 -18.15 -12.57
N ASN B 131 22.48 -17.26 -11.63
CA ASN B 131 22.75 -15.84 -11.76
C ASN B 131 22.53 -15.28 -13.16
N ASN B 132 21.43 -15.72 -13.79
CA ASN B 132 21.01 -15.19 -15.09
C ASN B 132 21.82 -15.73 -16.26
N ASP B 133 22.68 -16.70 -15.96
CA ASP B 133 23.63 -17.27 -16.92
C ASP B 133 23.46 -18.76 -17.08
N ILE B 134 23.61 -19.23 -18.32
CA ILE B 134 23.51 -20.66 -18.67
C ILE B 134 24.79 -21.46 -18.38
N TYR B 135 24.62 -22.72 -17.99
CA TYR B 135 25.70 -23.64 -17.66
C TYR B 135 25.29 -25.03 -18.17
N VAL B 136 26.21 -25.74 -18.84
CA VAL B 136 25.94 -27.13 -19.26
C VAL B 136 26.78 -28.17 -18.51
N LYS B 137 26.17 -29.33 -18.25
CA LYS B 137 26.82 -30.44 -17.57
C LYS B 137 26.53 -31.78 -18.25
N ILE B 138 27.55 -32.26 -18.97
CA ILE B 138 27.47 -33.48 -19.76
C ILE B 138 27.39 -34.70 -18.86
N GLU B 139 28.12 -34.65 -17.75
CA GLU B 139 28.04 -35.72 -16.74
C GLU B 139 27.91 -35.13 -15.34
N PRO B 140 26.85 -35.52 -14.60
CA PRO B 140 26.56 -35.14 -13.21
C PRO B 140 27.75 -34.78 -12.30
N ASN B 141 28.88 -35.48 -12.42
CA ASN B 141 30.02 -35.26 -11.54
C ASN B 141 31.12 -34.37 -12.09
N LEU B 142 31.01 -34.02 -13.38
CA LEU B 142 32.03 -33.21 -14.09
C LEU B 142 31.76 -31.70 -14.04
N PRO B 143 32.83 -30.88 -14.11
CA PRO B 143 32.70 -29.43 -14.21
C PRO B 143 31.70 -28.98 -15.27
N SER B 144 31.12 -27.81 -15.05
CA SER B 144 30.07 -27.27 -15.90
C SER B 144 30.58 -26.20 -16.85
N TYR B 145 30.18 -26.29 -18.11
CA TYR B 145 30.66 -25.34 -19.13
C TYR B 145 29.75 -24.13 -19.17
N ARG B 146 30.26 -23.03 -18.63
CA ARG B 146 29.52 -21.78 -18.60
C ARG B 146 29.34 -21.14 -20.00
N ILE B 147 28.19 -21.41 -20.62
CA ILE B 147 27.87 -20.85 -21.92
C ILE B 147 27.80 -19.32 -22.00
N THR B 148 27.14 -18.66 -21.04
CA THR B 148 26.96 -17.19 -21.10
C THR B 148 27.70 -16.41 -19.99
N TRP B 149 28.05 -15.16 -20.30
CA TRP B 149 28.89 -14.32 -19.41
C TRP B 149 28.28 -12.99 -19.08
N THR B 150 27.17 -12.68 -19.75
CA THR B 150 26.61 -11.35 -19.79
C THR B 150 25.47 -11.14 -18.79
N GLY B 151 25.00 -12.24 -18.17
CA GLY B 151 23.90 -12.21 -17.20
C GLY B 151 24.06 -11.25 -16.03
N LYS B 152 23.00 -10.49 -15.77
CA LYS B 152 23.01 -9.41 -14.78
C LYS B 152 21.61 -9.13 -14.27
N GLU B 153 21.44 -9.25 -12.95
CA GLU B 153 20.15 -9.12 -12.27
C GLU B 153 19.27 -8.00 -12.79
N ASP B 154 18.03 -8.36 -13.13
CA ASP B 154 17.02 -7.43 -13.59
C ASP B 154 17.39 -6.70 -14.86
N ILE B 155 18.52 -7.06 -15.46
CA ILE B 155 18.92 -6.47 -16.74
C ILE B 155 19.10 -7.47 -17.89
N ILE B 156 19.98 -8.45 -17.71
CA ILE B 156 20.21 -9.44 -18.77
C ILE B 156 19.70 -10.83 -18.37
N TYR B 157 18.89 -11.42 -19.24
CA TYR B 157 18.32 -12.72 -18.92
C TYR B 157 18.79 -13.71 -19.96
N ASN B 158 19.63 -14.66 -19.54
CA ASN B 158 20.09 -15.73 -20.42
C ASN B 158 19.42 -17.06 -20.06
N GLY B 159 18.62 -17.57 -20.99
CA GLY B 159 17.93 -18.86 -20.79
C GLY B 159 16.71 -18.83 -19.89
N ILE B 160 16.35 -17.62 -19.44
CA ILE B 160 15.15 -17.35 -18.66
C ILE B 160 14.47 -16.08 -19.15
N THR B 161 13.15 -16.06 -19.03
CA THR B 161 12.31 -14.95 -19.40
C THR B 161 12.33 -13.90 -18.30
N ASP B 162 12.28 -12.64 -18.71
CA ASP B 162 12.01 -11.54 -17.81
C ASP B 162 10.51 -11.59 -17.48
N TRP B 163 10.05 -10.71 -16.57
CA TRP B 163 8.66 -10.72 -16.12
C TRP B 163 7.63 -10.81 -17.21
N VAL B 164 7.74 -9.91 -18.18
CA VAL B 164 6.69 -9.76 -19.16
C VAL B 164 6.66 -10.96 -20.13
N TYR B 165 7.84 -11.54 -20.39
CA TYR B 165 7.93 -12.69 -21.31
C TYR B 165 7.43 -13.95 -20.64
N GLU B 166 7.75 -14.08 -19.35
CA GLU B 166 7.23 -15.18 -18.52
C GLU B 166 5.69 -15.22 -18.55
N GLU B 167 5.07 -14.09 -18.20
CA GLU B 167 3.63 -14.04 -17.95
C GLU B 167 2.80 -14.00 -19.19
N GLU B 168 3.28 -13.30 -20.22
CA GLU B 168 2.44 -12.92 -21.34
C GLU B 168 2.78 -13.57 -22.66
N VAL B 169 3.95 -14.21 -22.75
CA VAL B 169 4.43 -14.82 -24.01
C VAL B 169 4.61 -16.34 -23.89
N PHE B 170 5.70 -16.77 -23.26
CA PHE B 170 6.09 -18.18 -23.20
C PHE B 170 5.38 -19.02 -22.15
N SER B 171 4.68 -18.34 -21.23
CA SER B 171 3.96 -18.99 -20.13
C SER B 171 4.77 -19.96 -19.27
N ALA B 172 6.07 -19.70 -19.16
CA ALA B 172 6.97 -20.49 -18.34
C ALA B 172 8.11 -19.59 -17.99
N TYR B 173 8.99 -20.06 -17.11
CA TYR B 173 10.17 -19.27 -16.76
C TYR B 173 11.35 -19.49 -17.71
N SER B 174 11.42 -20.72 -18.24
CA SER B 174 12.55 -21.18 -19.02
C SER B 174 12.52 -20.66 -20.44
N ALA B 175 13.63 -20.03 -20.81
CA ALA B 175 13.86 -19.59 -22.18
C ALA B 175 15.03 -20.35 -22.77
N LEU B 176 15.01 -21.68 -22.62
CA LEU B 176 15.84 -22.55 -23.44
C LEU B 176 15.18 -23.80 -24.01
N TRP B 177 15.83 -24.38 -25.02
CA TRP B 177 15.27 -25.46 -25.83
C TRP B 177 16.36 -26.32 -26.40
N TRP B 178 16.43 -27.56 -25.92
CA TRP B 178 17.25 -28.59 -26.52
C TRP B 178 16.81 -28.97 -27.91
N SER B 179 17.76 -29.40 -28.74
CA SER B 179 17.45 -30.06 -30.01
C SER B 179 17.01 -31.51 -29.71
N PRO B 180 16.21 -32.12 -30.60
CA PRO B 180 15.57 -33.41 -30.27
C PRO B 180 16.48 -34.53 -29.74
N ASN B 181 17.77 -34.52 -30.10
CA ASN B 181 18.70 -35.51 -29.56
C ASN B 181 19.66 -35.01 -28.47
N GLY B 182 19.84 -33.69 -28.38
CA GLY B 182 20.68 -33.12 -27.33
C GLY B 182 21.97 -32.50 -27.85
N THR B 183 22.01 -32.21 -29.14
CA THR B 183 23.20 -31.63 -29.74
C THR B 183 23.26 -30.14 -29.46
N PHE B 184 22.14 -29.48 -29.74
CA PHE B 184 22.05 -28.05 -29.69
C PHE B 184 21.21 -27.58 -28.52
N LEU B 185 21.67 -26.51 -27.89
CA LEU B 185 20.91 -25.83 -26.87
C LEU B 185 20.54 -24.43 -27.38
N ALA B 186 19.31 -24.33 -27.87
CA ALA B 186 18.77 -23.04 -28.27
C ALA B 186 18.39 -22.31 -26.99
N TYR B 187 18.70 -21.01 -26.93
CA TYR B 187 18.32 -20.22 -25.77
C TYR B 187 18.10 -18.78 -26.20
N ALA B 188 17.29 -18.05 -25.45
CA ALA B 188 17.01 -16.67 -25.82
C ALA B 188 17.63 -15.72 -24.79
N GLN B 189 17.72 -14.44 -25.15
CA GLN B 189 18.35 -13.46 -24.27
C GLN B 189 17.50 -12.20 -24.18
N PHE B 190 17.32 -11.70 -22.96
CA PHE B 190 16.42 -10.58 -22.73
C PHE B 190 17.16 -9.41 -22.10
N ASN B 191 17.12 -8.28 -22.79
CA ASN B 191 17.76 -7.07 -22.33
C ASN B 191 16.66 -6.15 -21.82
N ASP B 192 16.69 -5.87 -20.52
CA ASP B 192 15.64 -5.11 -19.84
C ASP B 192 16.15 -3.73 -19.46
N THR B 193 17.28 -3.35 -20.05
CA THR B 193 18.00 -2.17 -19.57
C THR B 193 17.13 -0.94 -19.44
N GLU B 194 16.38 -0.61 -20.47
CA GLU B 194 15.62 0.64 -20.45
C GLU B 194 14.13 0.44 -20.14
N VAL B 195 13.77 -0.79 -19.75
CA VAL B 195 12.43 -1.09 -19.28
C VAL B 195 12.26 -0.48 -17.90
N PRO B 196 11.18 0.27 -17.68
CA PRO B 196 10.89 0.92 -16.39
C PRO B 196 10.62 -0.07 -15.20
N LEU B 197 10.91 0.36 -13.98
CA LEU B 197 10.58 -0.47 -12.81
C LEU B 197 9.26 -0.16 -12.11
N ILE B 198 8.48 -1.20 -11.83
CA ILE B 198 7.38 -1.12 -10.88
C ILE B 198 7.96 -1.30 -9.47
N GLU B 199 7.61 -0.42 -8.54
CA GLU B 199 8.16 -0.52 -7.18
C GLU B 199 7.00 -0.57 -6.17
N TYR B 200 6.99 -1.61 -5.37
CA TYR B 200 5.98 -1.76 -4.36
C TYR B 200 6.60 -2.29 -3.07
N SER B 201 5.94 -2.03 -1.94
CA SER B 201 6.38 -2.55 -0.68
C SER B 201 6.04 -4.00 -0.35
N PHE B 202 7.03 -4.66 0.21
CA PHE B 202 6.83 -5.91 0.87
C PHE B 202 7.07 -5.74 2.38
N TYR B 203 6.21 -6.30 3.22
CA TYR B 203 6.21 -5.94 4.65
C TYR B 203 6.88 -6.99 5.50
N SER B 204 6.80 -8.24 5.04
CA SER B 204 7.42 -9.40 5.65
C SER B 204 6.92 -9.74 7.06
N ASP B 205 7.71 -10.50 7.81
CA ASP B 205 7.36 -10.87 9.19
C ASP B 205 7.38 -9.62 10.03
N GLU B 206 6.50 -9.60 11.00
CA GLU B 206 6.46 -8.55 11.99
C GLU B 206 7.87 -8.13 12.43
N SER B 207 8.81 -9.07 12.44
CA SER B 207 10.21 -8.78 12.79
C SER B 207 10.82 -7.68 11.91
N LEU B 208 10.69 -7.82 10.58
CA LEU B 208 11.29 -6.86 9.65
C LEU B 208 10.90 -5.40 9.95
N GLN B 209 11.90 -4.59 10.25
CA GLN B 209 11.64 -3.23 10.77
C GLN B 209 11.41 -2.17 9.69
N TYR B 210 12.12 -2.27 8.57
CA TYR B 210 11.81 -1.41 7.45
C TYR B 210 11.23 -2.25 6.32
N PRO B 211 10.09 -1.82 5.76
CA PRO B 211 9.50 -2.59 4.67
C PRO B 211 10.50 -2.59 3.54
N LYS B 212 10.59 -3.70 2.83
CA LYS B 212 11.47 -3.80 1.66
C LYS B 212 10.74 -3.13 0.51
N THR B 213 11.48 -2.49 -0.41
CA THR B 213 10.88 -2.04 -1.67
C THR B 213 11.22 -3.00 -2.79
N VAL B 214 10.20 -3.59 -3.40
CA VAL B 214 10.40 -4.53 -4.49
C VAL B 214 10.42 -3.85 -5.84
N ARG B 215 11.47 -4.12 -6.63
CA ARG B 215 11.66 -3.46 -7.93
C ARG B 215 11.65 -4.47 -9.06
N VAL B 216 10.73 -4.31 -10.01
CA VAL B 216 10.58 -5.26 -11.09
C VAL B 216 10.52 -4.54 -12.45
N PRO B 217 11.33 -4.98 -13.42
CA PRO B 217 11.24 -4.48 -14.78
C PRO B 217 9.94 -4.93 -15.37
N TYR B 218 9.09 -3.95 -15.67
CA TYR B 218 7.71 -4.20 -16.03
C TYR B 218 7.30 -3.09 -17.00
N PRO B 219 7.05 -3.47 -18.25
CA PRO B 219 6.62 -2.50 -19.26
C PRO B 219 5.13 -2.32 -19.21
N LYS B 220 4.66 -1.18 -18.70
CA LYS B 220 3.24 -0.85 -18.79
C LYS B 220 2.87 -0.53 -20.24
N ALA B 221 1.60 -0.24 -20.50
CA ALA B 221 1.17 -0.09 -21.89
C ALA B 221 1.90 1.06 -22.58
N GLY B 222 2.55 0.76 -23.70
CA GLY B 222 3.26 1.77 -24.45
C GLY B 222 4.62 2.17 -23.88
N ALA B 223 5.02 1.55 -22.77
CA ALA B 223 6.39 1.74 -22.23
C ALA B 223 7.51 1.07 -23.05
N VAL B 224 8.75 1.27 -22.64
CA VAL B 224 9.90 0.67 -23.33
C VAL B 224 9.94 -0.82 -23.04
N ASN B 225 9.77 -1.63 -24.09
CA ASN B 225 9.81 -3.11 -23.97
C ASN B 225 11.21 -3.73 -23.74
N PRO B 226 11.25 -4.97 -23.26
CA PRO B 226 12.54 -5.64 -23.32
C PRO B 226 12.85 -5.92 -24.79
N THR B 227 14.11 -6.26 -25.06
CA THR B 227 14.52 -6.66 -26.40
C THR B 227 15.03 -8.06 -26.30
N VAL B 228 14.93 -8.79 -27.41
CA VAL B 228 15.39 -10.17 -27.41
C VAL B 228 16.47 -10.44 -28.47
N LYS B 229 17.40 -11.34 -28.13
CA LYS B 229 18.30 -11.95 -29.10
C LYS B 229 18.23 -13.46 -28.87
N PHE B 230 18.40 -14.22 -29.96
CA PHE B 230 18.37 -15.69 -29.94
C PHE B 230 19.71 -16.31 -30.28
N PHE B 231 20.02 -17.44 -29.67
CA PHE B 231 21.31 -18.07 -29.87
C PHE B 231 21.18 -19.61 -29.90
N VAL B 232 22.12 -20.25 -30.58
CA VAL B 232 22.26 -21.71 -30.54
C VAL B 232 23.70 -22.06 -30.21
N VAL B 233 23.87 -23.15 -29.45
CA VAL B 233 25.18 -23.62 -29.04
C VAL B 233 25.33 -25.10 -29.35
N ASN B 234 26.54 -25.51 -29.75
CA ASN B 234 26.85 -26.92 -29.90
C ASN B 234 27.38 -27.45 -28.58
N THR B 235 26.64 -28.36 -27.98
CA THR B 235 26.91 -28.83 -26.63
C THR B 235 27.99 -29.90 -26.61
N ASP B 236 28.37 -30.36 -27.80
CA ASP B 236 29.35 -31.43 -27.90
C ASP B 236 30.75 -30.86 -27.93
N SER B 237 31.02 -30.02 -28.93
CA SER B 237 32.30 -29.34 -29.08
C SER B 237 32.63 -28.34 -27.95
N LEU B 238 32.55 -28.80 -26.69
CA LEU B 238 32.65 -27.88 -25.56
C LEU B 238 34.02 -27.86 -24.88
N SER B 239 34.86 -26.93 -25.30
CA SER B 239 36.22 -26.78 -24.82
C SER B 239 36.31 -26.58 -23.30
N SER B 240 36.94 -27.53 -22.59
CA SER B 240 37.22 -27.32 -21.16
C SER B 240 38.22 -26.19 -20.98
N VAL B 241 38.43 -25.41 -22.06
CA VAL B 241 39.43 -24.31 -22.10
C VAL B 241 39.13 -23.22 -23.16
N THR B 242 37.88 -23.09 -23.60
CA THR B 242 37.46 -21.94 -24.44
C THR B 242 35.97 -21.59 -24.19
N ASN B 243 35.75 -20.31 -23.87
CA ASN B 243 34.39 -19.76 -23.83
C ASN B 243 33.61 -20.16 -25.08
N ALA B 244 32.68 -21.12 -24.92
CA ALA B 244 31.90 -21.70 -26.02
C ALA B 244 31.24 -20.67 -26.95
N THR B 245 31.16 -20.98 -28.24
CA THR B 245 30.58 -20.05 -29.20
C THR B 245 29.07 -20.22 -29.39
N SER B 246 28.36 -19.14 -29.12
CA SER B 246 26.92 -19.09 -29.29
C SER B 246 26.61 -18.46 -30.65
N ILE B 247 26.06 -19.26 -31.57
CA ILE B 247 25.75 -18.72 -32.89
C ILE B 247 24.41 -18.01 -32.85
N GLN B 248 24.44 -16.69 -32.89
CA GLN B 248 23.19 -15.94 -32.91
C GLN B 248 22.43 -16.09 -34.23
N ILE B 249 21.18 -16.54 -34.16
CA ILE B 249 20.21 -16.26 -35.21
C ILE B 249 19.61 -14.86 -35.01
N THR B 250 19.59 -14.04 -36.05
CA THR B 250 18.93 -12.74 -35.96
C THR B 250 17.52 -12.86 -36.54
N ALA B 251 16.75 -11.80 -36.47
CA ALA B 251 15.36 -11.84 -36.89
C ALA B 251 15.24 -11.49 -38.36
N PRO B 252 14.11 -11.85 -38.98
CA PRO B 252 13.71 -11.28 -40.27
C PRO B 252 13.81 -9.75 -40.30
N ALA B 253 13.90 -9.19 -41.50
CA ALA B 253 14.09 -7.76 -41.65
C ALA B 253 12.76 -7.01 -41.61
N SER B 254 11.66 -7.76 -41.78
CA SER B 254 10.31 -7.19 -41.57
C SER B 254 10.00 -6.98 -40.08
N MET B 255 10.78 -7.65 -39.23
CA MET B 255 10.67 -7.47 -37.81
C MET B 255 11.63 -6.39 -37.33
N LEU B 256 12.82 -6.37 -37.93
CA LEU B 256 13.90 -5.50 -37.44
C LEU B 256 13.66 -4.01 -37.68
N ILE B 257 12.66 -3.70 -38.51
CA ILE B 257 12.22 -2.29 -38.68
C ILE B 257 11.70 -1.71 -37.36
N GLY B 258 10.85 -2.46 -36.66
CA GLY B 258 10.23 -2.01 -35.41
C GLY B 258 10.46 -2.89 -34.19
N ASP B 259 9.71 -2.60 -33.13
CA ASP B 259 9.74 -3.37 -31.89
C ASP B 259 9.17 -4.76 -32.12
N HIS B 260 9.84 -5.79 -31.62
CA HIS B 260 9.33 -7.16 -31.81
C HIS B 260 9.41 -8.04 -30.58
N TYR B 261 8.69 -9.15 -30.62
CA TYR B 261 8.88 -10.17 -29.61
C TYR B 261 9.14 -11.51 -30.31
N LEU B 262 10.06 -12.28 -29.74
CA LEU B 262 10.20 -13.68 -30.11
C LEU B 262 9.00 -14.36 -29.47
N CYS B 263 8.26 -15.18 -30.20
CA CYS B 263 7.03 -15.71 -29.61
C CYS B 263 6.79 -17.21 -29.79
N ASP B 264 7.81 -17.93 -30.22
CA ASP B 264 7.78 -19.39 -30.27
C ASP B 264 9.13 -20.00 -30.68
N VAL B 265 9.45 -21.17 -30.14
CA VAL B 265 10.71 -21.86 -30.45
C VAL B 265 10.44 -23.36 -30.53
N THR B 266 10.27 -23.86 -31.75
CA THR B 266 10.05 -25.28 -31.99
C THR B 266 11.11 -25.87 -32.91
N TRP B 267 11.85 -26.86 -32.40
CA TRP B 267 12.76 -27.68 -33.19
C TRP B 267 11.98 -28.56 -34.12
N ALA B 268 12.48 -28.74 -35.35
CA ALA B 268 11.82 -29.57 -36.36
C ALA B 268 12.53 -30.92 -36.54
N THR B 269 13.85 -30.84 -36.57
CA THR B 269 14.73 -31.98 -36.83
C THR B 269 15.99 -31.75 -36.01
N GLN B 270 16.94 -32.66 -36.16
CA GLN B 270 18.19 -32.59 -35.41
C GLN B 270 19.03 -31.36 -35.75
N GLU B 271 18.74 -30.72 -36.88
CA GLU B 271 19.49 -29.56 -37.36
C GLU B 271 18.62 -28.45 -37.96
N ARG B 272 17.32 -28.51 -37.69
CA ARG B 272 16.37 -27.53 -38.20
C ARG B 272 15.47 -27.00 -37.07
N ILE B 273 15.61 -25.71 -36.78
CA ILE B 273 14.82 -25.05 -35.74
C ILE B 273 13.87 -24.03 -36.34
N SER B 274 12.66 -23.94 -35.80
CA SER B 274 11.72 -22.92 -36.23
C SER B 274 11.52 -21.87 -35.14
N LEU B 275 11.33 -20.64 -35.58
CA LEU B 275 11.12 -19.50 -34.70
C LEU B 275 9.89 -18.78 -35.20
N GLN B 276 9.23 -18.05 -34.31
CA GLN B 276 8.14 -17.20 -34.74
C GLN B 276 8.34 -15.85 -34.12
N TRP B 277 8.18 -14.82 -34.93
CA TRP B 277 8.37 -13.45 -34.47
C TRP B 277 7.09 -12.67 -34.60
N LEU B 278 6.91 -11.75 -33.67
CA LEU B 278 5.70 -10.94 -33.65
C LEU B 278 6.05 -9.47 -33.57
N ARG B 279 5.30 -8.67 -34.32
CA ARG B 279 5.49 -7.23 -34.28
C ARG B 279 4.89 -6.71 -32.99
N ARG B 280 5.45 -5.63 -32.47
CA ARG B 280 4.89 -5.02 -31.28
C ARG B 280 3.40 -4.73 -31.48
N ILE B 281 3.02 -4.23 -32.65
CA ILE B 281 1.62 -4.23 -33.03
C ILE B 281 1.37 -5.68 -33.42
N GLN B 282 0.51 -6.37 -32.67
CA GLN B 282 0.44 -7.83 -32.80
C GLN B 282 -0.55 -8.38 -33.82
N ASN B 283 -0.55 -7.82 -35.03
CA ASN B 283 -1.39 -8.36 -36.12
C ASN B 283 -0.59 -9.03 -37.23
N TYR B 284 0.74 -9.09 -37.03
CA TYR B 284 1.69 -9.56 -38.05
C TYR B 284 2.80 -10.46 -37.48
N SER B 285 2.72 -11.74 -37.80
CA SER B 285 3.70 -12.73 -37.34
C SER B 285 4.50 -13.31 -38.51
N VAL B 286 5.74 -13.71 -38.23
CA VAL B 286 6.60 -14.34 -39.23
C VAL B 286 7.27 -15.55 -38.63
N MET B 287 7.20 -16.67 -39.34
CA MET B 287 7.92 -17.88 -38.96
C MET B 287 9.23 -18.01 -39.74
N ASP B 288 10.31 -18.43 -39.07
CA ASP B 288 11.58 -18.69 -39.75
C ASP B 288 11.96 -20.15 -39.63
N ILE B 289 12.60 -20.70 -40.65
CA ILE B 289 13.14 -22.05 -40.54
C ILE B 289 14.64 -22.02 -40.83
N CYS B 290 15.40 -22.44 -39.83
CA CYS B 290 16.86 -22.27 -39.85
C CYS B 290 17.61 -23.60 -39.84
N ASP B 291 18.42 -23.80 -40.87
CA ASP B 291 19.17 -25.02 -41.04
C ASP B 291 20.59 -24.83 -40.58
N TYR B 292 21.22 -25.92 -40.18
CA TYR B 292 22.62 -25.93 -39.78
C TYR B 292 23.49 -26.18 -40.98
N ASP B 293 24.34 -25.21 -41.31
CA ASP B 293 25.29 -25.40 -42.39
C ASP B 293 26.57 -26.04 -41.84
N GLU B 294 26.71 -27.34 -42.13
CA GLU B 294 27.67 -28.18 -41.42
C GLU B 294 29.12 -27.78 -41.67
N SER B 295 29.35 -27.02 -42.74
CA SER B 295 30.69 -26.56 -43.08
C SER B 295 31.03 -25.23 -42.40
N SER B 296 30.03 -24.35 -42.31
CA SER B 296 30.27 -23.02 -41.74
C SER B 296 30.01 -22.88 -40.24
N GLY B 297 29.40 -23.91 -39.65
CA GLY B 297 28.98 -23.88 -38.26
C GLY B 297 27.94 -22.80 -37.96
N ARG B 298 27.39 -22.20 -39.03
CA ARG B 298 26.42 -21.13 -38.93
C ARG B 298 25.01 -21.67 -39.07
N TRP B 299 24.05 -20.75 -39.06
CA TRP B 299 22.65 -21.10 -39.17
C TRP B 299 22.04 -20.26 -40.25
N ASN B 300 21.23 -20.86 -41.13
CA ASN B 300 20.70 -20.16 -42.30
C ASN B 300 19.20 -20.28 -42.45
N CYS B 301 18.52 -19.14 -42.42
CA CYS B 301 17.06 -19.14 -42.55
C CYS B 301 16.62 -18.60 -43.92
N LEU B 302 16.20 -19.51 -44.79
CA LEU B 302 15.84 -19.15 -46.16
C LEU B 302 14.58 -18.29 -46.22
N VAL B 303 14.73 -17.11 -46.84
CA VAL B 303 13.65 -16.19 -47.17
C VAL B 303 12.49 -16.85 -47.93
N ALA B 304 12.73 -18.05 -48.47
CA ALA B 304 11.68 -18.77 -49.19
C ALA B 304 10.93 -19.71 -48.26
N ARG B 305 11.52 -19.98 -47.09
CA ARG B 305 10.90 -20.87 -46.09
C ARG B 305 10.12 -20.11 -45.02
N GLN B 306 10.07 -18.79 -45.16
CA GLN B 306 9.34 -17.94 -44.26
C GLN B 306 7.85 -18.05 -44.49
N HIS B 307 7.10 -18.15 -43.40
CA HIS B 307 5.64 -18.04 -43.48
C HIS B 307 5.16 -16.88 -42.67
N ILE B 308 4.16 -16.21 -43.23
CA ILE B 308 3.64 -15.00 -42.66
C ILE B 308 2.27 -15.35 -42.11
N GLU B 309 2.00 -14.90 -40.89
CA GLU B 309 0.67 -15.00 -40.31
C GLU B 309 0.23 -13.63 -39.84
N MET B 310 -0.97 -13.26 -40.26
CA MET B 310 -1.46 -11.92 -40.01
C MET B 310 -2.98 -11.91 -39.88
N SER B 311 -3.50 -10.92 -39.17
CA SER B 311 -4.94 -10.76 -39.09
C SER B 311 -5.33 -9.34 -39.45
N THR B 312 -6.52 -9.17 -40.00
CA THR B 312 -6.99 -7.85 -40.36
C THR B 312 -8.11 -7.41 -39.42
N THR B 313 -8.84 -8.38 -38.88
CA THR B 313 -9.92 -8.13 -37.92
C THR B 313 -9.50 -8.13 -36.45
N GLY B 314 -8.24 -8.47 -36.18
CA GLY B 314 -7.72 -8.45 -34.82
C GLY B 314 -6.26 -8.82 -34.72
N TRP B 315 -5.93 -9.61 -33.71
CA TRP B 315 -4.55 -10.03 -33.42
C TRP B 315 -4.34 -11.46 -33.85
N VAL B 316 -3.07 -11.82 -34.04
CA VAL B 316 -2.63 -13.16 -34.46
C VAL B 316 -2.65 -14.15 -33.30
N GLY B 317 -3.33 -15.29 -33.48
CA GLY B 317 -3.38 -16.36 -32.47
C GLY B 317 -4.48 -16.17 -31.44
N ARG B 318 -4.57 -17.08 -30.47
CA ARG B 318 -5.48 -16.87 -29.35
C ARG B 318 -4.86 -15.89 -28.36
N PHE B 319 -3.68 -16.25 -27.82
CA PHE B 319 -2.83 -15.33 -27.04
C PHE B 319 -1.48 -15.10 -27.70
N ARG B 320 -1.11 -16.05 -28.56
CA ARG B 320 0.04 -15.95 -29.44
C ARG B 320 -0.26 -16.83 -30.67
N PRO B 321 0.58 -16.75 -31.73
CA PRO B 321 0.54 -17.76 -32.78
C PRO B 321 0.70 -19.15 -32.19
N SER B 322 0.06 -20.14 -32.83
CA SER B 322 0.14 -21.53 -32.38
C SER B 322 1.49 -22.12 -32.72
N GLU B 323 1.81 -23.25 -32.10
CA GLU B 323 3.09 -23.88 -32.36
C GLU B 323 2.92 -24.83 -33.56
N PRO B 324 3.98 -24.99 -34.35
CA PRO B 324 3.96 -25.97 -35.43
C PRO B 324 4.17 -27.41 -34.93
N HIS B 325 3.72 -28.36 -35.74
CA HIS B 325 3.98 -29.77 -35.52
C HIS B 325 4.56 -30.41 -36.76
N PHE B 326 5.88 -30.56 -36.75
CA PHE B 326 6.65 -31.04 -37.89
C PHE B 326 6.56 -32.56 -38.02
N THR B 327 6.50 -33.03 -39.27
CA THR B 327 6.48 -34.45 -39.61
C THR B 327 7.89 -34.99 -39.47
N LEU B 328 8.02 -36.30 -39.25
CA LEU B 328 9.32 -36.93 -38.93
C LEU B 328 10.54 -36.33 -39.67
N ASP B 329 10.42 -36.22 -41.00
CA ASP B 329 11.49 -35.66 -41.84
C ASP B 329 11.77 -34.17 -41.56
N GLY B 330 10.71 -33.43 -41.26
CA GLY B 330 10.79 -31.99 -40.99
C GLY B 330 10.68 -31.14 -42.24
N ASN B 331 9.88 -31.62 -43.19
CA ASN B 331 9.65 -30.93 -44.47
C ASN B 331 8.25 -30.38 -44.57
N SER B 332 7.41 -30.84 -43.67
CA SER B 332 6.10 -30.26 -43.52
C SER B 332 5.71 -30.16 -42.04
N PHE B 333 4.81 -29.23 -41.76
CA PHE B 333 4.31 -29.06 -40.42
C PHE B 333 2.80 -28.80 -40.43
N TYR B 334 2.17 -29.08 -39.29
CA TYR B 334 0.79 -28.68 -39.06
C TYR B 334 0.74 -27.53 -38.04
N LYS B 335 -0.23 -26.63 -38.21
CA LYS B 335 -0.35 -25.44 -37.38
C LYS B 335 -1.80 -25.02 -37.41
N ILE B 336 -2.30 -24.55 -36.28
CA ILE B 336 -3.70 -24.09 -36.21
C ILE B 336 -3.77 -22.64 -36.69
N ILE B 337 -4.68 -22.34 -37.61
CA ILE B 337 -4.97 -20.94 -37.95
C ILE B 337 -6.46 -20.75 -38.17
N SER B 338 -6.89 -19.50 -38.04
CA SER B 338 -8.26 -19.21 -38.37
C SER B 338 -8.30 -19.13 -39.89
N ASN B 339 -9.32 -19.75 -40.46
CA ASN B 339 -9.55 -19.71 -41.89
C ASN B 339 -10.19 -18.38 -42.30
N GLU B 340 -10.76 -18.34 -43.50
CA GLU B 340 -11.38 -17.14 -44.04
C GLU B 340 -12.66 -16.78 -43.30
N GLU B 341 -13.36 -17.78 -42.78
CA GLU B 341 -14.56 -17.55 -41.97
C GLU B 341 -14.22 -17.35 -40.48
N GLY B 342 -12.92 -17.33 -40.17
CA GLY B 342 -12.45 -16.98 -38.84
C GLY B 342 -12.43 -18.10 -37.82
N TYR B 343 -12.40 -19.35 -38.27
CA TYR B 343 -12.40 -20.48 -37.36
C TYR B 343 -11.07 -21.20 -37.31
N ARG B 344 -10.57 -21.44 -36.09
CA ARG B 344 -9.26 -22.01 -35.89
C ARG B 344 -9.26 -23.48 -36.22
N HIS B 345 -8.63 -23.80 -37.35
CA HIS B 345 -8.49 -25.16 -37.85
C HIS B 345 -7.06 -25.51 -38.20
N ILE B 346 -6.84 -26.77 -38.58
CA ILE B 346 -5.50 -27.27 -38.90
C ILE B 346 -5.15 -26.93 -40.38
N CYS B 347 -3.99 -26.31 -40.58
CA CYS B 347 -3.51 -26.02 -41.92
C CYS B 347 -2.28 -26.86 -42.13
N TYR B 348 -2.17 -27.46 -43.32
CA TYR B 348 -1.01 -28.29 -43.67
C TYR B 348 -0.03 -27.49 -44.51
N PHE B 349 1.20 -27.40 -44.01
CA PHE B 349 2.20 -26.54 -44.61
C PHE B 349 3.34 -27.35 -45.21
N GLN B 350 3.79 -26.94 -46.39
CA GLN B 350 5.06 -27.41 -46.95
C GLN B 350 6.10 -26.32 -46.66
N ILE B 351 7.27 -26.72 -46.16
CA ILE B 351 8.31 -25.77 -45.73
C ILE B 351 8.48 -24.53 -46.60
N ASP B 352 8.55 -24.71 -47.92
CA ASP B 352 8.89 -23.62 -48.85
C ASP B 352 7.72 -23.16 -49.75
N LYS B 353 6.52 -23.68 -49.47
CA LYS B 353 5.31 -23.23 -50.16
C LYS B 353 4.50 -22.26 -49.32
N LYS B 354 4.25 -21.08 -49.89
CA LYS B 354 3.48 -20.02 -49.23
C LYS B 354 2.06 -20.43 -48.80
N ASP B 355 1.38 -21.25 -49.60
CA ASP B 355 0.04 -21.71 -49.25
C ASP B 355 0.04 -22.91 -48.31
N CYS B 356 -1.06 -23.08 -47.58
CA CYS B 356 -1.30 -24.28 -46.81
C CYS B 356 -2.63 -24.89 -47.21
N THR B 357 -2.88 -26.11 -46.75
CA THR B 357 -4.13 -26.80 -47.03
C THR B 357 -4.83 -27.08 -45.70
N PHE B 358 -6.08 -26.60 -45.57
CA PHE B 358 -6.89 -26.89 -44.39
C PHE B 358 -7.33 -28.35 -44.36
N ILE B 359 -7.01 -29.04 -43.28
CA ILE B 359 -7.33 -30.45 -43.15
C ILE B 359 -8.49 -30.67 -42.16
N THR B 360 -9.02 -29.56 -41.65
CA THR B 360 -10.33 -29.50 -40.97
C THR B 360 -11.01 -28.20 -41.40
N LYS B 361 -12.32 -28.20 -41.41
CA LYS B 361 -13.08 -26.95 -41.49
C LYS B 361 -14.36 -27.21 -40.73
N GLY B 362 -15.13 -26.16 -40.49
CA GLY B 362 -16.36 -26.29 -39.72
C GLY B 362 -16.71 -24.99 -39.04
N THR B 363 -17.87 -24.98 -38.39
CA THR B 363 -18.24 -23.85 -37.56
C THR B 363 -17.98 -24.20 -36.10
N TRP B 364 -16.71 -24.50 -35.83
CA TRP B 364 -16.22 -24.85 -34.52
C TRP B 364 -14.72 -24.72 -34.60
N GLU B 365 -14.01 -25.03 -33.52
CA GLU B 365 -12.57 -24.76 -33.50
C GLU B 365 -11.77 -25.94 -33.04
N VAL B 366 -10.61 -26.12 -33.63
CA VAL B 366 -9.60 -27.00 -33.06
C VAL B 366 -9.00 -26.25 -31.87
N ILE B 367 -8.83 -26.97 -30.76
CA ILE B 367 -8.22 -26.41 -29.57
C ILE B 367 -6.70 -26.58 -29.60
N GLY B 368 -6.23 -27.81 -29.86
CA GLY B 368 -4.81 -28.11 -29.94
C GLY B 368 -4.45 -29.42 -30.62
N ILE B 369 -3.30 -29.40 -31.31
CA ILE B 369 -2.68 -30.61 -31.87
C ILE B 369 -1.92 -31.33 -30.76
N GLU B 370 -2.31 -32.58 -30.52
CA GLU B 370 -1.81 -33.31 -29.36
C GLU B 370 -0.69 -34.29 -29.69
N ALA B 371 -0.85 -34.99 -30.82
CA ALA B 371 0.18 -35.92 -31.29
C ALA B 371 0.17 -36.14 -32.80
N LEU B 372 1.32 -36.58 -33.31
CA LEU B 372 1.54 -36.82 -34.74
C LEU B 372 2.35 -38.09 -34.98
N THR B 373 1.76 -39.06 -35.67
CA THR B 373 2.53 -40.21 -36.16
C THR B 373 2.72 -40.13 -37.68
N SER B 374 3.32 -41.16 -38.28
CA SER B 374 3.40 -41.23 -39.74
C SER B 374 2.03 -41.50 -40.37
N ASP B 375 1.07 -41.90 -39.54
CA ASP B 375 -0.26 -42.35 -39.96
C ASP B 375 -1.36 -41.37 -39.58
N TYR B 376 -1.19 -40.79 -38.40
CA TYR B 376 -2.24 -40.02 -37.75
C TYR B 376 -1.79 -38.72 -37.11
N LEU B 377 -2.69 -37.74 -37.13
CA LEU B 377 -2.59 -36.52 -36.33
C LEU B 377 -3.75 -36.53 -35.34
N TYR B 378 -3.45 -36.32 -34.07
CA TYR B 378 -4.49 -36.24 -33.05
C TYR B 378 -4.69 -34.81 -32.56
N TYR B 379 -5.94 -34.37 -32.59
CA TYR B 379 -6.26 -33.01 -32.22
C TYR B 379 -7.48 -32.97 -31.31
N ILE B 380 -7.55 -31.97 -30.44
CA ILE B 380 -8.72 -31.80 -29.58
C ILE B 380 -9.60 -30.68 -30.14
N SER B 381 -10.92 -30.90 -30.15
CA SER B 381 -11.84 -29.89 -30.68
C SER B 381 -13.18 -29.90 -29.98
N ASN B 382 -13.90 -28.79 -30.12
CA ASN B 382 -15.18 -28.61 -29.47
C ASN B 382 -16.29 -28.77 -30.49
N GLU B 383 -16.08 -29.70 -31.41
CA GLU B 383 -17.04 -29.96 -32.49
C GLU B 383 -18.28 -30.73 -32.02
N TYR B 384 -18.04 -31.78 -31.24
CA TYR B 384 -19.09 -32.69 -30.81
C TYR B 384 -20.29 -31.98 -30.22
N LYS B 385 -21.47 -32.39 -30.67
CA LYS B 385 -22.74 -31.74 -30.33
C LYS B 385 -22.78 -30.21 -30.48
N GLY B 386 -21.81 -29.65 -31.21
CA GLY B 386 -21.82 -28.23 -31.53
C GLY B 386 -21.67 -27.32 -30.33
N MET B 387 -21.21 -27.90 -29.22
CA MET B 387 -21.00 -27.18 -27.96
C MET B 387 -19.55 -26.74 -27.83
N PRO B 388 -19.35 -25.42 -27.69
CA PRO B 388 -18.00 -24.89 -27.58
C PRO B 388 -17.42 -25.11 -26.17
N GLY B 389 -18.29 -25.28 -25.18
CA GLY B 389 -17.84 -25.62 -23.83
C GLY B 389 -17.33 -27.05 -23.68
N GLY B 390 -17.41 -27.82 -24.77
CA GLY B 390 -17.00 -29.22 -24.77
C GLY B 390 -15.59 -29.40 -25.30
N ARG B 391 -15.04 -30.60 -25.13
CA ARG B 391 -13.65 -30.83 -25.47
C ARG B 391 -13.37 -32.33 -25.69
N ASN B 392 -13.02 -32.69 -26.92
CA ASN B 392 -12.86 -34.10 -27.33
C ASN B 392 -11.62 -34.49 -28.13
N LEU B 393 -11.21 -35.75 -27.97
CA LEU B 393 -10.11 -36.31 -28.76
C LEU B 393 -10.58 -36.92 -30.07
N TYR B 394 -9.91 -36.52 -31.15
CA TYR B 394 -10.21 -37.02 -32.48
C TYR B 394 -8.89 -37.49 -33.10
N LYS B 395 -8.99 -38.37 -34.10
CA LYS B 395 -7.86 -38.61 -34.99
C LYS B 395 -8.24 -38.42 -36.45
N ILE B 396 -7.30 -37.87 -37.20
CA ILE B 396 -7.49 -37.68 -38.62
C ILE B 396 -6.43 -38.50 -39.34
N GLN B 397 -6.88 -39.20 -40.37
CA GLN B 397 -6.02 -40.05 -41.19
C GLN B 397 -5.14 -39.20 -42.13
N LEU B 398 -3.83 -39.36 -42.02
CA LEU B 398 -2.91 -38.53 -42.77
C LEU B 398 -3.02 -38.76 -44.27
N SER B 399 -3.24 -40.01 -44.65
CA SER B 399 -3.50 -40.39 -46.04
C SER B 399 -4.91 -40.00 -46.54
N ASP B 400 -5.85 -39.79 -45.64
CA ASP B 400 -7.22 -39.43 -46.03
C ASP B 400 -7.91 -38.40 -45.11
N TYR B 401 -7.87 -37.12 -45.54
CA TYR B 401 -8.35 -36.00 -44.72
C TYR B 401 -9.86 -36.02 -44.44
N THR B 402 -10.60 -36.91 -45.09
CA THR B 402 -12.02 -37.05 -44.81
C THR B 402 -12.29 -38.23 -43.86
N LYS B 403 -11.24 -38.86 -43.35
CA LYS B 403 -11.40 -39.99 -42.43
C LYS B 403 -11.06 -39.61 -40.97
N VAL B 404 -12.05 -38.98 -40.33
CA VAL B 404 -11.91 -38.49 -38.96
C VAL B 404 -12.72 -39.38 -38.02
N THR B 405 -12.07 -39.90 -36.99
CA THR B 405 -12.71 -40.67 -35.92
C THR B 405 -12.71 -39.87 -34.61
N CYS B 406 -13.84 -39.83 -33.91
CA CYS B 406 -13.83 -39.29 -32.56
C CYS B 406 -13.60 -40.41 -31.54
N LEU B 407 -12.46 -40.34 -30.86
CA LEU B 407 -12.06 -41.38 -29.91
C LEU B 407 -12.75 -41.33 -28.52
N SER B 408 -13.38 -40.20 -28.19
CA SER B 408 -13.87 -39.97 -26.82
C SER B 408 -15.36 -39.67 -26.74
N CYS B 409 -15.88 -38.98 -27.76
CA CYS B 409 -17.28 -38.58 -27.87
C CYS B 409 -18.26 -39.54 -27.19
N GLU B 410 -18.09 -40.84 -27.43
CA GLU B 410 -19.07 -41.87 -27.07
C GLU B 410 -18.66 -42.73 -25.88
N LEU B 411 -17.42 -42.56 -25.41
CA LEU B 411 -16.93 -43.33 -24.25
C LEU B 411 -17.84 -43.34 -23.01
N ASN B 412 -18.60 -42.26 -22.79
CA ASN B 412 -19.46 -42.13 -21.61
C ASN B 412 -20.48 -40.99 -21.65
N PRO B 413 -21.11 -40.77 -22.81
CA PRO B 413 -21.77 -39.51 -23.16
C PRO B 413 -22.23 -38.62 -22.00
N GLU B 414 -22.90 -39.20 -21.01
CA GLU B 414 -23.48 -38.43 -19.90
C GLU B 414 -22.45 -37.93 -18.88
N ARG B 415 -21.55 -38.80 -18.45
CA ARG B 415 -20.55 -38.46 -17.46
C ARG B 415 -19.43 -37.57 -18.02
N CYS B 416 -19.18 -37.65 -19.33
CA CYS B 416 -17.92 -37.19 -19.90
C CYS B 416 -17.96 -36.39 -21.21
N GLN B 417 -17.80 -35.07 -21.09
CA GLN B 417 -17.80 -34.19 -22.27
C GLN B 417 -16.61 -33.19 -22.33
N TYR B 418 -15.66 -33.35 -21.42
CA TYR B 418 -14.48 -32.47 -21.37
C TYR B 418 -13.23 -33.29 -21.21
N TYR B 419 -12.54 -33.52 -22.32
CA TYR B 419 -11.38 -34.40 -22.35
C TYR B 419 -10.08 -33.66 -22.62
N SER B 420 -9.02 -34.11 -21.97
CA SER B 420 -7.67 -33.70 -22.30
C SER B 420 -6.88 -34.99 -22.45
N VAL B 421 -5.76 -34.96 -23.18
CA VAL B 421 -5.04 -36.20 -23.47
C VAL B 421 -3.53 -36.16 -23.27
N SER B 422 -2.96 -37.27 -22.83
CA SER B 422 -1.52 -37.36 -22.63
C SER B 422 -1.00 -38.60 -23.34
N PHE B 423 -0.35 -38.40 -24.49
CA PHE B 423 0.21 -39.50 -25.28
C PHE B 423 1.59 -39.95 -24.78
N SER B 424 1.96 -41.20 -25.07
CA SER B 424 3.30 -41.72 -24.79
C SER B 424 4.20 -41.37 -25.96
N LYS B 425 5.51 -41.59 -25.80
CA LYS B 425 6.45 -41.36 -26.91
C LYS B 425 5.99 -42.14 -28.14
N GLU B 426 6.20 -41.56 -29.32
CA GLU B 426 5.70 -42.13 -30.58
C GLU B 426 4.20 -42.47 -30.62
N ALA B 427 3.45 -42.00 -29.61
CA ALA B 427 1.99 -42.11 -29.56
C ALA B 427 1.48 -43.55 -29.68
N LYS B 428 2.07 -44.44 -28.89
CA LYS B 428 1.61 -45.82 -28.81
C LYS B 428 0.41 -45.94 -27.87
N TYR B 429 0.51 -45.29 -26.71
CA TYR B 429 -0.59 -45.25 -25.73
C TYR B 429 -0.94 -43.83 -25.30
N TYR B 430 -2.20 -43.65 -24.90
CA TYR B 430 -2.63 -42.36 -24.37
C TYR B 430 -3.52 -42.47 -23.13
N GLN B 431 -3.42 -41.48 -22.25
CA GLN B 431 -4.33 -41.30 -21.12
C GLN B 431 -5.42 -40.30 -21.51
N LEU B 432 -6.66 -40.58 -21.14
CA LEU B 432 -7.75 -39.62 -21.31
C LEU B 432 -8.23 -39.08 -19.97
N ARG B 433 -8.17 -37.77 -19.80
CA ARG B 433 -8.72 -37.12 -18.63
C ARG B 433 -10.07 -36.45 -18.92
N CYS B 434 -11.10 -36.95 -18.23
CA CYS B 434 -12.47 -36.44 -18.28
C CYS B 434 -12.66 -35.49 -17.08
N SER B 435 -13.12 -34.26 -17.32
CA SER B 435 -13.15 -33.28 -16.23
C SER B 435 -14.57 -32.87 -15.83
N GLY B 436 -15.54 -33.39 -16.58
CA GLY B 436 -16.96 -33.19 -16.33
C GLY B 436 -17.76 -33.66 -17.52
N PRO B 437 -19.10 -33.50 -17.47
CA PRO B 437 -19.82 -32.83 -16.38
C PRO B 437 -19.97 -33.69 -15.16
N GLY B 438 -19.66 -34.98 -15.29
CA GLY B 438 -19.65 -35.89 -14.15
C GLY B 438 -18.35 -35.81 -13.38
N LEU B 439 -18.12 -36.78 -12.51
CA LEU B 439 -16.88 -36.82 -11.74
C LEU B 439 -15.70 -37.14 -12.67
N PRO B 440 -14.56 -36.47 -12.46
CA PRO B 440 -13.33 -36.79 -13.18
C PRO B 440 -13.08 -38.30 -13.30
N LEU B 441 -12.69 -38.69 -14.52
CA LEU B 441 -12.50 -40.07 -14.91
C LEU B 441 -11.21 -40.23 -15.72
N TYR B 442 -10.28 -41.02 -15.20
CA TYR B 442 -8.97 -41.17 -15.81
C TYR B 442 -8.80 -42.59 -16.36
N THR B 443 -8.63 -42.71 -17.68
CA THR B 443 -8.53 -44.03 -18.34
C THR B 443 -7.32 -44.13 -19.28
N LEU B 444 -6.81 -45.36 -19.44
CA LEU B 444 -5.68 -45.67 -20.35
C LEU B 444 -6.18 -46.27 -21.65
N HIS B 445 -5.44 -46.04 -22.73
CA HIS B 445 -5.87 -46.46 -24.08
C HIS B 445 -4.68 -46.75 -24.93
N SER B 446 -4.77 -47.77 -25.79
CA SER B 446 -3.76 -48.01 -26.83
C SER B 446 -4.21 -47.45 -28.18
N SER B 447 -3.31 -46.74 -28.85
CA SER B 447 -3.60 -46.09 -30.14
C SER B 447 -3.97 -47.10 -31.23
N VAL B 448 -3.31 -48.26 -31.18
CA VAL B 448 -3.34 -49.28 -32.24
C VAL B 448 -4.74 -49.66 -32.75
N ASN B 449 -5.65 -49.94 -31.82
CA ASN B 449 -7.03 -50.31 -32.15
C ASN B 449 -8.05 -49.58 -31.28
N ASP B 450 -7.54 -48.79 -30.33
CA ASP B 450 -8.33 -47.91 -29.45
C ASP B 450 -9.20 -48.67 -28.45
N LYS B 451 -8.68 -49.78 -27.91
CA LYS B 451 -9.38 -50.49 -26.83
C LYS B 451 -9.01 -49.91 -25.45
N GLY B 452 -10.01 -49.80 -24.57
CA GLY B 452 -9.82 -49.18 -23.27
C GLY B 452 -9.20 -50.09 -22.23
N LEU B 453 -7.89 -50.32 -22.32
CA LEU B 453 -7.16 -51.17 -21.36
C LEU B 453 -7.71 -51.11 -19.94
N ARG B 454 -7.49 -50.01 -19.22
CA ARG B 454 -8.03 -49.91 -17.85
C ARG B 454 -8.59 -48.56 -17.43
N VAL B 455 -9.41 -48.60 -16.38
CA VAL B 455 -9.86 -47.42 -15.64
C VAL B 455 -8.87 -47.15 -14.50
N LEU B 456 -8.16 -46.02 -14.59
CA LEU B 456 -7.09 -45.66 -13.65
C LEU B 456 -7.62 -44.95 -12.38
N GLU B 457 -8.74 -44.24 -12.54
CA GLU B 457 -9.39 -43.48 -11.47
C GLU B 457 -10.79 -43.04 -11.90
N ASP B 458 -11.77 -43.29 -11.04
CA ASP B 458 -13.16 -43.00 -11.37
C ASP B 458 -13.83 -42.15 -10.30
N ASN B 459 -13.06 -41.82 -9.25
CA ASN B 459 -13.52 -41.02 -8.10
C ASN B 459 -14.81 -41.54 -7.49
N SER B 460 -14.99 -42.86 -7.53
CA SER B 460 -16.15 -43.49 -6.91
C SER B 460 -16.11 -43.21 -5.40
N ALA B 461 -14.90 -43.23 -4.83
CA ALA B 461 -14.64 -42.82 -3.44
C ALA B 461 -15.38 -41.53 -3.05
N LEU B 462 -15.19 -40.47 -3.84
CA LEU B 462 -15.91 -39.21 -3.69
C LEU B 462 -17.41 -39.39 -3.97
N ASP B 463 -17.73 -40.15 -5.02
CA ASP B 463 -19.13 -40.41 -5.41
C ASP B 463 -19.97 -40.93 -4.24
N LYS B 464 -19.42 -41.90 -3.51
CA LYS B 464 -20.02 -42.41 -2.28
C LYS B 464 -20.34 -41.23 -1.35
N MET B 465 -19.28 -40.50 -0.97
CA MET B 465 -19.32 -39.33 -0.07
C MET B 465 -20.37 -38.23 -0.41
N LEU B 466 -20.68 -38.09 -1.70
CA LEU B 466 -21.49 -36.98 -2.19
C LEU B 466 -22.97 -37.30 -2.27
N GLN B 467 -23.31 -38.59 -2.18
CA GLN B 467 -24.70 -39.03 -2.19
C GLN B 467 -25.37 -38.64 -0.87
N ASN B 468 -24.53 -38.47 0.15
CA ASN B 468 -24.94 -37.94 1.43
C ASN B 468 -25.08 -36.39 1.53
N VAL B 469 -24.80 -35.69 0.42
CA VAL B 469 -24.71 -34.20 0.39
C VAL B 469 -25.57 -33.58 -0.72
N GLN B 470 -26.40 -32.60 -0.37
CA GLN B 470 -27.31 -31.97 -1.34
C GLN B 470 -26.58 -31.12 -2.40
N MET B 471 -25.98 -31.75 -3.41
CA MET B 471 -25.20 -30.98 -4.39
C MET B 471 -26.05 -30.04 -5.22
N PRO B 472 -25.46 -28.97 -5.74
CA PRO B 472 -26.24 -28.22 -6.71
C PRO B 472 -26.13 -28.93 -8.04
N SER B 473 -27.06 -28.66 -8.94
CA SER B 473 -27.01 -29.15 -10.32
C SER B 473 -26.48 -28.06 -11.24
N LYS B 474 -25.96 -28.45 -12.40
CA LYS B 474 -25.39 -27.48 -13.33
C LYS B 474 -26.11 -27.48 -14.67
N LYS B 475 -26.70 -26.34 -15.06
CA LYS B 475 -27.31 -26.22 -16.37
C LYS B 475 -26.40 -25.42 -17.30
N LEU B 476 -26.07 -26.00 -18.45
CA LEU B 476 -25.33 -25.31 -19.50
C LEU B 476 -26.21 -25.21 -20.74
N ASP B 477 -26.41 -23.99 -21.24
CA ASP B 477 -27.33 -23.75 -22.35
C ASP B 477 -26.92 -22.46 -23.06
N PHE B 478 -27.75 -22.01 -24.00
CA PHE B 478 -27.45 -20.80 -24.73
C PHE B 478 -28.70 -19.95 -24.93
N ILE B 479 -28.49 -18.73 -25.40
CA ILE B 479 -29.56 -17.83 -25.80
C ILE B 479 -29.10 -17.02 -27.00
N ILE B 480 -30.03 -16.70 -27.91
CA ILE B 480 -29.67 -15.98 -29.12
C ILE B 480 -29.83 -14.46 -28.92
N LEU B 481 -28.79 -13.68 -29.24
CA LEU B 481 -28.84 -12.22 -29.05
C LEU B 481 -29.09 -11.41 -30.31
N ASN B 482 -28.22 -11.56 -31.32
CA ASN B 482 -28.60 -11.02 -32.63
C ASN B 482 -28.95 -12.18 -33.51
N GLU B 483 -28.02 -12.59 -34.35
CA GLU B 483 -28.21 -13.84 -35.06
C GLU B 483 -27.11 -14.78 -34.61
N THR B 484 -26.58 -14.50 -33.41
CA THR B 484 -25.54 -15.31 -32.76
C THR B 484 -26.01 -15.92 -31.44
N LYS B 485 -25.66 -17.19 -31.25
CA LYS B 485 -25.95 -17.91 -30.01
C LYS B 485 -24.80 -17.75 -29.01
N PHE B 486 -25.13 -17.28 -27.81
CA PHE B 486 -24.15 -17.07 -26.74
C PHE B 486 -24.40 -17.98 -25.56
N TRP B 487 -23.38 -18.71 -25.17
CA TRP B 487 -23.52 -19.71 -24.11
C TRP B 487 -23.43 -19.13 -22.72
N TYR B 488 -24.10 -19.81 -21.79
CA TYR B 488 -24.09 -19.43 -20.38
C TYR B 488 -24.17 -20.72 -19.57
N GLN B 489 -23.85 -20.63 -18.29
CA GLN B 489 -24.04 -21.75 -17.38
C GLN B 489 -24.59 -21.30 -16.04
N MET B 490 -25.55 -22.03 -15.50
CA MET B 490 -26.02 -21.76 -14.15
C MET B 490 -25.64 -22.88 -13.19
N ILE B 491 -25.26 -22.48 -11.98
CA ILE B 491 -25.17 -23.41 -10.88
C ILE B 491 -26.46 -23.19 -10.11
N LEU B 492 -27.29 -24.23 -10.15
CA LEU B 492 -28.63 -24.23 -9.58
C LEU B 492 -28.62 -24.88 -8.20
N PRO B 493 -29.31 -24.24 -7.23
CA PRO B 493 -29.35 -24.76 -5.88
C PRO B 493 -30.10 -26.10 -5.86
N PRO B 494 -29.74 -27.01 -4.95
CA PRO B 494 -30.36 -28.34 -4.95
C PRO B 494 -31.87 -28.21 -4.80
N HIS B 495 -32.61 -29.06 -5.51
CA HIS B 495 -34.09 -29.01 -5.56
C HIS B 495 -34.59 -27.74 -6.20
N PHE B 496 -34.04 -27.43 -7.37
CA PHE B 496 -34.31 -26.13 -7.99
C PHE B 496 -35.77 -25.95 -8.47
N ASP B 497 -36.56 -25.23 -7.68
CA ASP B 497 -37.96 -24.96 -8.02
C ASP B 497 -38.14 -23.80 -9.00
N LYS B 498 -38.32 -24.12 -10.28
CA LYS B 498 -38.42 -23.11 -11.34
C LYS B 498 -39.52 -22.05 -11.15
N SER B 499 -40.35 -22.22 -10.13
CA SER B 499 -41.48 -21.34 -9.93
C SER B 499 -41.18 -20.28 -8.89
N LYS B 500 -40.18 -20.54 -8.04
CA LYS B 500 -39.74 -19.58 -7.03
C LYS B 500 -38.91 -18.46 -7.67
N LYS B 501 -38.51 -17.50 -6.86
CA LYS B 501 -37.65 -16.44 -7.31
C LYS B 501 -36.33 -16.46 -6.52
N TYR B 502 -35.26 -16.96 -7.14
CA TYR B 502 -33.94 -17.07 -6.51
C TYR B 502 -33.09 -15.84 -6.72
N PRO B 503 -32.18 -15.54 -5.76
CA PRO B 503 -31.21 -14.48 -5.98
C PRO B 503 -30.04 -14.98 -6.86
N LEU B 504 -29.63 -14.14 -7.81
CA LEU B 504 -28.57 -14.49 -8.77
C LEU B 504 -27.26 -13.72 -8.56
N LEU B 505 -26.15 -14.44 -8.67
CA LEU B 505 -24.82 -13.87 -8.60
C LEU B 505 -24.11 -14.10 -9.95
N LEU B 506 -23.86 -13.01 -10.65
CA LEU B 506 -23.19 -13.08 -11.92
C LEU B 506 -21.66 -13.14 -11.75
N ASP B 507 -21.12 -14.36 -11.83
CA ASP B 507 -19.69 -14.70 -11.71
C ASP B 507 -19.00 -14.41 -13.06
N VAL B 508 -18.05 -13.46 -13.04
CA VAL B 508 -17.49 -12.80 -14.25
C VAL B 508 -15.99 -13.01 -14.46
N TYR B 509 -15.62 -13.37 -15.70
CA TYR B 509 -14.26 -13.10 -16.19
C TYR B 509 -14.29 -12.19 -17.41
N ALA B 510 -14.73 -12.73 -18.56
CA ALA B 510 -15.10 -11.91 -19.73
C ALA B 510 -13.96 -11.52 -20.66
N GLY B 511 -12.72 -11.73 -20.21
CA GLY B 511 -11.50 -11.38 -20.97
C GLY B 511 -11.38 -12.02 -22.34
N PRO B 512 -10.64 -11.38 -23.26
CA PRO B 512 -10.54 -11.84 -24.65
C PRO B 512 -10.01 -13.26 -24.74
N CYS B 513 -10.86 -14.11 -25.30
CA CYS B 513 -10.65 -15.54 -25.45
C CYS B 513 -10.91 -16.34 -24.15
N SER B 514 -11.79 -15.80 -23.30
CA SER B 514 -12.24 -16.50 -22.10
C SER B 514 -13.28 -17.59 -22.39
N GLN B 515 -13.47 -18.50 -21.44
CA GLN B 515 -14.61 -19.41 -21.44
C GLN B 515 -15.04 -19.73 -20.01
N LYS B 516 -16.05 -19.00 -19.51
CA LYS B 516 -16.65 -19.28 -18.21
C LYS B 516 -17.90 -20.20 -18.28
N ALA B 517 -18.32 -20.55 -19.49
CA ALA B 517 -19.41 -21.55 -19.69
C ALA B 517 -18.90 -22.83 -20.38
N ASP B 518 -18.76 -23.88 -19.58
CA ASP B 518 -18.24 -25.15 -20.07
C ASP B 518 -18.87 -26.32 -19.34
N THR B 519 -18.39 -27.51 -19.64
CA THR B 519 -18.97 -28.73 -19.13
C THR B 519 -18.13 -29.28 -17.97
N VAL B 520 -17.31 -28.42 -17.37
CA VAL B 520 -16.35 -28.90 -16.37
C VAL B 520 -17.02 -29.13 -15.02
N PHE B 521 -16.53 -30.11 -14.26
CA PHE B 521 -17.07 -30.34 -12.94
C PHE B 521 -16.20 -29.66 -11.92
N ARG B 522 -16.79 -28.72 -11.17
CA ARG B 522 -16.05 -27.93 -10.21
C ARG B 522 -16.62 -27.97 -8.79
N LEU B 523 -15.75 -27.99 -7.78
CA LEU B 523 -16.17 -27.77 -6.39
C LEU B 523 -15.47 -26.54 -5.84
N ASN B 524 -16.15 -25.41 -5.97
CA ASN B 524 -15.58 -24.15 -5.56
C ASN B 524 -16.55 -23.38 -4.71
N TRP B 525 -16.34 -22.07 -4.66
CA TRP B 525 -17.18 -21.18 -3.89
C TRP B 525 -18.62 -21.23 -4.33
N ALA B 526 -18.87 -21.36 -5.64
CA ALA B 526 -20.27 -21.29 -6.14
C ALA B 526 -21.06 -22.49 -5.67
N THR B 527 -20.40 -23.66 -5.63
CA THR B 527 -20.98 -24.89 -5.08
C THR B 527 -21.63 -24.57 -3.74
N TYR B 528 -20.87 -23.96 -2.82
CA TYR B 528 -21.39 -23.46 -1.54
C TYR B 528 -22.51 -22.42 -1.66
N LEU B 529 -22.42 -21.51 -2.61
CA LEU B 529 -23.44 -20.45 -2.70
C LEU B 529 -24.80 -20.97 -3.14
N ALA B 530 -24.80 -21.99 -4.00
CA ALA B 530 -26.04 -22.59 -4.43
C ALA B 530 -26.46 -23.63 -3.39
N SER B 531 -25.67 -24.68 -3.23
CA SER B 531 -25.93 -25.72 -2.23
C SER B 531 -26.53 -25.17 -0.94
N THR B 532 -25.78 -24.33 -0.23
CA THR B 532 -26.18 -23.76 1.07
C THR B 532 -26.98 -22.44 1.09
N GLU B 533 -26.65 -21.47 0.26
CA GLU B 533 -27.34 -20.19 0.40
C GLU B 533 -28.43 -20.05 -0.63
N ASN B 534 -28.66 -21.12 -1.37
CA ASN B 534 -29.70 -21.15 -2.41
C ASN B 534 -29.60 -19.94 -3.30
N ILE B 535 -28.40 -19.73 -3.84
CA ILE B 535 -28.12 -18.64 -4.75
C ILE B 535 -27.71 -19.23 -6.11
N ILE B 536 -28.36 -18.76 -7.17
CA ILE B 536 -27.95 -19.09 -8.54
C ILE B 536 -26.66 -18.32 -8.92
N VAL B 537 -25.58 -19.05 -9.19
CA VAL B 537 -24.32 -18.45 -9.65
C VAL B 537 -24.18 -18.66 -11.16
N ALA B 538 -24.43 -17.63 -11.95
CA ALA B 538 -24.39 -17.72 -13.43
C ALA B 538 -23.08 -17.23 -14.05
N SER B 539 -22.82 -17.64 -15.28
CA SER B 539 -21.70 -17.12 -16.06
C SER B 539 -22.13 -17.07 -17.53
N PHE B 540 -21.48 -16.22 -18.32
CA PHE B 540 -21.93 -15.95 -19.67
C PHE B 540 -20.76 -15.55 -20.55
N ASP B 541 -20.59 -16.27 -21.66
CA ASP B 541 -19.50 -16.02 -22.58
C ASP B 541 -20.00 -15.26 -23.80
N GLY B 542 -20.17 -13.94 -23.63
CA GLY B 542 -20.55 -13.03 -24.73
C GLY B 542 -19.37 -12.64 -25.63
N ARG B 543 -19.45 -11.46 -26.24
CA ARG B 543 -18.44 -11.06 -27.20
C ARG B 543 -17.05 -10.99 -26.55
N GLY B 544 -16.01 -11.23 -27.34
CA GLY B 544 -14.64 -11.25 -26.81
C GLY B 544 -14.16 -12.67 -26.50
N SER B 545 -15.11 -13.55 -26.21
CA SER B 545 -14.80 -14.89 -25.71
C SER B 545 -14.33 -15.86 -26.77
N GLY B 546 -13.69 -16.92 -26.30
CA GLY B 546 -12.95 -17.83 -27.18
C GLY B 546 -13.68 -19.05 -27.70
N TYR B 547 -13.03 -19.70 -28.66
CA TYR B 547 -13.41 -21.04 -29.13
C TYR B 547 -14.66 -21.06 -30.00
N GLN B 548 -15.10 -19.89 -30.42
CA GLN B 548 -16.31 -19.77 -31.22
C GLN B 548 -16.04 -18.92 -32.45
N GLY B 549 -14.79 -18.89 -32.89
CA GLY B 549 -14.42 -18.14 -34.10
C GLY B 549 -14.25 -16.65 -33.96
N ASP B 550 -13.33 -16.10 -34.77
CA ASP B 550 -12.93 -14.68 -34.77
C ASP B 550 -14.03 -13.63 -34.78
N LYS B 551 -15.21 -13.94 -35.36
CA LYS B 551 -16.26 -12.92 -35.42
C LYS B 551 -16.65 -12.50 -34.01
N ILE B 552 -16.82 -13.48 -33.12
CA ILE B 552 -17.08 -13.19 -31.71
C ILE B 552 -15.83 -12.68 -31.01
N MET B 553 -14.73 -13.45 -31.01
CA MET B 553 -13.55 -13.09 -30.22
C MET B 553 -12.99 -11.71 -30.57
N HIS B 554 -12.88 -11.39 -31.86
CA HIS B 554 -12.30 -10.10 -32.24
C HIS B 554 -13.23 -8.93 -32.12
N ALA B 555 -14.45 -9.17 -31.67
CA ALA B 555 -15.46 -8.11 -31.55
C ALA B 555 -14.97 -6.96 -30.71
N ILE B 556 -14.10 -7.25 -29.74
CA ILE B 556 -13.61 -6.20 -28.83
C ILE B 556 -12.25 -5.66 -29.22
N ASN B 557 -11.77 -6.01 -30.40
CA ASN B 557 -10.51 -5.47 -30.88
C ASN B 557 -10.51 -3.94 -30.78
N ARG B 558 -9.54 -3.41 -30.04
CA ARG B 558 -9.34 -1.97 -29.81
C ARG B 558 -10.54 -1.36 -29.10
N ARG B 559 -11.29 -2.21 -28.40
CA ARG B 559 -12.53 -1.82 -27.78
C ARG B 559 -12.69 -2.37 -26.36
N LEU B 560 -11.60 -2.63 -25.64
CA LEU B 560 -11.72 -3.32 -24.34
C LEU B 560 -12.59 -2.52 -23.38
N GLY B 561 -13.39 -3.24 -22.60
CA GLY B 561 -14.27 -2.54 -21.68
C GLY B 561 -15.50 -1.95 -22.35
N THR B 562 -15.88 -2.47 -23.50
CA THR B 562 -17.14 -2.08 -24.14
C THR B 562 -18.07 -3.29 -24.26
N PHE B 563 -18.06 -3.97 -25.40
CA PHE B 563 -19.04 -5.05 -25.64
C PHE B 563 -19.06 -6.09 -24.53
N GLU B 564 -17.89 -6.60 -24.13
CA GLU B 564 -17.80 -7.67 -23.12
C GLU B 564 -18.52 -7.27 -21.84
N VAL B 565 -18.39 -5.98 -21.53
CA VAL B 565 -19.02 -5.35 -20.37
C VAL B 565 -20.53 -5.26 -20.54
N GLU B 566 -20.97 -4.77 -21.70
CA GLU B 566 -22.39 -4.57 -22.01
C GLU B 566 -23.14 -5.89 -22.12
N ASP B 567 -22.48 -6.88 -22.72
CA ASP B 567 -23.03 -8.24 -22.85
C ASP B 567 -23.22 -8.90 -21.50
N GLN B 568 -22.41 -8.54 -20.53
CA GLN B 568 -22.57 -9.09 -19.22
C GLN B 568 -23.83 -8.56 -18.56
N ILE B 569 -24.12 -7.27 -18.78
CA ILE B 569 -25.34 -6.64 -18.27
C ILE B 569 -26.53 -7.29 -18.94
N GLU B 570 -26.50 -7.31 -20.27
CA GLU B 570 -27.50 -8.00 -21.07
C GLU B 570 -27.77 -9.43 -20.54
N ALA B 571 -26.74 -10.25 -20.51
CA ALA B 571 -26.82 -11.59 -19.94
C ALA B 571 -27.58 -11.66 -18.63
N ALA B 572 -27.62 -10.56 -17.89
CA ALA B 572 -28.33 -10.52 -16.61
C ALA B 572 -29.79 -10.17 -16.82
N ARG B 573 -30.05 -9.14 -17.63
CA ARG B 573 -31.41 -8.79 -18.02
C ARG B 573 -32.17 -10.06 -18.41
N GLN B 574 -31.57 -10.87 -19.28
CA GLN B 574 -32.15 -12.12 -19.76
C GLN B 574 -32.38 -13.18 -18.67
N PHE B 575 -31.54 -13.22 -17.65
CA PHE B 575 -31.74 -14.24 -16.63
C PHE B 575 -32.96 -13.85 -15.81
N SER B 576 -33.28 -12.56 -15.79
CA SER B 576 -34.50 -12.08 -15.16
C SER B 576 -35.76 -12.45 -15.94
N LYS B 577 -35.69 -12.37 -17.27
CA LYS B 577 -36.77 -12.80 -18.16
C LYS B 577 -37.09 -14.30 -18.10
N MET B 578 -36.28 -15.06 -17.36
CA MET B 578 -36.54 -16.47 -17.12
C MET B 578 -37.40 -16.68 -15.86
N GLY B 579 -37.62 -15.60 -15.12
CA GLY B 579 -38.59 -15.59 -14.03
C GLY B 579 -38.32 -16.41 -12.79
N PHE B 580 -37.22 -17.15 -12.71
CA PHE B 580 -36.84 -17.75 -11.41
C PHE B 580 -35.82 -16.91 -10.62
N VAL B 581 -35.68 -15.63 -11.01
CA VAL B 581 -34.66 -14.72 -10.51
C VAL B 581 -35.33 -13.52 -9.82
N ASP B 582 -35.03 -13.34 -8.54
CA ASP B 582 -35.44 -12.14 -7.81
C ASP B 582 -34.67 -10.96 -8.40
N ASN B 583 -35.29 -10.20 -9.29
CA ASN B 583 -34.61 -9.10 -9.96
C ASN B 583 -34.25 -7.88 -9.09
N LYS B 584 -34.38 -8.03 -7.77
CA LYS B 584 -33.99 -7.02 -6.78
C LYS B 584 -32.81 -7.53 -5.92
N ARG B 585 -32.43 -8.78 -6.17
CA ARG B 585 -31.25 -9.38 -5.56
C ARG B 585 -30.35 -10.05 -6.61
N ILE B 586 -29.85 -9.23 -7.55
CA ILE B 586 -28.80 -9.61 -8.49
C ILE B 586 -27.46 -8.96 -8.15
N ALA B 587 -26.43 -9.80 -7.94
CA ALA B 587 -25.05 -9.33 -7.72
C ALA B 587 -24.08 -9.70 -8.86
N ILE B 588 -22.84 -9.27 -8.72
CA ILE B 588 -21.76 -9.48 -9.73
C ILE B 588 -20.40 -9.56 -9.08
N TRP B 589 -19.56 -10.50 -9.52
CA TRP B 589 -18.21 -10.61 -8.98
C TRP B 589 -17.17 -11.12 -9.95
N GLY B 590 -15.90 -10.76 -9.71
CA GLY B 590 -14.80 -11.07 -10.63
C GLY B 590 -13.39 -10.77 -10.14
N TRP B 591 -12.46 -11.56 -10.66
CA TRP B 591 -11.03 -11.46 -10.34
C TRP B 591 -10.31 -10.99 -11.58
N SER B 592 -9.15 -10.34 -11.42
CA SER B 592 -8.28 -9.98 -12.56
C SER B 592 -9.12 -9.21 -13.61
N TYR B 593 -9.19 -9.72 -14.84
CA TYR B 593 -10.04 -9.09 -15.87
C TYR B 593 -11.48 -8.96 -15.39
N GLY B 594 -11.97 -9.97 -14.66
CA GLY B 594 -13.38 -10.04 -14.25
C GLY B 594 -13.72 -9.00 -13.19
N GLY B 595 -12.71 -8.57 -12.46
CA GLY B 595 -12.91 -7.52 -11.48
C GLY B 595 -13.04 -6.19 -12.17
N TYR B 596 -12.32 -6.06 -13.27
CA TYR B 596 -12.42 -4.90 -14.14
C TYR B 596 -13.85 -4.82 -14.67
N VAL B 597 -14.29 -5.89 -15.33
CA VAL B 597 -15.64 -5.98 -15.89
C VAL B 597 -16.72 -5.78 -14.81
N THR B 598 -16.54 -6.43 -13.66
CA THR B 598 -17.41 -6.19 -12.51
C THR B 598 -17.47 -4.68 -12.18
N SER B 599 -16.31 -4.06 -12.04
CA SER B 599 -16.25 -2.64 -11.73
C SER B 599 -16.87 -1.77 -12.83
N MET B 600 -16.66 -2.16 -14.08
CA MET B 600 -17.14 -1.41 -15.21
C MET B 600 -18.64 -1.43 -15.23
N VAL B 601 -19.19 -2.62 -14.95
CA VAL B 601 -20.64 -2.85 -14.86
C VAL B 601 -21.33 -1.99 -13.77
N LEU B 602 -20.83 -2.04 -12.53
CA LEU B 602 -21.41 -1.22 -11.45
C LEU B 602 -21.32 0.26 -11.83
N GLY B 603 -20.34 0.61 -12.64
CA GLY B 603 -20.14 1.98 -12.99
C GLY B 603 -20.98 2.39 -14.17
N SER B 604 -21.73 1.45 -14.72
CA SER B 604 -22.51 1.76 -15.91
C SER B 604 -23.84 2.43 -15.58
N GLY B 605 -24.25 2.37 -14.31
CA GLY B 605 -25.59 2.84 -13.90
C GLY B 605 -26.73 2.16 -14.63
N SER B 606 -26.52 0.91 -15.05
CA SER B 606 -27.57 0.06 -15.63
C SER B 606 -28.66 -0.31 -14.62
N GLY B 607 -28.44 0.05 -13.35
CA GLY B 607 -29.36 -0.29 -12.27
C GLY B 607 -29.84 -1.73 -12.14
N VAL B 608 -29.36 -2.65 -12.98
CA VAL B 608 -29.71 -4.07 -12.85
C VAL B 608 -29.13 -4.74 -11.58
N PHE B 609 -28.03 -4.19 -11.06
CA PHE B 609 -27.21 -4.88 -10.06
C PHE B 609 -27.22 -4.15 -8.75
N LYS B 610 -27.42 -4.92 -7.67
CA LYS B 610 -27.49 -4.36 -6.32
C LYS B 610 -26.09 -4.13 -5.78
N CYS B 611 -25.22 -5.14 -5.92
CA CYS B 611 -23.86 -5.09 -5.42
C CYS B 611 -22.86 -5.88 -6.26
N GLY B 612 -21.59 -5.76 -5.93
CA GLY B 612 -20.54 -6.44 -6.67
C GLY B 612 -19.24 -6.48 -5.90
N ILE B 613 -18.42 -7.48 -6.20
CA ILE B 613 -17.12 -7.58 -5.59
C ILE B 613 -16.09 -7.60 -6.70
N ALA B 614 -15.12 -6.69 -6.65
CA ALA B 614 -14.02 -6.68 -7.62
C ALA B 614 -12.74 -7.06 -6.91
N VAL B 615 -12.21 -8.23 -7.27
CA VAL B 615 -10.97 -8.69 -6.65
C VAL B 615 -9.80 -8.49 -7.63
N ALA B 616 -8.81 -7.74 -7.17
CA ALA B 616 -7.65 -7.36 -7.97
C ALA B 616 -8.03 -6.96 -9.38
N PRO B 617 -8.86 -5.91 -9.52
CA PRO B 617 -9.27 -5.49 -10.88
C PRO B 617 -8.22 -4.65 -11.55
N VAL B 618 -8.25 -4.63 -12.89
CA VAL B 618 -7.55 -3.62 -13.64
C VAL B 618 -8.48 -2.43 -13.62
N SER B 619 -7.94 -1.23 -13.49
CA SER B 619 -8.79 -0.05 -13.41
C SER B 619 -8.58 0.91 -14.55
N ARG B 620 -7.50 0.71 -15.30
CA ARG B 620 -7.09 1.60 -16.37
C ARG B 620 -6.05 0.85 -17.18
N TRP B 621 -6.26 0.71 -18.49
CA TRP B 621 -5.36 -0.15 -19.29
C TRP B 621 -3.92 0.27 -19.32
N GLU B 622 -3.69 1.57 -19.32
CA GLU B 622 -2.35 2.10 -19.26
C GLU B 622 -1.53 1.56 -18.11
N TYR B 623 -2.16 1.08 -17.02
CA TYR B 623 -1.39 0.52 -15.87
C TYR B 623 -1.01 -0.93 -16.06
N TYR B 624 -1.68 -1.62 -16.99
CA TYR B 624 -1.38 -3.05 -17.18
C TYR B 624 -0.18 -3.22 -18.08
N ASP B 625 0.42 -4.42 -18.10
CA ASP B 625 1.62 -4.63 -18.89
C ASP B 625 1.33 -4.43 -20.37
N SER B 626 2.39 -4.15 -21.14
CA SER B 626 2.27 -3.87 -22.56
C SER B 626 1.89 -5.09 -23.43
N VAL B 627 2.59 -6.20 -23.25
CA VAL B 627 2.33 -7.32 -24.16
C VAL B 627 0.86 -7.71 -24.20
N TYR B 628 0.19 -7.77 -23.04
CA TYR B 628 -1.25 -8.05 -23.01
C TYR B 628 -2.07 -6.88 -23.58
N THR B 629 -1.89 -5.71 -22.95
CA THR B 629 -2.75 -4.56 -23.22
C THR B 629 -2.76 -4.21 -24.68
N GLU B 630 -1.57 -4.07 -25.24
CA GLU B 630 -1.40 -3.72 -26.63
C GLU B 630 -1.99 -4.76 -27.62
N ARG B 631 -1.86 -6.04 -27.29
CA ARG B 631 -2.33 -7.12 -28.13
C ARG B 631 -3.77 -6.83 -28.50
N TYR B 632 -4.48 -6.12 -27.62
CA TYR B 632 -5.90 -5.88 -27.82
C TYR B 632 -6.22 -4.42 -28.12
N MET B 633 -5.43 -3.50 -27.57
CA MET B 633 -5.71 -2.05 -27.66
C MET B 633 -4.74 -1.20 -28.52
N GLY B 634 -3.60 -1.79 -28.92
CA GLY B 634 -2.57 -1.03 -29.63
C GLY B 634 -1.82 -0.04 -28.73
N LEU B 635 -1.24 1.00 -29.30
CA LEU B 635 -0.49 1.93 -28.47
C LEU B 635 -1.37 3.05 -27.95
N PRO B 636 -1.13 3.51 -26.71
CA PRO B 636 -1.89 4.61 -26.10
C PRO B 636 -1.36 6.01 -26.45
N THR B 637 -1.10 6.25 -27.74
CA THR B 637 -0.69 7.55 -28.28
C THR B 637 -1.82 8.06 -29.15
N PRO B 638 -1.96 9.40 -29.28
CA PRO B 638 -3.19 9.96 -29.88
C PRO B 638 -3.33 9.59 -31.34
N GLU B 639 -2.24 9.10 -31.96
CA GLU B 639 -2.30 8.59 -33.33
C GLU B 639 -2.84 7.17 -33.40
N ASP B 640 -2.52 6.32 -32.41
CA ASP B 640 -2.99 4.92 -32.39
C ASP B 640 -4.37 4.77 -31.75
N ASN B 641 -4.44 4.74 -30.42
CA ASN B 641 -5.70 4.37 -29.75
C ASN B 641 -5.92 5.05 -28.41
N LEU B 642 -5.07 6.03 -28.08
CA LEU B 642 -5.17 6.75 -26.80
C LEU B 642 -6.58 7.12 -26.41
N ASP B 643 -7.46 7.26 -27.39
CA ASP B 643 -8.85 7.62 -27.13
C ASP B 643 -9.66 6.55 -26.37
N HIS B 644 -9.60 5.30 -26.83
CA HIS B 644 -10.31 4.21 -26.15
C HIS B 644 -9.64 3.86 -24.85
N TYR B 645 -8.32 4.06 -24.78
CA TYR B 645 -7.60 3.91 -23.52
C TYR B 645 -8.15 4.82 -22.43
N ARG B 646 -8.42 6.07 -22.80
CA ARG B 646 -8.84 7.09 -21.83
C ARG B 646 -10.33 7.00 -21.54
N ASN B 647 -11.04 6.36 -22.44
CA ASN B 647 -12.49 6.27 -22.38
C ASN B 647 -12.96 4.98 -21.65
N SER B 648 -12.04 4.10 -21.27
CA SER B 648 -12.40 2.78 -20.73
C SER B 648 -11.91 2.52 -19.30
N THR B 649 -11.78 3.56 -18.49
CA THR B 649 -11.30 3.37 -17.13
C THR B 649 -12.46 3.20 -16.16
N VAL B 650 -12.22 2.52 -15.05
CA VAL B 650 -13.21 2.41 -13.97
C VAL B 650 -13.41 3.78 -13.28
N MET B 651 -12.37 4.61 -13.29
CA MET B 651 -12.36 5.88 -12.53
C MET B 651 -13.38 6.88 -13.09
N SER B 652 -13.59 6.87 -14.40
CA SER B 652 -14.54 7.84 -14.97
C SER B 652 -15.99 7.46 -14.69
N ARG B 653 -16.24 6.24 -14.27
CA ARG B 653 -17.59 5.83 -13.93
C ARG B 653 -17.78 5.94 -12.43
N ALA B 654 -16.92 6.70 -11.76
CA ALA B 654 -16.93 6.75 -10.30
C ALA B 654 -18.30 7.13 -9.75
N GLU B 655 -18.92 8.14 -10.36
CA GLU B 655 -20.20 8.68 -9.90
C GLU B 655 -21.28 7.62 -9.70
N ASN B 656 -21.48 6.79 -10.71
CA ASN B 656 -22.54 5.77 -10.68
C ASN B 656 -22.46 4.78 -9.53
N PHE B 657 -21.38 4.82 -8.77
CA PHE B 657 -21.23 3.83 -7.75
C PHE B 657 -22.17 4.17 -6.62
N LYS B 658 -22.70 5.39 -6.68
CA LYS B 658 -23.71 5.86 -5.74
C LYS B 658 -24.90 4.91 -5.72
N GLN B 659 -25.22 4.32 -6.87
CA GLN B 659 -26.32 3.39 -6.97
C GLN B 659 -26.03 1.98 -6.45
N VAL B 660 -24.78 1.62 -6.15
CA VAL B 660 -24.44 0.23 -5.79
C VAL B 660 -23.75 0.05 -4.44
N GLU B 661 -23.65 -1.19 -3.99
CA GLU B 661 -22.77 -1.58 -2.86
C GLU B 661 -21.52 -2.28 -3.40
N TYR B 662 -20.34 -1.75 -3.07
CA TYR B 662 -19.11 -2.18 -3.73
C TYR B 662 -18.02 -2.66 -2.77
N LEU B 663 -17.47 -3.83 -3.03
CA LEU B 663 -16.38 -4.36 -2.22
C LEU B 663 -15.15 -4.50 -3.12
N LEU B 664 -14.10 -3.74 -2.81
CA LEU B 664 -12.90 -3.76 -3.62
C LEU B 664 -11.82 -4.41 -2.78
N ILE B 665 -11.22 -5.46 -3.33
CA ILE B 665 -10.24 -6.24 -2.58
C ILE B 665 -8.97 -6.34 -3.40
N HIS B 666 -7.81 -6.07 -2.79
CA HIS B 666 -6.51 -6.15 -3.50
C HIS B 666 -5.35 -6.57 -2.63
N GLY B 667 -4.47 -7.42 -3.18
CA GLY B 667 -3.23 -7.81 -2.48
C GLY B 667 -2.12 -6.79 -2.68
N THR B 668 -1.48 -6.37 -1.60
CA THR B 668 -0.53 -5.28 -1.67
C THR B 668 0.71 -5.60 -2.49
N ALA B 669 0.99 -6.88 -2.67
CA ALA B 669 2.25 -7.29 -3.26
C ALA B 669 1.99 -8.03 -4.55
N ASP B 670 0.90 -7.66 -5.18
CA ASP B 670 0.55 -8.07 -6.53
C ASP B 670 1.58 -7.45 -7.49
N ASP B 671 2.33 -8.30 -8.17
CA ASP B 671 3.27 -7.82 -9.16
C ASP B 671 2.57 -7.71 -10.50
N ASN B 672 1.44 -8.40 -10.63
CA ASN B 672 0.77 -8.56 -11.91
C ASN B 672 -0.21 -7.46 -12.22
N VAL B 673 -1.27 -7.35 -11.42
CA VAL B 673 -2.18 -6.17 -11.42
C VAL B 673 -1.87 -5.34 -10.17
N HIS B 674 -1.08 -4.27 -10.32
CA HIS B 674 -0.47 -3.64 -9.14
C HIS B 674 -1.51 -2.97 -8.28
N PHE B 675 -1.29 -3.01 -6.96
CA PHE B 675 -2.13 -2.25 -6.03
C PHE B 675 -2.61 -0.87 -6.55
N GLN B 676 -1.82 -0.26 -7.40
CA GLN B 676 -2.09 1.06 -7.91
C GLN B 676 -3.46 1.06 -8.56
N GLN B 677 -3.77 0.00 -9.30
CA GLN B 677 -5.01 -0.02 -10.06
C GLN B 677 -6.17 0.15 -9.08
N SER B 678 -6.10 -0.58 -7.96
CA SER B 678 -7.15 -0.50 -6.99
C SER B 678 -7.12 0.78 -6.21
N ALA B 679 -5.93 1.30 -5.99
CA ALA B 679 -5.76 2.54 -5.20
C ALA B 679 -6.22 3.79 -5.98
N GLN B 680 -6.23 3.67 -7.31
CA GLN B 680 -6.71 4.79 -8.13
C GLN B 680 -8.22 4.78 -8.18
N ILE B 681 -8.83 3.59 -8.15
CA ILE B 681 -10.30 3.49 -8.00
C ILE B 681 -10.79 4.07 -6.67
N SER B 682 -10.20 3.59 -5.58
CA SER B 682 -10.60 4.03 -4.27
C SER B 682 -10.51 5.53 -4.14
N LYS B 683 -9.47 6.11 -4.73
CA LYS B 683 -9.25 7.56 -4.66
C LYS B 683 -10.38 8.24 -5.41
N ALA B 684 -10.66 7.73 -6.61
CA ALA B 684 -11.66 8.24 -7.52
C ALA B 684 -13.04 8.29 -6.84
N LEU B 685 -13.38 7.21 -6.15
CA LEU B 685 -14.67 7.07 -5.48
C LEU B 685 -14.74 8.05 -4.33
N VAL B 686 -13.64 8.17 -3.60
CA VAL B 686 -13.58 9.05 -2.45
C VAL B 686 -13.74 10.52 -2.87
N ASP B 687 -13.41 10.80 -4.13
CA ASP B 687 -13.37 12.17 -4.63
C ASP B 687 -14.76 12.64 -4.96
N VAL B 688 -15.64 11.69 -5.27
CA VAL B 688 -17.04 11.99 -5.64
C VAL B 688 -18.00 11.60 -4.52
N GLY B 689 -17.43 11.30 -3.36
CA GLY B 689 -18.20 11.00 -2.16
C GLY B 689 -19.07 9.76 -2.29
N VAL B 690 -18.54 8.71 -2.89
CA VAL B 690 -19.19 7.43 -2.92
C VAL B 690 -18.69 6.54 -1.76
N ASP B 691 -19.60 6.01 -0.95
CA ASP B 691 -19.18 5.04 0.03
C ASP B 691 -19.04 3.69 -0.61
N PHE B 692 -18.07 2.92 -0.11
CA PHE B 692 -17.85 1.56 -0.58
C PHE B 692 -17.13 0.83 0.53
N GLN B 693 -16.67 -0.38 0.22
CA GLN B 693 -16.01 -1.29 1.14
C GLN B 693 -14.68 -1.74 0.53
N ALA B 694 -13.67 -1.84 1.38
CA ALA B 694 -12.34 -2.16 0.92
C ALA B 694 -11.70 -3.25 1.75
N MET B 695 -10.75 -3.93 1.17
CA MET B 695 -9.97 -4.86 1.94
C MET B 695 -8.64 -5.03 1.21
N TRP B 696 -7.54 -4.66 1.86
CA TRP B 696 -6.26 -5.03 1.31
C TRP B 696 -5.77 -6.30 1.94
N TYR B 697 -4.85 -6.98 1.25
CA TYR B 697 -4.23 -8.19 1.82
C TYR B 697 -2.72 -8.08 1.82
N THR B 698 -2.17 -7.82 3.02
CA THR B 698 -0.74 -7.61 3.19
C THR B 698 0.08 -8.75 2.57
N ASP B 699 1.04 -8.38 1.74
CA ASP B 699 1.99 -9.31 1.15
C ASP B 699 1.45 -10.35 0.24
N GLU B 700 0.16 -10.33 -0.03
CA GLU B 700 -0.42 -11.23 -1.01
C GLU B 700 -0.25 -10.78 -2.46
N ASP B 701 -0.24 -11.72 -3.37
CA ASP B 701 -0.08 -11.36 -4.75
C ASP B 701 -1.41 -11.46 -5.45
N HIS B 702 -1.35 -11.85 -6.73
CA HIS B 702 -2.52 -11.72 -7.60
C HIS B 702 -3.42 -12.87 -7.40
N GLY B 703 -2.98 -13.87 -6.66
CA GLY B 703 -3.80 -15.06 -6.47
C GLY B 703 -4.49 -15.06 -5.14
N ILE B 704 -4.03 -14.17 -4.24
CA ILE B 704 -4.41 -14.11 -2.82
C ILE B 704 -4.53 -15.57 -2.37
N ALA B 705 -3.44 -16.30 -2.56
CA ALA B 705 -3.56 -17.75 -2.54
C ALA B 705 -2.91 -18.47 -1.36
N SER B 706 -2.23 -17.73 -0.49
CA SER B 706 -1.72 -18.28 0.77
C SER B 706 -2.89 -18.90 1.54
N SER B 707 -2.59 -19.95 2.30
CA SER B 707 -3.64 -20.76 2.91
C SER B 707 -4.64 -19.91 3.74
N THR B 708 -4.11 -19.06 4.62
CA THR B 708 -4.88 -18.21 5.50
C THR B 708 -5.61 -17.07 4.78
N ALA B 709 -4.98 -16.47 3.77
CA ALA B 709 -5.64 -15.38 3.07
C ALA B 709 -6.79 -15.91 2.20
N HIS B 710 -6.60 -17.11 1.67
CA HIS B 710 -7.59 -17.76 0.82
C HIS B 710 -8.88 -17.95 1.57
N GLN B 711 -8.74 -18.50 2.77
CA GLN B 711 -9.84 -18.67 3.69
C GLN B 711 -10.47 -17.32 4.10
N HIS B 712 -9.60 -16.35 4.42
CA HIS B 712 -10.07 -15.05 4.87
C HIS B 712 -10.84 -14.31 3.83
N ILE B 713 -10.36 -14.32 2.59
CA ILE B 713 -11.02 -13.56 1.54
C ILE B 713 -12.40 -14.12 1.23
N TYR B 714 -12.51 -15.43 1.26
CA TYR B 714 -13.74 -16.07 0.84
C TYR B 714 -14.80 -16.01 1.91
N THR B 715 -14.36 -16.15 3.16
CA THR B 715 -15.20 -15.91 4.31
C THR B 715 -15.77 -14.50 4.24
N HIS B 716 -14.88 -13.52 4.02
CA HIS B 716 -15.22 -12.10 3.97
C HIS B 716 -16.20 -11.78 2.88
N MET B 717 -16.08 -12.44 1.74
CA MET B 717 -16.94 -12.15 0.59
C MET B 717 -18.32 -12.75 0.80
N SER B 718 -18.37 -13.88 1.50
CA SER B 718 -19.64 -14.53 1.83
C SER B 718 -20.48 -13.64 2.73
N HIS B 719 -19.92 -13.17 3.85
CA HIS B 719 -20.60 -12.20 4.69
C HIS B 719 -21.12 -11.10 3.82
N PHE B 720 -20.28 -10.58 2.93
CA PHE B 720 -20.70 -9.46 2.08
C PHE B 720 -21.90 -9.83 1.24
N ILE B 721 -21.85 -11.00 0.61
CA ILE B 721 -22.93 -11.47 -0.25
C ILE B 721 -24.21 -11.73 0.55
N LYS B 722 -24.11 -12.53 1.62
CA LYS B 722 -25.21 -12.73 2.54
C LYS B 722 -25.89 -11.42 2.95
N GLN B 723 -25.20 -10.59 3.72
CA GLN B 723 -25.69 -9.25 3.97
C GLN B 723 -26.36 -8.65 2.70
N CYS B 724 -25.65 -8.51 1.58
CA CYS B 724 -26.22 -7.87 0.38
C CYS B 724 -27.57 -8.45 -0.06
N PHE B 725 -27.78 -9.72 0.25
CA PHE B 725 -28.96 -10.44 -0.18
C PHE B 725 -29.96 -10.67 0.96
N SER B 726 -29.69 -10.08 2.13
CA SER B 726 -30.40 -10.39 3.39
C SER B 726 -30.20 -11.87 3.80
FAG DC3 C . 1.95 11.73 15.43
CAE DC3 C . 2.05 10.79 16.31
CAF DC3 C . 2.03 9.47 15.89
CAA DC3 C . 2.13 8.44 16.80
FAH DC3 C . 2.11 7.16 16.38
CAB DC3 C . 2.26 8.73 18.16
FAI DC3 C . 2.36 7.77 19.11
CAC DC3 C . 2.28 10.04 18.59
CAD DC3 C . 2.18 11.07 17.66
CAJ DC3 C . 2.24 12.38 18.14
CAK DC3 C . 3.71 12.81 18.43
NAM DC3 C . 4.60 12.44 17.33
CAL DC3 C . 3.77 14.31 18.61
CAN DC3 C . 2.73 14.83 19.62
NAO DC3 C . 3.29 16.03 20.28
CAP DC3 C . 2.62 17.10 20.68
NAS DC3 C . 4.55 16.23 20.56
NAR DC3 C . 4.72 17.33 21.11
CAQ DC3 C . 3.54 17.92 21.20
CAT DC3 C . 3.27 19.13 21.75
CAY DC3 C . 1.96 19.40 22.16
CAX DC3 C . 1.60 20.62 22.73
CAZ DC3 C . 0.27 20.82 23.12
CAW DC3 C . 2.60 21.59 22.88
CAV DC3 C . 3.91 21.34 22.46
CAU DC3 C . 4.26 20.11 21.90
FAG DC3 D . -2.88 -12.02 -15.39
CAE DC3 D . -3.76 -11.22 -15.87
CAF DC3 D . -4.06 -10.03 -15.20
CAA DC3 D . -4.99 -9.15 -15.73
FAH DC3 D . -5.31 -7.99 -15.14
CAB DC3 D . -5.62 -9.47 -16.92
FAI DC3 D . -6.46 -8.68 -17.39
CAC DC3 D . -5.34 -10.65 -17.60
CAD DC3 D . -4.39 -11.53 -17.08
CAJ DC3 D . -4.13 -12.71 -17.79
CAK DC3 D . -2.86 -12.61 -18.66
NAM DC3 D . -1.71 -12.16 -17.88
CAL DC3 D . -2.53 -13.96 -19.28
CAN DC3 D . -3.79 -14.80 -19.54
NAO DC3 D . -3.51 -15.96 -20.42
CAP DC3 D . -4.08 -17.16 -20.39
NAS DC3 D . -2.63 -15.94 -21.36
NAR DC3 D . -2.59 -17.07 -21.96
CAQ DC3 D . -3.50 -17.86 -21.38
CAT DC3 D . -3.73 -19.13 -21.73
CAY DC3 D . -4.90 -19.78 -21.31
CAX DC3 D . -5.13 -21.12 -21.68
CAZ DC3 D . -6.29 -21.78 -21.26
CAW DC3 D . -4.19 -21.77 -22.48
CAV DC3 D . -3.03 -21.13 -22.89
CAU DC3 D . -2.80 -19.80 -22.52
#